data_5HN9
#
_entry.id   5HN9
#
_cell.length_a   106.920
_cell.length_b   108.294
_cell.length_c   139.866
_cell.angle_alpha   90.00
_cell.angle_beta   90.00
_cell.angle_gamma   90.00
#
_symmetry.space_group_name_H-M   'P 21 21 21'
#
loop_
_entity.id
_entity.type
_entity.pdbx_description
1 polymer 'Farnesyl pyrophosphate synthase, putative'
2 non-polymer '2-{[3-(decyloxy)benzyl]oxy}-5-nitrobenzoic acid'
3 water water
#
_entity_poly.entity_id   1
_entity_poly.type   'polypeptide(L)'
_entity_poly.pdbx_seq_one_letter_code
;MKETNSEEADSGLAFFRNMYDKYRDAFLSHLNEYSLEEEIKEHISKYYKLLFDYNCLGGKNNRGILVILIYEYVKNRDIN
SSEWEKAACLAWCIEILQAAFLVADDIMDKGEMRRNKYCWYLLKDVETKNAVNDVLLLYNSIYKLIEIYLRNESCYVDVI
ATFRDATLKTIIGQHLDTNIFSDKYSDAHREIDVNNINVPEQPVIDINMINFGVYKNIVIHKTAYYSFFLPIVCGMLLAG
IAVDNLIYKKIEDISMLMGEYFQIHDDYLDIFGDSTKTGKVGSDIQNNKLTWPLIKTFELCSEPDKIKIVKNYGKNNLAC
VKVIDSLYEQYKIRKHYESYEKAQKAKILSAINELHHEGIEYVLKYLLEILFTGV
;
_entity_poly.pdbx_strand_id   A,B,C,D
#
loop_
_chem_comp.id
_chem_comp.type
_chem_comp.name
_chem_comp.formula
04W non-polymer '2-{[3-(decyloxy)benzyl]oxy}-5-nitrobenzoic acid' 'C24 H31 N O6'
#
# COMPACT_ATOMS: atom_id res chain seq x y z
N PHE A 15 25.84 -3.62 38.50
CA PHE A 15 25.29 -2.37 39.10
C PHE A 15 24.56 -1.52 38.07
N PHE A 16 25.26 -1.22 36.98
CA PHE A 16 24.66 -0.47 35.91
C PHE A 16 23.42 -1.21 35.43
N ARG A 17 23.56 -2.53 35.33
CA ARG A 17 22.47 -3.39 34.91
C ARG A 17 21.30 -3.25 35.88
N ASN A 18 21.64 -3.15 37.15
CA ASN A 18 20.66 -3.18 38.23
C ASN A 18 19.86 -1.89 38.40
N MET A 19 20.38 -0.78 37.88
CA MET A 19 19.78 0.53 38.10
C MET A 19 18.72 0.90 37.06
N TYR A 20 18.62 0.09 36.00
CA TYR A 20 17.72 0.42 34.91
C TYR A 20 16.34 0.84 35.40
N ASP A 21 15.71 0.00 36.24
CA ASP A 21 14.34 0.26 36.71
C ASP A 21 14.17 1.61 37.39
N LYS A 22 15.17 2.02 38.17
CA LYS A 22 15.11 3.32 38.87
C LYS A 22 15.02 4.50 37.90
N TYR A 23 15.89 4.53 36.90
CA TYR A 23 15.86 5.64 35.93
C TYR A 23 14.60 5.60 35.10
N ARG A 24 14.21 4.42 34.64
CA ARG A 24 12.96 4.27 33.93
C ARG A 24 11.81 4.81 34.79
N ASP A 25 11.75 4.34 36.03
CA ASP A 25 10.66 4.69 36.93
C ASP A 25 10.69 6.16 37.35
N ALA A 26 11.88 6.71 37.52
CA ALA A 26 12.01 8.14 37.75
C ALA A 26 11.33 8.93 36.60
N PHE A 27 11.53 8.48 35.36
CA PHE A 27 10.92 9.18 34.24
C PHE A 27 9.42 8.96 34.15
N LEU A 28 8.98 7.71 34.25
CA LEU A 28 7.55 7.42 34.23
C LEU A 28 6.84 8.15 35.36
N SER A 29 7.55 8.36 36.46
CA SER A 29 6.98 9.06 37.59
C SER A 29 6.72 10.53 37.25
N HIS A 30 7.59 11.15 36.46
CA HIS A 30 7.35 12.51 35.95
C HIS A 30 6.03 12.59 35.16
N LEU A 31 5.83 11.64 34.24
CA LEU A 31 4.60 11.60 33.45
C LEU A 31 3.39 11.39 34.36
N ASN A 32 3.59 10.61 35.42
CA ASN A 32 2.52 10.28 36.33
C ASN A 32 2.03 11.48 37.15
N GLU A 33 2.84 12.53 37.19
CA GLU A 33 2.47 13.75 37.92
C GLU A 33 1.60 14.70 37.09
N TYR A 34 1.37 14.34 35.83
CA TYR A 34 0.56 15.17 34.91
C TYR A 34 -0.92 15.26 35.37
N SER A 35 -1.61 16.31 34.92
CA SER A 35 -3.02 16.47 35.25
C SER A 35 -3.86 15.70 34.26
N LEU A 36 -4.11 14.43 34.58
CA LEU A 36 -4.83 13.54 33.70
C LEU A 36 -5.68 12.65 34.58
N GLU A 37 -6.84 12.23 34.09
CA GLU A 37 -7.70 11.32 34.85
C GLU A 37 -6.95 10.03 35.17
N GLU A 38 -7.30 9.41 36.28
CA GLU A 38 -6.57 8.22 36.76
C GLU A 38 -6.49 7.06 35.76
N GLU A 39 -7.58 6.78 35.06
CA GLU A 39 -7.61 5.70 34.06
C GLU A 39 -6.63 6.01 32.91
N ILE A 40 -6.59 7.26 32.49
CA ILE A 40 -5.67 7.69 31.44
C ILE A 40 -4.22 7.48 31.88
N LYS A 41 -3.90 7.90 33.10
CA LYS A 41 -2.54 7.71 33.65
C LYS A 41 -2.07 6.26 33.56
N GLU A 42 -2.95 5.31 33.89
CA GLU A 42 -2.56 3.89 33.86
C GLU A 42 -2.33 3.35 32.42
N HIS A 43 -3.07 3.87 31.45
CA HIS A 43 -2.81 3.55 30.02
C HIS A 43 -1.42 4.04 29.62
N ILE A 44 -1.14 5.30 29.95
CA ILE A 44 0.14 5.94 29.63
C ILE A 44 1.29 5.20 30.31
N SER A 45 1.10 4.85 31.57
CA SER A 45 2.11 4.16 32.33
C SER A 45 2.45 2.82 31.67
N LYS A 46 1.41 2.12 31.24
CA LYS A 46 1.54 0.80 30.67
C LYS A 46 2.26 0.83 29.31
N TYR A 47 1.89 1.79 28.48
CA TYR A 47 2.46 1.89 27.13
C TYR A 47 3.93 2.23 27.19
N TYR A 48 4.25 3.23 27.99
CA TYR A 48 5.60 3.75 28.05
C TYR A 48 6.56 2.86 28.80
N LYS A 49 6.05 2.05 29.72
CA LYS A 49 6.91 1.08 30.37
C LYS A 49 7.41 0.08 29.32
N LEU A 50 6.54 -0.29 28.38
CA LEU A 50 6.91 -1.22 27.33
C LEU A 50 7.85 -0.57 26.32
N LEU A 51 7.54 0.66 25.91
CA LEU A 51 8.46 1.41 25.00
C LEU A 51 9.92 1.35 25.51
N PHE A 52 10.12 1.74 26.76
CA PHE A 52 11.46 1.66 27.34
C PHE A 52 12.00 0.21 27.42
N ASP A 53 11.24 -0.67 28.06
CA ASP A 53 11.69 -2.05 28.21
C ASP A 53 12.03 -2.69 26.87
N TYR A 54 11.12 -2.58 25.91
CA TYR A 54 11.26 -3.26 24.65
C TYR A 54 12.48 -2.78 23.86
N ASN A 55 12.74 -1.47 23.91
CA ASN A 55 13.76 -0.84 23.07
C ASN A 55 15.10 -0.49 23.74
N CYS A 56 15.12 -0.44 25.07
CA CYS A 56 16.35 -0.10 25.80
C CYS A 56 17.14 -1.33 26.26
N LEU A 57 16.46 -2.47 26.38
CA LEU A 57 17.08 -3.67 26.91
C LEU A 57 17.37 -4.64 25.79
N GLY A 58 18.39 -5.49 25.99
CA GLY A 58 18.72 -6.53 25.00
C GLY A 58 19.97 -6.24 24.18
N GLY A 59 20.45 -5.01 24.22
CA GLY A 59 21.69 -4.66 23.52
C GLY A 59 22.92 -5.13 24.30
N LYS A 60 24.10 -4.93 23.71
CA LYS A 60 25.37 -5.24 24.39
C LYS A 60 25.69 -4.19 25.47
N ASN A 61 25.05 -3.02 25.37
CA ASN A 61 25.26 -1.93 26.32
C ASN A 61 26.69 -1.39 26.31
N ASN A 62 27.37 -1.51 25.17
CA ASN A 62 28.73 -1.00 25.01
C ASN A 62 28.87 0.48 25.37
N ARG A 63 27.91 1.29 24.94
CA ARG A 63 28.00 2.72 25.16
C ARG A 63 27.81 3.11 26.62
N GLY A 64 26.85 2.47 27.29
CA GLY A 64 26.56 2.77 28.70
C GLY A 64 27.69 2.31 29.58
N ILE A 65 28.23 1.16 29.25
CA ILE A 65 29.36 0.60 29.99
C ILE A 65 30.62 1.46 29.85
N LEU A 66 30.79 2.07 28.69
CA LEU A 66 31.92 2.97 28.44
C LEU A 66 31.88 4.20 29.35
N VAL A 67 30.69 4.75 29.56
CA VAL A 67 30.54 5.85 30.51
C VAL A 67 31.01 5.42 31.91
N ILE A 68 30.47 4.29 32.38
CA ILE A 68 30.79 3.77 33.70
C ILE A 68 32.30 3.53 33.87
N LEU A 69 32.93 2.91 32.88
CA LEU A 69 34.35 2.61 32.95
C LEU A 69 35.19 3.88 32.94
N ILE A 70 34.91 4.79 32.00
CA ILE A 70 35.63 6.06 31.95
C ILE A 70 35.50 6.83 33.26
N TYR A 71 34.29 6.96 33.78
CA TYR A 71 34.10 7.68 35.04
C TYR A 71 34.97 7.10 36.14
N GLU A 72 34.92 5.78 36.27
CA GLU A 72 35.64 5.05 37.29
C GLU A 72 37.16 5.23 37.17
N TYR A 73 37.70 5.10 35.97
CA TYR A 73 39.16 5.16 35.75
C TYR A 73 39.75 6.58 35.63
N VAL A 74 38.91 7.58 35.42
CA VAL A 74 39.41 8.96 35.23
C VAL A 74 40.06 9.53 36.50
N LYS A 75 39.54 9.17 37.66
CA LYS A 75 40.16 9.60 38.92
C LYS A 75 40.26 8.47 39.94
N ARG A 77 40.67 7.65 43.33
CA ARG A 77 39.66 8.15 44.26
C ARG A 77 38.58 7.11 44.54
N ASP A 78 37.96 7.21 45.71
CA ASP A 78 36.83 6.33 46.06
C ASP A 78 35.52 6.94 45.58
N ILE A 79 34.67 6.12 44.99
CA ILE A 79 33.42 6.59 44.40
C ILE A 79 32.20 6.16 45.24
N ASN A 80 31.51 7.14 45.83
CA ASN A 80 30.33 6.82 46.63
C ASN A 80 29.08 6.55 45.78
N SER A 81 28.03 6.06 46.40
CA SER A 81 26.84 5.64 45.65
C SER A 81 26.08 6.82 45.05
N SER A 82 26.15 7.95 45.73
CA SER A 82 25.59 9.20 45.22
C SER A 82 26.19 9.53 43.83
N GLU A 83 27.50 9.36 43.72
CA GLU A 83 28.19 9.60 42.48
C GLU A 83 27.86 8.53 41.43
N TRP A 84 27.83 7.26 41.85
CA TRP A 84 27.47 6.18 40.93
C TRP A 84 26.08 6.40 40.36
N GLU A 85 25.21 7.04 41.14
CA GLU A 85 23.86 7.32 40.69
C GLU A 85 23.85 8.29 39.52
N LYS A 86 24.78 9.25 39.53
CA LYS A 86 24.86 10.24 38.45
C LYS A 86 25.51 9.63 37.22
N ALA A 87 26.59 8.88 37.43
CA ALA A 87 27.27 8.19 36.34
C ALA A 87 26.37 7.15 35.63
N ALA A 88 25.62 6.36 36.42
CA ALA A 88 24.72 5.36 35.85
C ALA A 88 23.55 6.03 35.11
N CYS A 89 23.10 7.18 35.62
CA CYS A 89 22.09 7.96 34.91
C CYS A 89 22.55 8.30 33.48
N LEU A 90 23.75 8.86 33.35
CA LEU A 90 24.30 9.23 32.03
C LEU A 90 24.47 8.01 31.13
N ALA A 91 24.89 6.89 31.72
CA ALA A 91 25.07 5.64 31.00
C ALA A 91 23.75 5.17 30.40
N TRP A 92 22.71 5.13 31.23
CA TRP A 92 21.39 4.74 30.76
C TRP A 92 20.78 5.76 29.79
N CYS A 93 21.11 7.04 29.96
CA CYS A 93 20.70 8.06 28.96
C CYS A 93 21.29 7.77 27.59
N ILE A 94 22.53 7.30 27.53
CA ILE A 94 23.10 6.95 26.23
C ILE A 94 22.46 5.69 25.64
N GLU A 95 22.06 4.75 26.49
CA GLU A 95 21.31 3.59 26.02
C GLU A 95 19.91 3.99 25.56
N ILE A 96 19.34 5.01 26.19
CA ILE A 96 18.04 5.51 25.77
C ILE A 96 18.16 6.23 24.43
N LEU A 97 19.26 6.94 24.24
CA LEU A 97 19.57 7.57 22.96
C LEU A 97 19.70 6.49 21.87
N GLN A 98 20.48 5.45 22.16
CA GLN A 98 20.61 4.31 21.26
C GLN A 98 19.22 3.74 20.93
N ALA A 99 18.34 3.69 21.93
CA ALA A 99 16.98 3.20 21.68
C ALA A 99 16.23 4.10 20.69
N ALA A 100 16.26 5.41 20.93
CA ALA A 100 15.63 6.38 20.02
C ALA A 100 16.17 6.25 18.58
N PHE A 101 17.50 6.13 18.47
CA PHE A 101 18.12 5.98 17.14
C PHE A 101 17.72 4.66 16.46
N LEU A 102 17.68 3.58 17.22
CA LEU A 102 17.36 2.32 16.57
C LEU A 102 15.92 2.25 16.12
N VAL A 103 15.01 2.83 16.88
CA VAL A 103 13.59 2.87 16.48
C VAL A 103 13.43 3.71 15.21
N ALA A 104 14.10 4.87 15.19
CA ALA A 104 14.05 5.76 14.05
C ALA A 104 14.66 5.10 12.82
N ASP A 105 15.84 4.51 13.00
CA ASP A 105 16.59 3.90 11.92
C ASP A 105 15.79 2.75 11.28
N ASP A 106 15.09 1.99 12.10
CA ASP A 106 14.29 0.91 11.61
C ASP A 106 13.07 1.41 10.84
N ILE A 107 12.56 2.58 11.21
CA ILE A 107 11.48 3.20 10.42
C ILE A 107 12.05 3.63 9.07
N MET A 108 13.17 4.33 9.11
CA MET A 108 13.77 4.91 7.92
C MET A 108 14.26 3.86 6.91
N ASP A 109 14.93 2.82 7.41
CA ASP A 109 15.48 1.77 6.54
C ASP A 109 14.56 0.55 6.38
N LYS A 110 13.31 0.69 6.81
CA LYS A 110 12.35 -0.41 6.75
C LYS A 110 12.92 -1.73 7.35
N GLY A 111 13.45 -1.65 8.55
CA GLY A 111 13.99 -2.84 9.21
C GLY A 111 12.94 -3.90 9.48
N GLU A 112 13.39 -5.14 9.66
CA GLU A 112 12.49 -6.25 9.95
C GLU A 112 12.72 -6.76 11.38
N MET A 113 13.98 -6.92 11.75
CA MET A 113 14.33 -7.41 13.08
C MET A 113 15.41 -6.55 13.70
N ARG A 114 15.36 -6.40 15.02
CA ARG A 114 16.38 -5.66 15.76
C ARG A 114 16.56 -6.32 17.12
N ARG A 115 17.80 -6.64 17.45
CA ARG A 115 18.09 -7.40 18.66
C ARG A 115 17.21 -8.68 18.78
N ASN A 116 17.04 -9.38 17.66
CA ASN A 116 16.36 -10.69 17.65
C ASN A 116 14.85 -10.65 17.89
N LYS A 117 14.25 -9.52 17.61
CA LYS A 117 12.82 -9.42 17.71
C LYS A 117 12.29 -8.36 16.76
N TYR A 118 10.99 -8.38 16.51
CA TYR A 118 10.36 -7.44 15.57
C TYR A 118 10.69 -6.00 15.93
N CYS A 119 10.94 -5.19 14.91
CA CYS A 119 11.12 -3.76 15.09
C CYS A 119 9.87 -3.14 15.67
N TRP A 120 10.08 -2.19 16.57
CA TRP A 120 9.02 -1.52 17.27
C TRP A 120 7.92 -1.04 16.32
N TYR A 121 8.31 -0.30 15.28
CA TYR A 121 7.35 0.30 14.35
C TYR A 121 6.47 -0.75 13.60
N LEU A 122 6.91 -2.02 13.56
CA LEU A 122 6.17 -3.05 12.83
C LEU A 122 4.96 -3.60 13.60
N LEU A 123 4.97 -3.48 14.92
CA LEU A 123 3.91 -4.05 15.75
C LEU A 123 2.56 -3.40 15.43
N LYS A 124 1.52 -4.23 15.29
CA LYS A 124 0.19 -3.73 14.97
C LYS A 124 -0.32 -2.70 15.97
N ASP A 125 0.03 -2.86 17.24
CA ASP A 125 -0.42 -1.90 18.29
C ASP A 125 0.37 -0.59 18.29
N VAL A 126 1.47 -0.55 17.54
CA VAL A 126 2.33 0.64 17.48
C VAL A 126 2.22 1.33 16.13
N GLU A 127 2.78 0.68 15.10
CA GLU A 127 2.80 1.22 13.74
C GLU A 127 3.68 2.46 13.64
N THR A 128 3.87 2.94 12.42
CA THR A 128 4.75 4.08 12.17
C THR A 128 4.33 5.32 12.93
N LYS A 129 3.03 5.59 12.95
CA LYS A 129 2.54 6.82 13.60
C LYS A 129 2.96 6.90 15.08
N ASN A 130 2.82 5.80 15.81
CA ASN A 130 3.31 5.79 17.19
C ASN A 130 4.83 5.78 17.29
N ALA A 131 5.48 5.02 16.42
CA ALA A 131 6.92 4.91 16.47
C ALA A 131 7.61 6.29 16.32
N VAL A 132 7.06 7.14 15.46
CA VAL A 132 7.60 8.46 15.25
C VAL A 132 7.50 9.29 16.54
N ASN A 133 6.32 9.26 17.15
CA ASN A 133 6.08 9.96 18.41
C ASN A 133 6.92 9.38 19.54
N ASP A 134 7.16 8.08 19.50
CA ASP A 134 7.97 7.42 20.52
C ASP A 134 9.46 7.76 20.43
N VAL A 135 9.96 8.00 19.22
CA VAL A 135 11.34 8.45 19.03
C VAL A 135 11.57 9.79 19.78
N LEU A 136 10.64 10.73 19.62
CA LEU A 136 10.77 11.99 20.29
C LEU A 136 10.60 11.86 21.78
N LEU A 137 9.76 10.93 22.21
CA LEU A 137 9.55 10.68 23.62
C LEU A 137 10.84 10.17 24.27
N LEU A 138 11.44 9.13 23.68
CA LEU A 138 12.69 8.61 24.20
C LEU A 138 13.79 9.69 24.21
N TYR A 139 13.94 10.40 23.09
CA TYR A 139 14.97 11.43 23.01
C TYR A 139 14.80 12.50 24.10
N ASN A 140 13.56 12.95 24.31
CA ASN A 140 13.31 13.99 25.31
C ASN A 140 13.41 13.51 26.74
N SER A 141 13.15 12.22 26.98
CA SER A 141 13.27 11.65 28.34
C SER A 141 14.72 11.72 28.85
N ILE A 142 15.66 11.72 27.92
CA ILE A 142 17.07 11.84 28.26
C ILE A 142 17.34 13.13 29.03
N TYR A 143 16.84 14.24 28.51
CA TYR A 143 17.08 15.52 29.14
C TYR A 143 16.33 15.71 30.46
N LYS A 144 15.22 15.00 30.62
CA LYS A 144 14.49 15.06 31.89
C LYS A 144 15.24 14.27 32.96
N LEU A 145 15.80 13.12 32.57
CA LEU A 145 16.60 12.31 33.47
C LEU A 145 17.86 13.03 33.91
N ILE A 146 18.53 13.69 32.98
CA ILE A 146 19.73 14.43 33.31
C ILE A 146 19.42 15.60 34.25
N GLU A 147 18.27 16.22 34.06
CA GLU A 147 17.82 17.27 34.97
C GLU A 147 17.62 16.70 36.36
N ILE A 148 16.91 15.57 36.43
CA ILE A 148 16.59 14.94 37.70
C ILE A 148 17.84 14.59 38.52
N TYR A 149 18.87 14.07 37.87
CA TYR A 149 20.03 13.60 38.59
C TYR A 149 21.24 14.53 38.61
N LEU A 150 21.31 15.47 37.66
CA LEU A 150 22.53 16.28 37.51
C LEU A 150 22.32 17.78 37.53
N ARG A 151 21.09 18.23 37.71
CA ARG A 151 20.79 19.66 37.61
C ARG A 151 21.68 20.54 38.52
N ASN A 152 22.17 19.96 39.63
CA ASN A 152 23.01 20.72 40.57
C ASN A 152 24.53 20.54 40.38
N GLU A 153 24.92 19.69 39.43
CA GLU A 153 26.32 19.50 39.14
C GLU A 153 26.83 20.67 38.30
N SER A 154 28.08 21.05 38.50
CA SER A 154 28.64 22.17 37.75
C SER A 154 28.81 21.79 36.28
N CYS A 155 28.92 20.50 36.01
CA CYS A 155 29.06 20.01 34.63
C CYS A 155 27.73 19.87 33.88
N TYR A 156 26.63 20.25 34.51
CA TYR A 156 25.27 20.04 33.97
C TYR A 156 25.07 20.58 32.53
N VAL A 157 25.42 21.85 32.32
CA VAL A 157 25.25 22.49 31.02
C VAL A 157 26.14 21.84 29.92
N ASP A 158 27.39 21.54 30.26
CA ASP A 158 28.32 20.88 29.33
C ASP A 158 27.82 19.49 28.92
N VAL A 159 27.28 18.76 29.88
CA VAL A 159 26.75 17.43 29.60
C VAL A 159 25.59 17.48 28.61
N ILE A 160 24.64 18.39 28.81
CA ILE A 160 23.50 18.43 27.91
C ILE A 160 23.89 18.98 26.52
N ALA A 161 24.89 19.84 26.48
CA ALA A 161 25.36 20.35 25.19
C ALA A 161 26.10 19.24 24.44
N THR A 162 26.80 18.38 25.19
CA THR A 162 27.46 17.22 24.57
C THR A 162 26.44 16.24 23.97
N PHE A 163 25.33 16.01 24.67
CA PHE A 163 24.27 15.16 24.11
C PHE A 163 23.65 15.82 22.84
N ARG A 164 23.36 17.10 22.93
CA ARG A 164 22.76 17.84 21.82
C ARG A 164 23.65 17.82 20.58
N ASP A 165 24.92 18.14 20.76
CA ASP A 165 25.86 18.26 19.65
C ASP A 165 26.20 16.91 19.00
N ALA A 166 26.35 15.87 19.82
CA ALA A 166 26.54 14.52 19.31
C ALA A 166 25.33 14.10 18.49
N THR A 167 24.14 14.46 18.97
CA THR A 167 22.90 14.11 18.27
C THR A 167 22.78 14.83 16.92
N LEU A 168 23.12 16.11 16.89
CA LEU A 168 23.12 16.87 15.63
C LEU A 168 24.02 16.23 14.57
N LYS A 169 25.23 15.84 14.96
CA LYS A 169 26.13 15.14 14.07
C LYS A 169 25.59 13.79 13.56
N THR A 170 24.92 13.06 14.45
CA THR A 170 24.33 11.78 14.07
C THR A 170 23.19 11.96 13.06
N ILE A 171 22.36 12.99 13.25
CA ILE A 171 21.29 13.29 12.32
C ILE A 171 21.83 13.60 10.89
N ILE A 172 22.91 14.37 10.82
CA ILE A 172 23.54 14.74 9.57
C ILE A 172 24.16 13.50 8.93
N GLY A 173 24.84 12.69 9.72
CA GLY A 173 25.38 11.41 9.24
C GLY A 173 24.26 10.51 8.72
N GLN A 174 23.15 10.46 9.43
CA GLN A 174 22.02 9.63 8.99
C GLN A 174 21.39 10.19 7.72
N HIS A 175 21.33 11.53 7.63
CA HIS A 175 20.89 12.21 6.39
C HIS A 175 21.76 11.79 5.19
N LEU A 176 23.08 11.80 5.39
CA LEU A 176 24.00 11.44 4.31
C LEU A 176 23.89 9.96 3.92
N ASP A 177 23.82 9.09 4.91
CA ASP A 177 23.63 7.65 4.67
C ASP A 177 22.35 7.39 3.84
N THR A 178 21.30 8.11 4.17
CA THR A 178 20.03 7.95 3.52
C THR A 178 20.01 8.49 2.05
N ASN A 179 20.77 9.57 1.79
CA ASN A 179 20.62 10.33 0.53
C ASN A 179 21.83 10.35 -0.41
N ILE A 180 22.93 9.75 0.01
CA ILE A 180 24.20 9.85 -0.74
C ILE A 180 24.08 9.36 -2.21
N PHE A 181 23.18 8.41 -2.45
CA PHE A 181 22.93 7.89 -3.80
C PHE A 181 21.68 8.49 -4.49
N SER A 182 20.95 9.35 -3.80
CA SER A 182 19.71 9.90 -4.36
C SER A 182 19.99 10.94 -5.43
N ASP A 183 19.02 11.18 -6.30
CA ASP A 183 19.22 12.09 -7.42
C ASP A 183 19.45 13.55 -6.99
N LYS A 184 19.01 13.90 -5.79
CA LYS A 184 19.28 15.24 -5.30
C LYS A 184 20.76 15.46 -4.91
N TYR A 185 21.50 14.37 -4.77
CA TYR A 185 22.93 14.44 -4.45
C TYR A 185 23.83 14.26 -5.68
N SER A 186 23.23 14.30 -6.87
CA SER A 186 23.99 14.17 -8.13
C SER A 186 24.15 15.51 -8.86
N GLU A 191 18.34 20.65 -7.37
CA GLU A 191 17.16 21.28 -6.76
C GLU A 191 16.08 20.25 -6.39
N ILE A 192 15.57 20.32 -5.17
CA ILE A 192 14.45 19.45 -4.77
C ILE A 192 13.16 19.94 -5.44
N ASP A 193 12.45 19.01 -6.09
CA ASP A 193 11.18 19.36 -6.77
C ASP A 193 10.03 19.41 -5.77
N VAL A 194 9.63 20.61 -5.35
CA VAL A 194 8.56 20.75 -4.36
C VAL A 194 7.16 20.56 -4.97
N ASN A 195 7.12 20.22 -6.25
CA ASN A 195 5.85 19.92 -6.94
C ASN A 195 5.66 18.45 -7.25
N ASN A 196 6.65 17.63 -6.93
CA ASN A 196 6.58 16.20 -7.25
C ASN A 196 6.23 15.31 -6.05
N ILE A 197 4.97 14.90 -5.98
CA ILE A 197 4.52 13.94 -4.98
C ILE A 197 4.04 12.67 -5.64
N ASN A 198 4.39 12.51 -6.92
CA ASN A 198 3.81 11.45 -7.72
C ASN A 198 4.79 10.51 -8.44
N VAL A 199 5.91 11.03 -8.91
CA VAL A 199 6.91 10.20 -9.56
C VAL A 199 7.98 9.76 -8.56
N PRO A 200 7.90 8.49 -8.11
CA PRO A 200 8.86 7.97 -7.13
C PRO A 200 10.26 7.86 -7.73
N GLU A 201 11.29 8.00 -6.90
CA GLU A 201 12.63 7.86 -7.41
C GLU A 201 13.12 6.44 -7.16
N GLN A 202 13.56 5.77 -8.22
CA GLN A 202 14.04 4.39 -8.09
C GLN A 202 15.47 4.36 -7.54
N PRO A 203 15.70 3.53 -6.52
CA PRO A 203 17.05 3.51 -5.94
C PRO A 203 18.10 2.98 -6.92
N VAL A 204 19.17 3.75 -7.10
CA VAL A 204 20.28 3.37 -7.97
C VAL A 204 21.57 3.81 -7.29
N ILE A 205 22.69 3.18 -7.62
CA ILE A 205 23.95 3.63 -7.08
C ILE A 205 24.54 4.76 -7.92
N ASP A 206 25.24 5.67 -7.26
CA ASP A 206 25.96 6.75 -7.94
C ASP A 206 27.44 6.51 -7.78
N ILE A 207 28.11 6.06 -8.85
CA ILE A 207 29.52 5.66 -8.72
C ILE A 207 30.45 6.75 -8.23
N ASN A 208 30.10 8.01 -8.43
CA ASN A 208 30.96 9.10 -7.95
C ASN A 208 31.07 9.10 -6.42
N MET A 209 30.12 8.47 -5.76
CA MET A 209 30.08 8.50 -4.29
C MET A 209 30.67 7.26 -3.67
N ILE A 210 31.11 6.32 -4.51
CA ILE A 210 31.65 5.08 -4.01
C ILE A 210 33.13 5.18 -3.73
N ASN A 211 33.45 5.85 -2.62
CA ASN A 211 34.83 5.99 -2.23
C ASN A 211 34.97 6.18 -0.75
N PHE A 212 36.16 5.88 -0.26
CA PHE A 212 36.42 5.86 1.15
C PHE A 212 36.32 7.25 1.80
N GLY A 213 36.69 8.29 1.06
CA GLY A 213 36.58 9.65 1.57
C GLY A 213 35.14 9.98 1.96
N VAL A 214 34.22 9.77 1.02
CA VAL A 214 32.83 9.99 1.28
C VAL A 214 32.31 9.11 2.40
N TYR A 215 32.74 7.84 2.39
CA TYR A 215 32.28 6.88 3.36
C TYR A 215 32.70 7.28 4.79
N LYS A 216 33.94 7.73 4.95
CA LYS A 216 34.43 8.18 6.25
C LYS A 216 33.66 9.39 6.79
N ASN A 217 33.36 10.35 5.92
CA ASN A 217 32.50 11.47 6.30
C ASN A 217 31.21 10.94 6.91
N ILE A 218 30.55 10.05 6.18
CA ILE A 218 29.25 9.52 6.60
C ILE A 218 29.34 8.79 7.92
N VAL A 219 30.29 7.87 8.00
CA VAL A 219 30.44 6.98 9.13
C VAL A 219 30.89 7.69 10.43
N ILE A 220 31.79 8.66 10.32
CA ILE A 220 32.19 9.43 11.46
C ILE A 220 30.99 10.18 12.09
N HIS A 221 30.15 10.78 11.25
CA HIS A 221 29.04 11.57 11.74
C HIS A 221 27.89 10.71 12.23
N LYS A 222 27.66 9.61 11.53
CA LYS A 222 26.56 8.72 11.84
C LYS A 222 26.81 7.85 13.08
N THR A 223 28.07 7.52 13.36
CA THR A 223 28.41 6.58 14.44
C THR A 223 29.38 7.15 15.50
N ALA A 224 30.47 7.74 15.04
CA ALA A 224 31.59 8.05 15.95
C ALA A 224 31.21 8.96 17.10
N TYR A 225 30.40 9.96 16.84
CA TYR A 225 30.11 10.96 17.84
C TYR A 225 29.23 10.47 19.01
N TYR A 226 28.14 9.78 18.71
CA TYR A 226 27.28 9.29 19.79
C TYR A 226 27.76 7.97 20.42
N SER A 227 28.57 7.21 19.68
CA SER A 227 28.97 5.87 20.16
C SER A 227 30.24 5.89 20.99
N PHE A 228 31.15 6.79 20.67
CA PHE A 228 32.44 6.82 21.34
C PHE A 228 32.74 8.15 22.03
N PHE A 229 32.60 9.25 21.29
CA PHE A 229 32.91 10.57 21.84
C PHE A 229 31.98 10.91 23.00
N LEU A 230 30.68 10.86 22.74
CA LEU A 230 29.67 11.21 23.75
C LEU A 230 29.84 10.45 25.10
N PRO A 231 29.89 9.10 25.04
CA PRO A 231 30.05 8.36 26.31
C PRO A 231 31.37 8.70 27.04
N ILE A 232 32.48 8.76 26.30
CA ILE A 232 33.77 9.13 26.89
C ILE A 232 33.75 10.54 27.51
N VAL A 233 33.17 11.50 26.80
CA VAL A 233 33.09 12.88 27.30
C VAL A 233 32.20 12.98 28.55
N CYS A 234 31.10 12.23 28.58
CA CYS A 234 30.23 12.22 29.75
C CYS A 234 31.00 11.79 31.00
N GLY A 235 31.69 10.66 30.93
CA GLY A 235 32.49 10.17 32.05
C GLY A 235 33.51 11.20 32.54
N MET A 236 34.22 11.80 31.59
CA MET A 236 35.27 12.75 31.92
C MET A 236 34.70 14.01 32.53
N LEU A 237 33.62 14.53 31.92
CA LEU A 237 32.98 15.75 32.41
C LEU A 237 32.52 15.52 33.81
N LEU A 238 31.79 14.44 34.02
CA LEU A 238 31.27 14.14 35.32
C LEU A 238 32.44 13.96 36.32
N ALA A 239 33.56 13.45 35.83
CA ALA A 239 34.71 13.20 36.67
C ALA A 239 35.53 14.47 36.96
N GLY A 240 35.16 15.58 36.33
CA GLY A 240 35.77 16.88 36.65
C GLY A 240 36.89 17.36 35.74
N ILE A 241 37.03 16.77 34.56
CA ILE A 241 38.03 17.25 33.62
C ILE A 241 37.47 18.40 32.81
N ASP A 244 37.63 21.87 27.44
CA ASP A 244 38.55 22.90 27.93
C ASP A 244 40.01 22.40 27.86
N ASN A 245 40.24 21.30 28.56
CA ASN A 245 41.49 20.58 28.52
C ASN A 245 41.77 19.96 27.11
N LEU A 246 43.04 19.88 26.73
CA LEU A 246 43.44 19.43 25.39
C LEU A 246 43.16 17.94 25.12
N ILE A 247 42.98 17.16 26.18
CA ILE A 247 42.72 15.74 26.01
C ILE A 247 41.41 15.51 25.23
N TYR A 248 40.47 16.46 25.32
CA TYR A 248 39.19 16.32 24.63
C TYR A 248 39.36 16.21 23.11
N LYS A 249 40.36 16.93 22.58
CA LYS A 249 40.68 16.87 21.16
C LYS A 249 41.22 15.49 20.75
N LYS A 250 42.14 14.96 21.55
CA LYS A 250 42.68 13.62 21.31
C LYS A 250 41.57 12.57 21.38
N ILE A 251 40.67 12.73 22.34
CA ILE A 251 39.55 11.82 22.48
C ILE A 251 38.66 11.87 21.25
N GLU A 252 38.50 13.06 20.66
CA GLU A 252 37.68 13.22 19.46
C GLU A 252 38.30 12.46 18.27
N ASP A 253 39.62 12.57 18.13
CA ASP A 253 40.35 11.89 17.05
C ASP A 253 40.31 10.38 17.20
N ILE A 254 40.51 9.89 18.42
CA ILE A 254 40.41 8.46 18.66
C ILE A 254 39.00 7.94 18.35
N SER A 255 37.99 8.70 18.77
CA SER A 255 36.61 8.32 18.52
C SER A 255 36.32 8.14 17.03
N MET A 256 36.83 9.06 16.21
CA MET A 256 36.65 8.96 14.77
C MET A 256 37.23 7.64 14.23
N LEU A 257 38.43 7.29 14.67
CA LEU A 257 39.05 6.03 14.25
C LEU A 257 38.24 4.82 14.71
N MET A 258 37.68 4.91 15.92
CA MET A 258 36.90 3.80 16.47
C MET A 258 35.54 3.65 15.78
N GLY A 259 34.87 4.77 15.53
CA GLY A 259 33.61 4.76 14.80
C GLY A 259 33.78 4.13 13.43
N GLU A 260 34.91 4.40 12.79
CA GLU A 260 35.15 3.86 11.45
C GLU A 260 35.41 2.35 11.52
N TYR A 261 36.21 1.96 12.50
CA TYR A 261 36.47 0.57 12.80
C TYR A 261 35.18 -0.21 13.09
N PHE A 262 34.29 0.42 13.87
CA PHE A 262 33.05 -0.24 14.32
C PHE A 262 32.06 -0.40 13.17
N GLN A 263 31.87 0.65 12.40
CA GLN A 263 30.92 0.59 11.28
C GLN A 263 31.37 -0.37 10.20
N ILE A 264 32.66 -0.39 9.91
CA ILE A 264 33.19 -1.30 8.90
C ILE A 264 32.96 -2.75 9.31
N HIS A 265 33.18 -3.03 10.59
CA HIS A 265 32.87 -4.33 11.14
C HIS A 265 31.38 -4.64 10.98
N ASP A 266 30.52 -3.67 11.29
CA ASP A 266 29.07 -3.84 11.11
C ASP A 266 28.73 -4.16 9.65
N ASP A 267 29.30 -3.39 8.72
CA ASP A 267 29.06 -3.62 7.30
C ASP A 267 29.43 -5.04 6.92
N TYR A 268 30.58 -5.51 7.41
CA TYR A 268 31.09 -6.85 7.16
C TYR A 268 30.13 -7.93 7.64
N LEU A 269 29.59 -7.75 8.84
CA LEU A 269 28.67 -8.73 9.42
C LEU A 269 27.35 -8.78 8.67
N ASP A 270 26.97 -7.66 8.06
CA ASP A 270 25.70 -7.58 7.32
C ASP A 270 25.66 -8.58 6.15
N ILE A 271 26.81 -8.84 5.53
CA ILE A 271 26.89 -9.88 4.51
C ILE A 271 27.39 -11.22 5.08
N PHE A 272 28.42 -11.17 5.93
CA PHE A 272 29.02 -12.38 6.49
C PHE A 272 28.65 -12.61 7.95
N ASP A 274 24.76 -13.85 9.78
CA ASP A 274 23.99 -14.69 10.71
C ASP A 274 23.22 -13.82 11.71
N SER A 275 21.92 -13.68 11.48
CA SER A 275 21.08 -12.83 12.33
C SER A 275 20.93 -13.37 13.74
N THR A 276 21.18 -14.68 13.90
CA THR A 276 21.16 -15.31 15.21
C THR A 276 22.13 -14.60 16.15
N LYS A 277 23.27 -14.19 15.60
CA LYS A 277 24.29 -13.49 16.38
C LYS A 277 24.12 -11.96 16.35
N THR A 278 23.73 -11.43 15.20
CA THR A 278 23.58 -9.97 15.04
C THR A 278 22.24 -9.44 15.58
N GLY A 279 21.23 -10.30 15.63
CA GLY A 279 19.90 -9.90 16.08
C GLY A 279 19.09 -9.10 15.05
N LYS A 280 19.64 -8.92 13.85
CA LYS A 280 18.96 -8.17 12.77
C LYS A 280 19.18 -8.84 11.41
N VAL A 281 18.37 -8.48 10.43
CA VAL A 281 18.41 -9.16 9.11
C VAL A 281 19.63 -8.77 8.29
N SER A 283 20.58 -6.68 5.15
CA SER A 283 19.80 -6.11 4.04
C SER A 283 20.43 -4.86 3.39
N ASP A 284 21.73 -4.65 3.59
CA ASP A 284 22.42 -3.47 3.00
C ASP A 284 22.35 -3.42 1.47
N ILE A 285 22.58 -4.57 0.84
CA ILE A 285 22.59 -4.65 -0.62
C ILE A 285 21.25 -4.23 -1.22
N GLN A 286 20.18 -4.94 -0.85
CA GLN A 286 18.87 -4.57 -1.35
C GLN A 286 18.45 -3.16 -0.92
N ASN A 287 19.01 -2.67 0.17
CA ASN A 287 18.66 -1.34 0.65
C ASN A 287 19.48 -0.25 0.01
N ASN A 288 20.34 -0.63 -0.94
CA ASN A 288 21.12 0.34 -1.70
C ASN A 288 22.03 1.18 -0.81
N LYS A 289 22.62 0.56 0.21
CA LYS A 289 23.46 1.28 1.16
C LYS A 289 24.92 1.41 0.68
N LEU A 290 25.54 2.56 0.94
CA LEU A 290 26.99 2.70 0.74
C LEU A 290 27.73 1.97 1.87
N THR A 291 28.45 0.90 1.52
CA THR A 291 29.15 0.09 2.51
C THR A 291 30.62 -0.08 2.18
N TRP A 292 31.38 -0.53 3.17
CA TRP A 292 32.79 -0.81 2.97
C TRP A 292 32.99 -1.95 1.97
N PRO A 293 32.20 -3.03 2.08
CA PRO A 293 32.33 -4.10 1.10
C PRO A 293 32.05 -3.63 -0.33
N LEU A 294 31.07 -2.74 -0.50
CA LEU A 294 30.79 -2.16 -1.83
C LEU A 294 31.99 -1.38 -2.35
N ILE A 295 32.52 -0.49 -1.51
CA ILE A 295 33.64 0.35 -1.90
C ILE A 295 34.92 -0.47 -2.21
N LYS A 296 35.23 -1.44 -1.35
CA LYS A 296 36.42 -2.26 -1.56
C LYS A 296 36.31 -3.10 -2.85
N THR A 297 35.16 -3.73 -3.05
CA THR A 297 34.96 -4.53 -4.27
C THR A 297 35.09 -3.64 -5.48
N PHE A 298 34.59 -2.42 -5.35
CA PHE A 298 34.58 -1.47 -6.44
C PHE A 298 35.98 -0.97 -6.79
N GLU A 299 36.85 -0.91 -5.80
CA GLU A 299 38.21 -0.48 -6.06
C GLU A 299 39.05 -1.66 -6.59
N LEU A 300 38.58 -2.88 -6.37
CA LEU A 300 39.34 -4.07 -6.78
C LEU A 300 38.91 -4.67 -8.12
N CYS A 301 37.65 -4.46 -8.49
CA CYS A 301 37.08 -5.24 -9.59
C CYS A 301 37.32 -4.67 -11.00
N SER A 302 37.11 -5.53 -12.00
CA SER A 302 37.23 -5.17 -13.41
C SER A 302 36.05 -4.29 -13.85
N GLU A 303 36.19 -3.66 -15.01
CA GLU A 303 35.11 -2.88 -15.59
C GLU A 303 33.82 -3.68 -15.75
N PRO A 304 33.92 -4.90 -16.27
CA PRO A 304 32.65 -5.60 -16.45
C PRO A 304 31.90 -5.81 -15.13
N ASP A 305 32.63 -6.06 -14.05
CA ASP A 305 32.01 -6.30 -12.75
C ASP A 305 31.45 -5.03 -12.11
N LYS A 306 31.94 -3.88 -12.54
CA LYS A 306 31.39 -2.61 -12.08
C LYS A 306 30.02 -2.41 -12.69
N ILE A 307 29.87 -2.85 -13.94
CA ILE A 307 28.61 -2.77 -14.63
C ILE A 307 27.61 -3.74 -14.02
N LYS A 308 28.06 -4.95 -13.68
CA LYS A 308 27.24 -5.92 -12.97
C LYS A 308 26.73 -5.36 -11.63
N ILE A 309 27.63 -4.78 -10.85
CA ILE A 309 27.25 -4.22 -9.56
C ILE A 309 26.15 -3.15 -9.74
N VAL A 310 26.38 -2.25 -10.68
CA VAL A 310 25.45 -1.16 -10.94
C VAL A 310 24.09 -1.72 -11.31
N LYS A 311 24.09 -2.80 -12.07
CA LYS A 311 22.85 -3.42 -12.54
C LYS A 311 22.15 -4.24 -11.45
N ASN A 312 22.89 -4.68 -10.45
CA ASN A 312 22.32 -5.64 -9.48
C ASN A 312 22.16 -5.14 -8.05
N TYR A 313 22.84 -4.05 -7.71
CA TYR A 313 22.78 -3.49 -6.36
C TYR A 313 21.48 -2.72 -6.10
N GLY A 314 21.07 -2.65 -4.84
CA GLY A 314 19.92 -1.85 -4.45
C GLY A 314 18.63 -2.34 -5.05
N LYS A 315 18.56 -3.64 -5.31
CA LYS A 315 17.37 -4.23 -5.90
C LYS A 315 16.77 -5.34 -5.03
N ASN A 316 15.50 -5.16 -4.73
CA ASN A 316 14.77 -6.12 -3.94
C ASN A 316 14.45 -7.33 -4.80
N ASN A 317 15.41 -8.23 -4.92
CA ASN A 317 15.33 -9.32 -5.87
C ASN A 317 16.39 -10.36 -5.55
N LEU A 318 15.95 -11.58 -5.30
CA LEU A 318 16.83 -12.64 -4.84
C LEU A 318 18.00 -12.87 -5.78
N ALA A 319 17.73 -12.89 -7.09
CA ALA A 319 18.78 -13.12 -8.05
C ALA A 319 19.82 -11.99 -8.02
N CYS A 320 19.34 -10.75 -7.93
CA CYS A 320 20.21 -9.59 -7.91
C CYS A 320 21.13 -9.58 -6.70
N VAL A 321 20.58 -9.91 -5.54
CA VAL A 321 21.38 -9.95 -4.33
C VAL A 321 22.44 -11.05 -4.38
N LYS A 322 22.09 -12.21 -4.89
CA LYS A 322 23.07 -13.28 -5.03
C LYS A 322 24.24 -12.91 -5.94
N VAL A 323 23.98 -12.10 -6.98
CA VAL A 323 25.08 -11.63 -7.84
C VAL A 323 26.06 -10.80 -7.02
N ILE A 324 25.53 -9.92 -6.16
CA ILE A 324 26.40 -9.11 -5.32
C ILE A 324 27.16 -9.98 -4.33
N ASP A 325 26.45 -10.87 -3.65
CA ASP A 325 27.07 -11.84 -2.73
C ASP A 325 28.25 -12.56 -3.40
N SER A 326 28.04 -13.06 -4.61
CA SER A 326 29.08 -13.79 -5.33
C SER A 326 30.27 -12.92 -5.63
N LEU A 327 30.04 -11.65 -5.95
CA LEU A 327 31.15 -10.75 -6.21
C LEU A 327 31.97 -10.46 -4.96
N TYR A 328 31.32 -10.41 -3.81
CA TYR A 328 32.05 -10.19 -2.56
C TYR A 328 32.93 -11.40 -2.26
N GLU A 329 32.41 -12.59 -2.54
CA GLU A 329 33.19 -13.81 -2.41
C GLU A 329 34.36 -13.82 -3.42
N GLN A 330 34.04 -13.56 -4.68
CA GLN A 330 35.06 -13.54 -5.76
C GLN A 330 36.23 -12.63 -5.44
N TYR A 331 35.94 -11.44 -4.94
CA TYR A 331 36.98 -10.48 -4.65
C TYR A 331 37.54 -10.59 -3.21
N LYS A 332 37.30 -11.74 -2.58
CA LYS A 332 37.90 -12.07 -1.29
C LYS A 332 37.68 -10.97 -0.23
N ILE A 333 36.45 -10.51 -0.09
CA ILE A 333 36.18 -9.42 0.84
C ILE A 333 36.47 -9.82 2.29
N ARG A 334 36.19 -11.07 2.63
CA ARG A 334 36.51 -11.58 3.96
C ARG A 334 38.00 -11.36 4.30
N LYS A 335 38.86 -11.65 3.32
CA LYS A 335 40.31 -11.54 3.52
C LYS A 335 40.73 -10.09 3.62
N HIS A 336 40.17 -9.25 2.77
CA HIS A 336 40.46 -7.84 2.81
C HIS A 336 39.96 -7.21 4.10
N TYR A 337 38.88 -7.74 4.66
CA TYR A 337 38.41 -7.24 5.93
C TYR A 337 39.38 -7.62 7.05
N GLU A 338 39.81 -8.89 7.08
CA GLU A 338 40.75 -9.37 8.11
C GLU A 338 41.96 -8.48 8.12
N SER A 339 42.38 -8.09 6.92
CA SER A 339 43.54 -7.25 6.75
C SER A 339 43.29 -5.79 7.20
N TYR A 340 42.11 -5.25 6.88
CA TYR A 340 41.79 -3.89 7.35
C TYR A 340 41.72 -3.88 8.87
N GLU A 341 41.06 -4.88 9.43
CA GLU A 341 40.91 -5.01 10.87
C GLU A 341 42.26 -4.89 11.57
N LYS A 342 43.25 -5.63 11.07
CA LYS A 342 44.57 -5.65 11.67
C LYS A 342 45.24 -4.27 11.61
N ALA A 343 45.25 -3.67 10.43
CA ALA A 343 45.85 -2.35 10.25
C ALA A 343 45.17 -1.26 11.11
N GLN A 344 43.83 -1.29 11.18
CA GLN A 344 43.08 -0.26 11.92
C GLN A 344 43.22 -0.39 13.44
N LYS A 345 43.20 -1.62 13.94
CA LYS A 345 43.45 -1.84 15.36
C LYS A 345 44.83 -1.29 15.75
N ALA A 346 45.82 -1.47 14.88
CA ALA A 346 47.16 -0.94 15.14
C ALA A 346 47.15 0.59 15.20
N LYS A 347 46.47 1.21 14.25
CA LYS A 347 46.38 2.67 14.21
C LYS A 347 45.66 3.23 15.44
N ILE A 348 44.62 2.54 15.89
CA ILE A 348 43.90 2.96 17.06
C ILE A 348 44.76 2.84 18.34
N LEU A 349 45.45 1.72 18.50
CA LEU A 349 46.31 1.53 19.69
C LEU A 349 47.44 2.55 19.72
N SER A 350 47.92 2.91 18.53
CA SER A 350 48.98 3.88 18.40
C SER A 350 48.47 5.28 18.79
N ALA A 351 47.19 5.54 18.54
CA ALA A 351 46.58 6.79 18.94
C ALA A 351 46.30 6.81 20.44
N ILE A 352 45.87 5.65 20.95
CA ILE A 352 45.56 5.52 22.38
C ILE A 352 46.78 5.78 23.26
N ASN A 353 47.95 5.32 22.82
CA ASN A 353 49.16 5.48 23.59
C ASN A 353 49.67 6.92 23.63
N GLU A 354 49.17 7.76 22.71
CA GLU A 354 49.56 9.16 22.68
C GLU A 354 48.70 10.01 23.63
N LEU A 355 47.72 9.37 24.28
CA LEU A 355 46.86 10.08 25.25
C LEU A 355 47.61 10.58 26.48
N HIS A 356 48.46 9.72 27.04
CA HIS A 356 49.20 10.05 28.28
C HIS A 356 48.25 10.19 29.45
N HIS A 357 47.34 9.22 29.55
CA HIS A 357 46.44 9.11 30.66
C HIS A 357 46.16 7.63 30.82
N GLU A 358 46.82 7.02 31.80
CA GLU A 358 46.76 5.56 31.97
C GLU A 358 45.35 4.99 32.08
N GLY A 359 44.49 5.66 32.85
CA GLY A 359 43.13 5.17 33.08
C GLY A 359 42.31 5.09 31.80
N ILE A 360 42.26 6.18 31.07
CA ILE A 360 41.50 6.22 29.84
C ILE A 360 42.12 5.28 28.80
N GLU A 361 43.45 5.21 28.78
CA GLU A 361 44.12 4.30 27.85
C GLU A 361 43.71 2.86 28.12
N TYR A 362 43.66 2.48 29.40
CA TYR A 362 43.19 1.16 29.74
C TYR A 362 41.75 0.91 29.26
N VAL A 363 40.83 1.83 29.56
CA VAL A 363 39.43 1.65 29.19
C VAL A 363 39.26 1.49 27.68
N LEU A 364 40.01 2.26 26.93
CA LEU A 364 39.91 2.21 25.49
C LEU A 364 40.48 0.90 24.92
N LYS A 365 41.52 0.38 25.55
CA LYS A 365 42.03 -0.96 25.21
C LYS A 365 40.98 -2.00 25.52
N TYR A 366 40.43 -1.94 26.73
CA TYR A 366 39.36 -2.82 27.13
C TYR A 366 38.16 -2.74 26.15
N LEU A 367 37.78 -1.53 25.76
CA LEU A 367 36.70 -1.32 24.79
C LEU A 367 37.03 -1.98 23.46
N LEU A 368 38.29 -1.89 23.08
CA LEU A 368 38.73 -2.41 21.80
C LEU A 368 38.64 -3.93 21.73
N GLU A 369 38.87 -4.59 22.87
CA GLU A 369 38.77 -6.05 22.92
C GLU A 369 37.31 -6.50 22.96
N ILE A 370 36.46 -5.68 23.57
CA ILE A 370 35.07 -6.04 23.81
C ILE A 370 34.05 -5.55 22.74
N LEU A 371 34.50 -4.66 21.85
CA LEU A 371 33.60 -4.05 20.84
C LEU A 371 32.55 -4.97 20.22
N PHE A 372 32.99 -6.05 19.58
CA PHE A 372 32.07 -6.90 18.82
C PHE A 372 31.31 -7.93 19.66
N THR A 373 31.75 -8.13 20.90
CA THR A 373 31.08 -9.08 21.79
C THR A 373 30.23 -8.39 22.88
N GLY A 374 30.68 -7.24 23.34
CA GLY A 374 30.03 -6.55 24.45
C GLY A 374 30.49 -7.07 25.80
N LEU B 13 7.01 42.10 15.03
CA LEU B 13 5.96 41.79 14.01
C LEU B 13 6.56 41.75 12.61
N ALA B 14 6.61 42.92 11.96
CA ALA B 14 7.35 43.07 10.72
C ALA B 14 8.82 42.83 11.03
N PHE B 15 9.23 43.27 12.21
CA PHE B 15 10.59 43.06 12.71
C PHE B 15 10.90 41.56 12.91
N PHE B 16 9.99 40.86 13.59
CA PHE B 16 10.16 39.45 13.86
C PHE B 16 10.38 38.65 12.57
N ARG B 17 9.67 39.03 11.52
CA ARG B 17 9.73 38.29 10.25
C ARG B 17 10.99 38.62 9.45
N ASN B 18 11.47 39.87 9.57
CA ASN B 18 12.71 40.27 8.90
C ASN B 18 13.92 39.54 9.48
N MET B 19 13.76 38.99 10.68
CA MET B 19 14.87 38.35 11.42
C MET B 19 15.04 36.86 11.12
N TYR B 20 14.05 36.27 10.48
CA TYR B 20 14.08 34.84 10.16
C TYR B 20 15.41 34.37 9.55
N ASP B 21 15.83 35.01 8.46
CA ASP B 21 17.06 34.62 7.75
C ASP B 21 18.26 34.51 8.68
N LYS B 22 18.36 35.44 9.63
CA LYS B 22 19.47 35.47 10.56
C LYS B 22 19.56 34.18 11.36
N TYR B 23 18.43 33.78 11.95
CA TYR B 23 18.42 32.56 12.78
C TYR B 23 18.59 31.29 11.97
N ARG B 24 17.99 31.26 10.80
CA ARG B 24 18.18 30.13 9.89
C ARG B 24 19.66 30.00 9.53
N ASP B 25 20.27 31.10 9.11
CA ASP B 25 21.66 31.05 8.64
C ASP B 25 22.67 30.81 9.79
N ALA B 26 22.35 31.26 11.00
CA ALA B 26 23.19 30.93 12.15
C ALA B 26 23.22 29.41 12.37
N PHE B 27 22.06 28.76 12.22
CA PHE B 27 22.03 27.34 12.39
C PHE B 27 22.71 26.62 11.22
N LEU B 28 22.44 27.07 10.00
CA LEU B 28 23.10 26.49 8.80
C LEU B 28 24.63 26.69 8.87
N SER B 29 25.05 27.79 9.51
CA SER B 29 26.46 28.07 9.63
C SER B 29 27.13 27.10 10.61
N HIS B 30 26.39 26.68 11.62
CA HIS B 30 26.86 25.64 12.53
C HIS B 30 27.08 24.30 11.78
N LEU B 31 26.13 23.89 10.95
CA LEU B 31 26.30 22.67 10.13
C LEU B 31 27.51 22.79 9.18
N ASN B 32 27.66 23.97 8.59
CA ASN B 32 28.72 24.25 7.65
C ASN B 32 30.13 24.07 8.25
N GLU B 33 30.22 24.13 9.58
CA GLU B 33 31.51 23.99 10.26
C GLU B 33 31.97 22.53 10.43
N TYR B 34 31.11 21.57 10.08
CA TYR B 34 31.44 20.14 10.20
C TYR B 34 32.57 19.75 9.25
N SER B 35 33.34 18.72 9.64
CA SER B 35 34.42 18.21 8.82
C SER B 35 33.86 17.32 7.74
N LEU B 36 33.48 17.93 6.62
CA LEU B 36 32.88 17.20 5.51
C LEU B 36 33.47 17.74 4.22
N GLU B 37 33.49 16.92 3.17
CA GLU B 37 33.96 17.38 1.88
C GLU B 37 33.09 18.55 1.38
N GLU B 38 33.72 19.49 0.68
CA GLU B 38 33.02 20.70 0.26
C GLU B 38 31.76 20.42 -0.56
N GLU B 39 31.84 19.49 -1.50
CA GLU B 39 30.67 19.13 -2.29
C GLU B 39 29.54 18.64 -1.37
N ILE B 40 29.89 17.84 -0.38
CA ILE B 40 28.90 17.37 0.58
C ILE B 40 28.32 18.55 1.38
N LYS B 41 29.18 19.49 1.75
CA LYS B 41 28.72 20.69 2.48
C LYS B 41 27.68 21.50 1.70
N GLU B 42 27.87 21.63 0.40
CA GLU B 42 26.91 22.38 -0.39
C GLU B 42 25.56 21.67 -0.58
N HIS B 43 25.59 20.34 -0.66
CA HIS B 43 24.34 19.56 -0.71
C HIS B 43 23.55 19.69 0.58
N ILE B 44 24.27 19.62 1.70
CA ILE B 44 23.67 19.76 3.01
C ILE B 44 23.01 21.14 3.22
N SER B 45 23.72 22.20 2.89
CA SER B 45 23.14 23.53 3.09
C SER B 45 21.92 23.75 2.19
N LYS B 46 21.99 23.26 0.95
CA LYS B 46 20.86 23.37 0.03
C LYS B 46 19.61 22.59 0.52
N TYR B 47 19.80 21.38 1.02
CA TYR B 47 18.69 20.60 1.57
C TYR B 47 18.09 21.27 2.79
N TYR B 48 18.94 21.62 3.75
CA TYR B 48 18.47 22.17 5.01
C TYR B 48 17.92 23.58 4.96
N LYS B 49 18.40 24.38 4.00
CA LYS B 49 17.81 25.69 3.79
C LYS B 49 16.35 25.54 3.34
N LEU B 50 16.10 24.56 2.48
CA LEU B 50 14.73 24.30 2.06
C LEU B 50 13.88 23.72 3.21
N LEU B 51 14.44 22.76 3.94
CA LEU B 51 13.71 22.19 5.10
C LEU B 51 13.11 23.31 5.96
N PHE B 52 13.96 24.23 6.38
CA PHE B 52 13.51 25.38 7.18
C PHE B 52 12.49 26.26 6.45
N ASP B 53 12.86 26.75 5.26
CA ASP B 53 11.99 27.66 4.51
C ASP B 53 10.60 27.06 4.22
N TYR B 54 10.58 25.83 3.77
CA TYR B 54 9.35 25.19 3.37
C TYR B 54 8.41 25.02 4.57
N ASN B 55 8.98 24.73 5.73
CA ASN B 55 8.19 24.35 6.88
C ASN B 55 8.03 25.43 7.96
N CYS B 56 8.92 26.39 7.98
CA CYS B 56 8.87 27.43 9.03
C CYS B 56 8.06 28.65 8.63
N LEU B 57 7.93 28.87 7.32
CA LEU B 57 7.29 30.08 6.82
C LEU B 57 5.90 29.79 6.31
N GLY B 58 5.03 30.79 6.38
CA GLY B 58 3.69 30.65 5.85
C GLY B 58 2.63 30.53 6.92
N GLY B 59 3.04 30.38 8.17
CA GLY B 59 2.09 30.26 9.26
C GLY B 59 1.54 31.62 9.66
N LYS B 60 0.57 31.61 10.58
CA LYS B 60 0.06 32.85 11.16
C LYS B 60 1.11 33.46 12.12
N ASN B 61 2.07 32.63 12.54
CA ASN B 61 3.10 33.03 13.52
C ASN B 61 2.54 33.56 14.85
N ASN B 62 1.35 33.10 15.23
CA ASN B 62 0.74 33.53 16.51
C ASN B 62 1.64 33.24 17.72
N ARG B 63 2.27 32.07 17.75
CA ARG B 63 3.10 31.68 18.89
C ARG B 63 4.36 32.54 19.00
N GLY B 64 5.02 32.77 17.87
CA GLY B 64 6.20 33.64 17.82
C GLY B 64 5.84 35.05 18.23
N ILE B 65 4.75 35.57 17.69
CA ILE B 65 4.30 36.91 18.05
C ILE B 65 3.97 37.07 19.54
N LEU B 66 3.42 36.01 20.14
CA LEU B 66 3.07 36.04 21.54
C LEU B 66 4.32 36.24 22.41
N VAL B 67 5.43 35.62 22.00
CA VAL B 67 6.71 35.81 22.70
C VAL B 67 7.18 37.27 22.64
N ILE B 68 7.08 37.86 21.45
CA ILE B 68 7.55 39.22 21.24
C ILE B 68 6.68 40.23 21.98
N LEU B 69 5.38 40.00 21.99
CA LEU B 69 4.49 40.89 22.68
C LEU B 69 4.60 40.80 24.18
N ILE B 70 4.76 39.58 24.71
CA ILE B 70 4.88 39.39 26.15
C ILE B 70 6.23 39.94 26.66
N TYR B 71 7.30 39.68 25.91
CA TYR B 71 8.59 40.19 26.27
C TYR B 71 8.56 41.72 26.38
N GLU B 72 7.89 42.36 25.43
CA GLU B 72 7.81 43.81 25.45
C GLU B 72 6.93 44.36 26.60
N TYR B 73 5.73 43.79 26.75
CA TYR B 73 4.73 44.39 27.64
C TYR B 73 4.74 43.89 29.09
N VAL B 74 5.57 42.91 29.39
CA VAL B 74 5.71 42.45 30.78
C VAL B 74 6.00 43.65 31.68
N LYS B 75 6.73 44.62 31.14
CA LYS B 75 7.09 45.82 31.86
C LYS B 75 7.59 46.88 30.90
N ASN B 76 6.96 48.04 30.94
CA ASN B 76 7.38 49.16 30.13
C ASN B 76 8.81 49.59 30.51
N ARG B 77 9.76 49.30 29.62
CA ARG B 77 11.16 49.58 29.88
C ARG B 77 11.89 49.78 28.56
N ASP B 78 13.11 50.29 28.61
CA ASP B 78 13.91 50.43 27.39
C ASP B 78 14.58 49.09 27.04
N ILE B 79 14.39 48.68 25.78
CA ILE B 79 14.89 47.41 25.30
C ILE B 79 15.77 47.67 24.09
N ASN B 80 17.05 47.34 24.19
CA ASN B 80 17.98 47.62 23.09
C ASN B 80 18.01 46.51 22.03
N SER B 81 18.69 46.75 20.92
CA SER B 81 18.63 45.81 19.80
C SER B 81 19.32 44.47 20.10
N SER B 82 20.26 44.48 21.05
CA SER B 82 20.90 43.24 21.49
C SER B 82 19.90 42.37 22.23
N GLU B 83 19.09 42.99 23.08
CA GLU B 83 18.05 42.30 23.83
C GLU B 83 16.94 41.78 22.91
N TRP B 84 16.56 42.59 21.94
CA TRP B 84 15.56 42.16 20.97
C TRP B 84 16.02 40.94 20.19
N GLU B 85 17.31 40.89 19.86
CA GLU B 85 17.86 39.77 19.11
C GLU B 85 17.60 38.46 19.85
N LYS B 86 17.69 38.51 21.18
CA LYS B 86 17.49 37.34 22.00
C LYS B 86 16.03 36.92 22.06
N ALA B 87 15.13 37.92 22.08
CA ALA B 87 13.71 37.66 22.13
C ALA B 87 13.19 37.14 20.79
N ALA B 88 13.68 37.70 19.69
CA ALA B 88 13.30 37.24 18.36
C ALA B 88 13.82 35.82 18.14
N CYS B 89 14.96 35.51 18.75
CA CYS B 89 15.48 34.15 18.68
C CYS B 89 14.49 33.18 19.28
N LEU B 90 14.08 33.42 20.53
CA LEU B 90 13.11 32.54 21.19
C LEU B 90 11.80 32.48 20.38
N ALA B 91 11.37 33.62 19.83
CA ALA B 91 10.18 33.67 18.99
C ALA B 91 10.31 32.72 17.80
N TRP B 92 11.43 32.80 17.10
CA TRP B 92 11.65 31.86 15.99
C TRP B 92 11.84 30.42 16.42
N CYS B 93 12.35 30.20 17.62
CA CYS B 93 12.51 28.86 18.13
C CYS B 93 11.15 28.17 18.32
N ILE B 94 10.16 28.94 18.73
CA ILE B 94 8.81 28.40 18.88
C ILE B 94 8.16 28.16 17.51
N GLU B 95 8.55 28.96 16.52
CA GLU B 95 8.04 28.71 15.15
C GLU B 95 8.73 27.50 14.54
N ILE B 96 9.98 27.26 14.92
CA ILE B 96 10.67 26.07 14.51
C ILE B 96 10.06 24.84 15.20
N LEU B 97 9.70 24.98 16.46
CA LEU B 97 9.03 23.90 17.18
C LEU B 97 7.70 23.55 16.48
N GLN B 98 6.92 24.57 16.16
CA GLN B 98 5.68 24.38 15.38
C GLN B 98 5.96 23.62 14.07
N ALA B 99 7.03 24.02 13.36
CA ALA B 99 7.43 23.32 12.12
C ALA B 99 7.67 21.83 12.35
N ALA B 100 8.48 21.50 13.38
CA ALA B 100 8.77 20.09 13.69
C ALA B 100 7.50 19.31 14.01
N PHE B 101 6.62 19.90 14.82
CA PHE B 101 5.36 19.27 15.20
C PHE B 101 4.47 19.05 13.99
N LEU B 102 4.45 20.00 13.08
CA LEU B 102 3.56 19.86 11.93
C LEU B 102 4.05 18.86 10.88
N VAL B 103 5.37 18.74 10.71
CA VAL B 103 5.91 17.70 9.82
C VAL B 103 5.63 16.32 10.42
N ALA B 104 5.85 16.18 11.72
CA ALA B 104 5.58 14.94 12.43
C ALA B 104 4.10 14.58 12.32
N ASP B 105 3.24 15.56 12.60
CA ASP B 105 1.82 15.31 12.62
C ASP B 105 1.29 14.86 11.27
N ASP B 106 1.82 15.46 10.20
CA ASP B 106 1.39 15.10 8.86
C ASP B 106 1.84 13.68 8.51
N ILE B 107 2.97 13.25 9.07
CA ILE B 107 3.40 11.83 8.93
C ILE B 107 2.43 10.95 9.68
N MET B 108 2.15 11.32 10.92
CA MET B 108 1.33 10.51 11.80
C MET B 108 -0.11 10.41 11.34
N ASP B 109 -0.72 11.56 11.01
CA ASP B 109 -2.14 11.61 10.58
C ASP B 109 -2.31 11.53 9.04
N LYS B 110 -1.26 11.11 8.33
CA LYS B 110 -1.32 11.01 6.88
C LYS B 110 -1.90 12.27 6.23
N GLY B 111 -1.30 13.42 6.51
CA GLY B 111 -1.74 14.68 5.92
C GLY B 111 -1.51 14.74 4.41
N GLU B 112 -2.23 15.63 3.74
CA GLU B 112 -2.10 15.81 2.31
C GLU B 112 -1.55 17.19 2.00
N MET B 113 -2.14 18.20 2.66
CA MET B 113 -1.77 19.60 2.46
C MET B 113 -1.54 20.26 3.82
N ARG B 114 -0.67 21.26 3.83
CA ARG B 114 -0.38 22.02 5.03
C ARG B 114 0.07 23.39 4.58
N ARG B 115 -0.56 24.43 5.12
CA ARG B 115 -0.31 25.80 4.67
C ARG B 115 -0.43 25.92 3.14
N ASN B 116 -1.38 25.20 2.56
CA ASN B 116 -1.71 25.34 1.14
C ASN B 116 -0.72 24.70 0.17
N LYS B 117 0.16 23.85 0.67
CA LYS B 117 1.08 23.14 -0.19
C LYS B 117 1.33 21.73 0.32
N TYR B 118 1.79 20.86 -0.58
CA TYR B 118 2.01 19.46 -0.26
C TYR B 118 2.78 19.31 1.06
N CYS B 119 2.36 18.36 1.90
CA CYS B 119 3.09 18.08 3.11
C CYS B 119 4.50 17.64 2.76
N TRP B 120 5.44 18.02 3.62
CA TRP B 120 6.84 17.76 3.40
C TRP B 120 7.14 16.27 3.14
N TYR B 121 6.52 15.38 3.91
CA TYR B 121 6.84 13.96 3.80
C TYR B 121 6.34 13.33 2.50
N LEU B 122 5.46 14.03 1.79
CA LEU B 122 4.92 13.52 0.52
C LEU B 122 5.87 13.73 -0.69
N LEU B 123 6.70 14.76 -0.61
CA LEU B 123 7.61 15.04 -1.71
C LEU B 123 8.50 13.83 -1.97
N LYS B 124 8.54 13.39 -3.21
CA LYS B 124 9.30 12.21 -3.57
C LYS B 124 10.79 12.33 -3.28
N ASP B 125 11.33 13.56 -3.27
CA ASP B 125 12.74 13.79 -2.89
C ASP B 125 12.95 13.64 -1.39
N VAL B 126 11.87 13.65 -0.63
CA VAL B 126 11.93 13.58 0.83
C VAL B 126 11.48 12.22 1.35
N GLU B 127 10.19 11.92 1.19
CA GLU B 127 9.60 10.65 1.64
C GLU B 127 9.63 10.55 3.17
N THR B 128 8.97 9.52 3.70
CA THR B 128 8.84 9.37 5.14
C THR B 128 10.19 9.24 5.85
N LYS B 129 11.14 8.54 5.23
CA LYS B 129 12.44 8.32 5.84
C LYS B 129 13.17 9.64 6.15
N ASN B 130 13.16 10.58 5.20
CA ASN B 130 13.77 11.89 5.44
C ASN B 130 12.99 12.77 6.42
N ALA B 131 11.66 12.72 6.32
CA ALA B 131 10.80 13.53 7.17
C ALA B 131 11.00 13.22 8.66
N VAL B 132 11.12 11.94 8.99
CA VAL B 132 11.35 11.52 10.37
C VAL B 132 12.67 12.10 10.87
N ASN B 133 13.69 12.02 10.04
CA ASN B 133 15.01 12.54 10.38
C ASN B 133 14.96 14.05 10.51
N ASP B 134 14.18 14.68 9.64
CA ASP B 134 14.03 16.13 9.62
C ASP B 134 13.30 16.67 10.86
N VAL B 135 12.31 15.92 11.34
CA VAL B 135 11.65 16.29 12.57
C VAL B 135 12.67 16.46 13.69
N LEU B 136 13.56 15.50 13.84
CA LEU B 136 14.55 15.52 14.91
C LEU B 136 15.59 16.63 14.70
N LEU B 137 15.82 16.99 13.45
CA LEU B 137 16.77 18.03 13.12
C LEU B 137 16.21 19.40 13.50
N LEU B 138 15.01 19.71 13.03
CA LEU B 138 14.34 20.93 13.40
C LEU B 138 14.26 21.03 14.91
N TYR B 139 13.86 19.94 15.56
CA TYR B 139 13.73 19.96 16.99
C TYR B 139 15.05 20.30 17.70
N ASN B 140 16.13 19.69 17.25
CA ASN B 140 17.42 19.95 17.88
C ASN B 140 18.02 21.29 17.55
N SER B 141 17.65 21.86 16.41
CA SER B 141 18.14 23.19 16.00
C SER B 141 17.68 24.28 16.97
N ILE B 142 16.50 24.09 17.57
CA ILE B 142 15.98 25.00 18.59
C ILE B 142 17.02 25.20 19.70
N TYR B 143 17.50 24.09 20.24
CA TYR B 143 18.43 24.16 21.36
C TYR B 143 19.80 24.68 20.96
N LYS B 144 20.19 24.47 19.70
CA LYS B 144 21.44 25.04 19.20
C LYS B 144 21.31 26.58 19.11
N LEU B 145 20.19 27.06 18.58
CA LEU B 145 19.95 28.49 18.49
C LEU B 145 19.89 29.15 19.86
N ILE B 146 19.18 28.54 20.79
CA ILE B 146 19.12 29.03 22.14
C ILE B 146 20.52 29.12 22.77
N GLU B 147 21.40 28.16 22.48
CA GLU B 147 22.76 28.22 22.99
C GLU B 147 23.53 29.36 22.35
N ILE B 148 23.36 29.52 21.04
CA ILE B 148 24.07 30.57 20.31
C ILE B 148 23.72 31.96 20.85
N TYR B 149 22.44 32.19 21.13
CA TYR B 149 21.98 33.54 21.51
C TYR B 149 21.79 33.81 23.00
N LEU B 150 21.50 32.76 23.80
CA LEU B 150 21.16 32.97 25.21
C LEU B 150 22.06 32.27 26.19
N ARG B 151 23.11 31.63 25.70
CA ARG B 151 23.98 30.84 26.58
C ARG B 151 24.48 31.58 27.84
N ASN B 152 24.63 32.90 27.74
CA ASN B 152 25.17 33.70 28.86
C ASN B 152 24.12 34.40 29.70
N GLU B 153 22.86 34.24 29.33
CA GLU B 153 21.76 34.79 30.11
C GLU B 153 21.51 33.92 31.34
N SER B 154 21.17 34.53 32.47
CA SER B 154 20.90 33.75 33.67
C SER B 154 19.64 32.87 33.53
N CYS B 155 18.72 33.26 32.67
CA CYS B 155 17.50 32.46 32.45
C CYS B 155 17.72 31.26 31.48
N TYR B 156 18.94 31.13 30.98
CA TYR B 156 19.28 30.08 30.02
C TYR B 156 18.71 28.70 30.37
N VAL B 157 19.14 28.15 31.50
CA VAL B 157 18.74 26.82 31.90
C VAL B 157 17.20 26.70 32.03
N ASP B 158 16.54 27.73 32.57
CA ASP B 158 15.08 27.70 32.72
C ASP B 158 14.36 27.74 31.39
N VAL B 159 14.92 28.47 30.43
CA VAL B 159 14.33 28.56 29.10
C VAL B 159 14.36 27.23 28.37
N ILE B 160 15.49 26.53 28.40
CA ILE B 160 15.56 25.22 27.76
C ILE B 160 14.72 24.16 28.49
N ALA B 161 14.62 24.28 29.81
CA ALA B 161 13.74 23.41 30.61
C ALA B 161 12.26 23.61 30.22
N THR B 162 11.89 24.87 29.98
CA THR B 162 10.52 25.21 29.57
C THR B 162 10.18 24.61 28.19
N PHE B 163 11.13 24.70 27.25
CA PHE B 163 10.94 24.09 25.92
C PHE B 163 10.83 22.58 26.04
N ARG B 164 11.66 22.00 26.90
CA ARG B 164 11.70 20.55 27.10
C ARG B 164 10.41 20.02 27.72
N ASP B 165 9.96 20.69 28.79
CA ASP B 165 8.75 20.27 29.51
C ASP B 165 7.51 20.39 28.63
N ALA B 166 7.37 21.51 27.92
CA ALA B 166 6.20 21.71 27.04
C ALA B 166 6.17 20.64 25.96
N THR B 167 7.35 20.29 25.45
CA THR B 167 7.45 19.27 24.40
C THR B 167 7.03 17.91 24.94
N LEU B 168 7.46 17.58 26.14
CA LEU B 168 7.07 16.32 26.76
C LEU B 168 5.54 16.22 26.94
N LYS B 169 4.90 17.32 27.34
CA LYS B 169 3.44 17.34 27.47
C LYS B 169 2.76 17.20 26.10
N THR B 170 3.32 17.86 25.10
CA THR B 170 2.80 17.79 23.74
C THR B 170 2.88 16.37 23.20
N ILE B 171 4.00 15.71 23.43
CA ILE B 171 4.15 14.32 22.99
C ILE B 171 3.11 13.36 23.65
N ILE B 172 2.85 13.56 24.94
CA ILE B 172 1.83 12.74 25.64
C ILE B 172 0.45 13.03 25.08
N GLY B 173 0.20 14.31 24.77
CA GLY B 173 -1.09 14.72 24.20
C GLY B 173 -1.29 14.12 22.84
N GLN B 174 -0.19 14.07 22.08
CA GLN B 174 -0.24 13.46 20.75
C GLN B 174 -0.41 11.92 20.83
N HIS B 175 0.29 11.28 21.76
CA HIS B 175 0.05 9.85 22.02
C HIS B 175 -1.44 9.57 22.31
N LEU B 176 -2.02 10.33 23.21
CA LEU B 176 -3.42 10.16 23.59
C LEU B 176 -4.36 10.38 22.41
N ASP B 177 -4.16 11.50 21.70
CA ASP B 177 -4.94 11.83 20.50
C ASP B 177 -4.91 10.69 19.48
N THR B 178 -3.77 10.02 19.37
CA THR B 178 -3.57 8.97 18.37
C THR B 178 -4.17 7.62 18.79
N ASN B 179 -4.28 7.40 20.11
CA ASN B 179 -4.54 6.06 20.64
C ASN B 179 -5.76 5.93 21.51
N ILE B 180 -6.48 7.02 21.74
CA ILE B 180 -7.55 7.02 22.72
C ILE B 180 -8.65 5.98 22.45
N PHE B 181 -8.84 5.63 21.16
CA PHE B 181 -9.86 4.63 20.75
C PHE B 181 -9.26 3.28 20.36
N SER B 182 -7.94 3.14 20.52
CA SER B 182 -7.24 1.96 20.02
C SER B 182 -7.50 0.72 20.86
N ASP B 183 -7.34 -0.44 20.23
CA ASP B 183 -7.44 -1.72 20.91
C ASP B 183 -6.77 -1.72 22.27
N LYS B 184 -5.53 -1.26 22.35
CA LYS B 184 -4.79 -1.35 23.61
C LYS B 184 -5.40 -0.51 24.73
N TYR B 185 -6.19 0.50 24.35
CA TYR B 185 -6.91 1.31 25.35
C TYR B 185 -8.30 0.71 25.64
N SER B 186 -8.95 0.19 24.59
CA SER B 186 -10.27 -0.48 24.71
C SER B 186 -10.15 -1.75 25.55
N ASP B 187 -9.26 -2.64 25.11
CA ASP B 187 -8.98 -3.86 25.85
C ASP B 187 -7.76 -3.63 26.74
N ALA B 188 -7.94 -2.86 27.80
CA ALA B 188 -6.81 -2.48 28.66
C ALA B 188 -6.41 -3.56 29.69
N ARG B 190 -5.56 -6.76 28.57
CA ARG B 190 -4.63 -7.51 27.72
C ARG B 190 -3.49 -6.64 27.26
N GLU B 191 -2.29 -7.18 27.25
CA GLU B 191 -1.13 -6.40 26.89
C GLU B 191 -0.86 -6.37 25.38
N ILE B 192 -0.06 -5.39 24.97
CA ILE B 192 0.39 -5.27 23.59
C ILE B 192 1.05 -6.56 23.14
N ASP B 193 0.57 -7.13 22.04
CA ASP B 193 1.16 -8.36 21.51
C ASP B 193 2.40 -8.06 20.69
N VAL B 194 3.57 -8.29 21.28
CA VAL B 194 4.84 -7.96 20.63
C VAL B 194 5.22 -8.98 19.55
N ASN B 195 4.31 -9.90 19.27
CA ASN B 195 4.54 -10.89 18.23
C ASN B 195 3.58 -10.74 17.08
N ASN B 196 2.74 -9.72 17.16
CA ASN B 196 1.77 -9.45 16.12
C ASN B 196 2.22 -8.31 15.22
N ILE B 197 2.62 -8.64 13.99
CA ILE B 197 2.97 -7.61 13.00
C ILE B 197 2.02 -7.59 11.79
N ASN B 198 0.80 -8.12 11.96
CA ASN B 198 -0.25 -7.97 10.94
C ASN B 198 -0.83 -6.55 10.95
N VAL B 199 -1.66 -6.26 9.96
CA VAL B 199 -2.43 -5.04 9.97
C VAL B 199 -3.42 -5.12 11.13
N PRO B 200 -3.64 -4.00 11.82
CA PRO B 200 -4.68 -4.08 12.83
C PRO B 200 -6.00 -4.18 12.12
N GLU B 201 -7.01 -4.70 12.80
CA GLU B 201 -8.37 -4.70 12.25
C GLU B 201 -8.90 -3.27 12.30
N GLN B 202 -9.95 -3.02 11.52
CA GLN B 202 -10.53 -1.69 11.43
C GLN B 202 -10.61 -0.97 12.78
N PRO B 203 -10.09 0.28 12.84
CA PRO B 203 -10.26 1.08 14.06
C PRO B 203 -11.74 1.38 14.28
N VAL B 204 -12.16 1.36 15.53
CA VAL B 204 -13.53 1.74 15.87
C VAL B 204 -13.55 2.63 17.10
N ILE B 205 -14.60 3.43 17.25
CA ILE B 205 -14.70 4.29 18.43
C ILE B 205 -15.04 3.46 19.65
N ASP B 206 -14.62 3.96 20.80
CA ASP B 206 -14.94 3.34 22.09
C ASP B 206 -15.80 4.32 22.87
N ILE B 207 -17.11 4.10 22.84
CA ILE B 207 -18.09 5.04 23.45
C ILE B 207 -17.73 5.53 24.86
N ASN B 208 -16.98 4.72 25.61
CA ASN B 208 -16.58 5.09 26.97
C ASN B 208 -15.57 6.22 27.07
N MET B 209 -14.93 6.53 25.94
CA MET B 209 -13.96 7.61 25.89
C MET B 209 -14.58 8.90 25.36
N ILE B 210 -15.83 8.83 24.94
CA ILE B 210 -16.48 9.96 24.28
C ILE B 210 -17.08 10.94 25.28
N ASN B 211 -16.22 11.65 25.97
CA ASN B 211 -16.68 12.65 26.90
C ASN B 211 -15.71 13.78 26.99
N PHE B 212 -16.19 14.92 27.47
CA PHE B 212 -15.44 16.15 27.46
C PHE B 212 -14.24 16.12 28.43
N GLY B 213 -14.36 15.34 29.50
CA GLY B 213 -13.27 15.22 30.49
C GLY B 213 -12.02 14.59 29.89
N VAL B 214 -12.22 13.53 29.13
CA VAL B 214 -11.13 12.89 28.40
C VAL B 214 -10.58 13.86 27.34
N TYR B 215 -11.50 14.51 26.63
CA TYR B 215 -11.11 15.44 25.57
C TYR B 215 -10.21 16.58 26.08
N LYS B 216 -10.60 17.18 27.19
CA LYS B 216 -9.80 18.26 27.79
C LYS B 216 -8.40 17.76 28.15
N ASN B 217 -8.34 16.58 28.77
CA ASN B 217 -7.05 15.93 29.07
C ASN B 217 -6.14 15.95 27.85
N ILE B 218 -6.68 15.49 26.73
CA ILE B 218 -5.90 15.34 25.53
C ILE B 218 -5.47 16.69 24.96
N VAL B 219 -6.44 17.57 24.73
CA VAL B 219 -6.15 18.84 24.04
C VAL B 219 -5.30 19.82 24.86
N ILE B 220 -5.49 19.85 26.17
CA ILE B 220 -4.64 20.65 27.04
C ILE B 220 -3.16 20.25 26.87
N HIS B 221 -2.92 18.95 26.77
CA HIS B 221 -1.57 18.46 26.60
C HIS B 221 -1.05 18.58 25.17
N LYS B 222 -1.94 18.40 24.21
CA LYS B 222 -1.54 18.38 22.81
C LYS B 222 -1.32 19.78 22.27
N THR B 223 -1.97 20.77 22.88
CA THR B 223 -2.06 22.09 22.30
C THR B 223 -1.70 23.22 23.28
N ALA B 224 -2.28 23.18 24.47
CA ALA B 224 -2.18 24.31 25.41
C ALA B 224 -0.75 24.64 25.84
N TYR B 225 0.05 23.63 26.15
CA TYR B 225 1.35 23.88 26.71
C TYR B 225 2.33 24.55 25.76
N TYR B 226 2.37 24.10 24.51
CA TYR B 226 3.34 24.66 23.58
C TYR B 226 2.85 25.88 22.80
N SER B 227 1.53 26.00 22.66
CA SER B 227 0.97 27.11 21.89
C SER B 227 0.76 28.37 22.73
N PHE B 228 0.57 28.21 24.04
CA PHE B 228 0.30 29.35 24.92
C PHE B 228 1.23 29.45 26.12
N PHE B 229 1.32 28.39 26.91
CA PHE B 229 2.14 28.48 28.11
C PHE B 229 3.62 28.73 27.76
N LEU B 230 4.16 27.93 26.84
CA LEU B 230 5.57 28.07 26.43
C LEU B 230 5.95 29.50 25.99
N PRO B 231 5.24 30.05 24.98
CA PRO B 231 5.63 31.39 24.51
C PRO B 231 5.55 32.49 25.58
N ILE B 232 4.53 32.44 26.43
CA ILE B 232 4.37 33.45 27.47
C ILE B 232 5.45 33.31 28.52
N VAL B 233 5.74 32.08 28.91
CA VAL B 233 6.78 31.83 29.90
C VAL B 233 8.17 32.20 29.37
N CYS B 234 8.39 32.00 28.08
CA CYS B 234 9.65 32.44 27.46
C CYS B 234 9.80 33.94 27.58
N GLY B 235 8.76 34.65 27.16
CA GLY B 235 8.76 36.10 27.15
C GLY B 235 9.01 36.64 28.54
N MET B 236 8.43 35.99 29.55
CA MET B 236 8.57 36.43 30.94
C MET B 236 9.93 36.07 31.54
N LEU B 237 10.41 34.85 31.28
CA LEU B 237 11.72 34.43 31.79
C LEU B 237 12.83 35.35 31.29
N LEU B 238 12.78 35.67 30.00
CA LEU B 238 13.78 36.52 29.39
C LEU B 238 13.69 37.94 29.92
N ALA B 239 12.46 38.42 30.13
CA ALA B 239 12.25 39.78 30.64
C ALA B 239 12.87 39.94 32.03
N GLY B 240 13.01 38.83 32.74
CA GLY B 240 13.60 38.83 34.07
C GLY B 240 12.55 38.90 35.18
N ASN B 245 7.59 32.27 41.75
CA ASN B 245 6.63 33.36 41.54
C ASN B 245 5.21 32.84 41.29
N LEU B 246 4.30 33.18 42.19
CA LEU B 246 2.93 32.65 42.17
C LEU B 246 2.18 32.84 40.84
N ILE B 247 2.58 33.84 40.04
CA ILE B 247 1.82 34.19 38.82
C ILE B 247 1.87 33.13 37.71
N TYR B 248 3.02 32.46 37.56
CA TYR B 248 3.17 31.46 36.52
C TYR B 248 2.09 30.40 36.63
N LYS B 249 1.51 30.27 37.81
CA LYS B 249 0.41 29.33 38.04
C LYS B 249 -0.88 29.86 37.41
N LYS B 250 -1.11 31.16 37.55
CA LYS B 250 -2.31 31.78 36.98
C LYS B 250 -2.27 31.79 35.46
N ILE B 251 -1.08 32.04 34.92
CA ILE B 251 -0.90 32.03 33.48
C ILE B 251 -1.07 30.62 32.91
N GLU B 252 -0.70 29.62 33.70
CA GLU B 252 -0.86 28.25 33.29
C GLU B 252 -2.35 27.90 33.15
N ASP B 253 -3.15 28.36 34.10
CA ASP B 253 -4.62 28.15 34.05
C ASP B 253 -5.24 28.80 32.80
N ILE B 254 -4.86 30.06 32.53
CA ILE B 254 -5.35 30.76 31.32
C ILE B 254 -4.94 30.02 30.03
N SER B 255 -3.71 29.52 29.99
CA SER B 255 -3.21 28.78 28.84
C SER B 255 -4.05 27.54 28.55
N MET B 256 -4.44 26.84 29.62
CA MET B 256 -5.28 25.66 29.50
C MET B 256 -6.63 26.02 28.85
N LEU B 257 -7.20 27.13 29.29
CA LEU B 257 -8.47 27.63 28.74
C LEU B 257 -8.34 28.01 27.26
N MET B 258 -7.24 28.69 26.92
CA MET B 258 -7.02 29.11 25.53
C MET B 258 -6.70 27.96 24.60
N GLY B 259 -5.97 26.96 25.11
CA GLY B 259 -5.62 25.77 24.32
C GLY B 259 -6.85 24.96 23.95
N GLU B 260 -7.78 24.84 24.90
CA GLU B 260 -9.03 24.15 24.66
C GLU B 260 -9.88 24.92 23.64
N TYR B 261 -9.94 26.24 23.82
CA TYR B 261 -10.66 27.13 22.90
C TYR B 261 -10.07 27.01 21.48
N PHE B 262 -8.75 26.99 21.39
CA PHE B 262 -8.05 26.93 20.12
C PHE B 262 -8.26 25.58 19.44
N GLN B 263 -8.19 24.50 20.22
CA GLN B 263 -8.30 23.16 19.65
C GLN B 263 -9.71 22.86 19.19
N ILE B 264 -10.70 23.36 19.92
CA ILE B 264 -12.07 23.13 19.53
C ILE B 264 -12.38 23.85 18.22
N HIS B 265 -11.82 25.05 18.06
CA HIS B 265 -11.95 25.77 16.80
C HIS B 265 -11.25 25.01 15.66
N ASP B 266 -10.08 24.43 15.96
CA ASP B 266 -9.39 23.61 14.98
C ASP B 266 -10.24 22.41 14.55
N ASP B 267 -10.87 21.74 15.51
CA ASP B 267 -11.79 20.63 15.21
C ASP B 267 -12.91 21.12 14.28
N TYR B 268 -13.43 22.30 14.57
CA TYR B 268 -14.52 22.90 13.79
C TYR B 268 -14.08 23.12 12.35
N LEU B 269 -12.87 23.67 12.19
CA LEU B 269 -12.31 23.90 10.86
C LEU B 269 -12.09 22.61 10.09
N ASP B 270 -11.64 21.57 10.79
CA ASP B 270 -11.32 20.31 10.15
C ASP B 270 -12.48 19.77 9.33
N ILE B 271 -13.70 20.01 9.79
CA ILE B 271 -14.87 19.48 9.08
C ILE B 271 -15.82 20.56 8.52
N PHE B 272 -15.75 21.78 9.04
CA PHE B 272 -16.60 22.86 8.53
C PHE B 272 -15.82 23.98 7.84
N GLY B 273 -14.49 23.88 7.85
CA GLY B 273 -13.64 24.90 7.25
C GLY B 273 -13.45 24.72 5.76
N ASP B 274 -12.92 25.76 5.11
CA ASP B 274 -12.59 25.70 3.69
C ASP B 274 -11.09 25.42 3.52
N SER B 275 -10.76 24.25 3.00
CA SER B 275 -9.36 23.86 2.87
C SER B 275 -8.52 24.90 2.13
N THR B 276 -9.17 25.64 1.22
CA THR B 276 -8.49 26.72 0.50
C THR B 276 -8.16 27.89 1.44
N LYS B 277 -8.86 27.96 2.58
CA LYS B 277 -8.60 29.00 3.55
C LYS B 277 -7.76 28.51 4.74
N THR B 278 -7.97 27.26 5.14
CA THR B 278 -7.21 26.69 6.27
C THR B 278 -5.87 26.13 5.81
N GLY B 279 -5.75 25.87 4.51
CA GLY B 279 -4.52 25.36 3.93
C GLY B 279 -4.26 23.88 4.16
N LYS B 280 -5.25 23.16 4.70
CA LYS B 280 -5.10 21.73 4.96
C LYS B 280 -6.38 20.95 4.66
N VAL B 281 -6.24 19.67 4.35
CA VAL B 281 -7.39 18.86 3.93
C VAL B 281 -8.14 18.26 5.11
N SER B 283 -9.35 15.29 7.92
CA SER B 283 -9.11 13.86 8.06
C SER B 283 -9.48 13.27 9.45
N ASP B 284 -9.98 14.11 10.36
CA ASP B 284 -10.31 13.64 11.73
C ASP B 284 -11.19 12.39 11.77
N ILE B 285 -12.30 12.44 11.04
CA ILE B 285 -13.24 11.32 10.98
C ILE B 285 -12.55 10.05 10.47
N GLN B 286 -11.81 10.18 9.36
CA GLN B 286 -11.09 9.06 8.76
C GLN B 286 -10.11 8.47 9.75
N ASN B 287 -9.43 9.35 10.48
CA ASN B 287 -8.36 8.96 11.39
C ASN B 287 -8.85 8.49 12.76
N ASN B 288 -10.18 8.51 12.95
CA ASN B 288 -10.75 8.01 14.18
C ASN B 288 -10.37 8.88 15.39
N LYS B 289 -10.39 10.20 15.20
CA LYS B 289 -10.03 11.11 16.30
C LYS B 289 -11.19 11.39 17.24
N LEU B 290 -10.88 11.62 18.52
CA LEU B 290 -11.86 12.12 19.46
C LEU B 290 -11.97 13.63 19.28
N THR B 291 -13.04 14.08 18.65
CA THR B 291 -13.20 15.49 18.35
C THR B 291 -14.39 16.13 19.10
N TRP B 292 -14.38 17.45 19.17
CA TRP B 292 -15.46 18.18 19.81
C TRP B 292 -16.80 17.94 19.10
N PRO B 293 -16.79 17.95 17.75
CA PRO B 293 -18.04 17.66 17.05
C PRO B 293 -18.56 16.26 17.34
N LEU B 294 -17.66 15.29 17.46
CA LEU B 294 -18.06 13.93 17.81
C LEU B 294 -18.73 13.85 19.19
N ILE B 295 -18.08 14.41 20.20
CA ILE B 295 -18.63 14.40 21.55
C ILE B 295 -19.96 15.12 21.62
N LYS B 296 -20.04 16.30 21.02
CA LYS B 296 -21.27 17.09 21.07
C LYS B 296 -22.44 16.33 20.41
N THR B 297 -22.17 15.70 19.28
CA THR B 297 -23.19 14.93 18.58
C THR B 297 -23.62 13.73 19.42
N PHE B 298 -22.64 13.04 20.00
CA PHE B 298 -22.92 11.82 20.73
C PHE B 298 -23.82 12.04 21.93
N GLU B 299 -23.68 13.18 22.60
CA GLU B 299 -24.51 13.47 23.77
C GLU B 299 -25.96 13.96 23.42
N LEU B 300 -26.15 14.42 22.19
CA LEU B 300 -27.45 14.98 21.76
C LEU B 300 -28.27 14.04 20.87
N CYS B 301 -27.62 13.09 20.23
CA CYS B 301 -28.28 12.32 19.18
C CYS B 301 -29.08 11.11 19.69
N SER B 302 -29.94 10.60 18.83
CA SER B 302 -30.81 9.46 19.15
C SER B 302 -29.97 8.19 19.30
N GLU B 303 -30.60 7.16 19.86
CA GLU B 303 -29.94 5.87 20.01
C GLU B 303 -29.60 5.21 18.67
N PRO B 304 -30.52 5.28 17.68
CA PRO B 304 -30.12 4.70 16.39
C PRO B 304 -28.93 5.46 15.77
N ASP B 305 -28.84 6.76 16.01
CA ASP B 305 -27.74 7.55 15.43
C ASP B 305 -26.39 7.27 16.10
N LYS B 306 -26.42 6.84 17.36
CA LYS B 306 -25.20 6.40 18.04
C LYS B 306 -24.65 5.16 17.36
N ILE B 307 -25.53 4.22 17.08
CA ILE B 307 -25.13 3.01 16.37
C ILE B 307 -24.59 3.35 14.98
N LYS B 308 -25.21 4.32 14.31
CA LYS B 308 -24.73 4.77 13.01
C LYS B 308 -23.33 5.40 13.13
N ILE B 309 -23.08 6.10 14.23
CA ILE B 309 -21.76 6.67 14.44
C ILE B 309 -20.72 5.55 14.65
N VAL B 310 -21.04 4.60 15.52
CA VAL B 310 -20.13 3.47 15.77
C VAL B 310 -19.82 2.70 14.48
N LYS B 311 -20.83 2.48 13.65
CA LYS B 311 -20.66 1.73 12.41
C LYS B 311 -19.79 2.47 11.37
N ASN B 312 -19.81 3.79 11.40
CA ASN B 312 -19.24 4.59 10.29
C ASN B 312 -17.98 5.41 10.61
N TYR B 313 -17.75 5.69 11.88
CA TYR B 313 -16.64 6.58 12.27
C TYR B 313 -15.30 5.85 12.22
N GLY B 314 -14.27 6.54 11.73
CA GLY B 314 -12.93 5.99 11.71
C GLY B 314 -12.65 5.10 10.51
N LYS B 315 -13.51 5.16 9.51
CA LYS B 315 -13.32 4.40 8.27
C LYS B 315 -12.84 5.29 7.14
N ASN B 316 -12.01 4.73 6.27
CA ASN B 316 -11.45 5.47 5.15
C ASN B 316 -12.49 5.73 4.05
N ASN B 317 -13.46 4.82 3.93
CA ASN B 317 -14.50 4.94 2.91
C ASN B 317 -15.19 6.32 2.95
N LEU B 318 -15.18 7.01 1.82
CA LEU B 318 -15.78 8.33 1.71
C LEU B 318 -17.27 8.34 2.07
N ALA B 319 -17.97 7.25 1.76
CA ALA B 319 -19.39 7.14 2.09
C ALA B 319 -19.59 7.05 3.61
N CYS B 320 -18.68 6.37 4.29
CA CYS B 320 -18.75 6.30 5.74
C CYS B 320 -18.57 7.66 6.32
N VAL B 321 -17.68 8.42 5.73
CA VAL B 321 -17.45 9.77 6.16
C VAL B 321 -18.64 10.71 5.91
N LYS B 322 -19.21 10.64 4.74
CA LYS B 322 -20.39 11.45 4.47
C LYS B 322 -21.48 11.21 5.52
N VAL B 323 -21.65 9.95 5.94
CA VAL B 323 -22.65 9.63 6.97
C VAL B 323 -22.42 10.46 8.24
N ILE B 324 -21.17 10.51 8.70
CA ILE B 324 -20.83 11.32 9.87
C ILE B 324 -21.05 12.79 9.58
N ASP B 325 -20.56 13.24 8.44
CA ASP B 325 -20.72 14.61 8.02
C ASP B 325 -22.21 14.99 7.95
N SER B 326 -23.04 14.08 7.46
CA SER B 326 -24.47 14.37 7.38
C SER B 326 -25.07 14.51 8.77
N LEU B 327 -24.60 13.69 9.71
CA LEU B 327 -25.08 13.79 11.09
C LEU B 327 -24.72 15.15 11.73
N TYR B 328 -23.50 15.63 11.44
CA TYR B 328 -23.08 16.90 11.98
C TYR B 328 -23.98 18.05 11.47
N GLU B 329 -24.43 17.92 10.23
CA GLU B 329 -25.39 18.86 9.66
C GLU B 329 -26.80 18.65 10.26
N GLN B 330 -27.26 17.41 10.29
CA GLN B 330 -28.58 17.09 10.88
C GLN B 330 -28.73 17.69 12.28
N TYR B 331 -27.69 17.56 13.10
CA TYR B 331 -27.73 18.02 14.49
C TYR B 331 -27.15 19.44 14.67
N LYS B 332 -26.99 20.16 13.56
CA LYS B 332 -26.55 21.56 13.59
C LYS B 332 -25.35 21.80 14.55
N ILE B 333 -24.28 21.04 14.33
CA ILE B 333 -23.09 21.18 15.15
C ILE B 333 -22.40 22.52 14.91
N ARG B 334 -22.49 23.03 13.69
CA ARG B 334 -21.94 24.36 13.39
C ARG B 334 -22.50 25.40 14.33
N LYS B 335 -23.81 25.34 14.57
CA LYS B 335 -24.46 26.27 15.50
C LYS B 335 -24.10 26.00 16.97
N HIS B 336 -23.89 24.74 17.34
CA HIS B 336 -23.42 24.46 18.70
C HIS B 336 -22.05 25.09 18.93
N TYR B 337 -21.19 25.03 17.92
CA TYR B 337 -19.87 25.63 18.06
C TYR B 337 -19.95 27.12 18.37
N GLU B 338 -20.77 27.84 17.60
CA GLU B 338 -20.89 29.28 17.80
C GLU B 338 -21.24 29.60 19.24
N SER B 339 -22.11 28.78 19.82
CA SER B 339 -22.52 28.96 21.19
C SER B 339 -21.36 28.68 22.15
N TYR B 340 -20.60 27.63 21.87
CA TYR B 340 -19.44 27.33 22.71
C TYR B 340 -18.40 28.45 22.65
N GLU B 341 -18.20 28.99 21.44
CA GLU B 341 -17.16 30.00 21.23
C GLU B 341 -17.42 31.25 22.05
N LYS B 342 -18.69 31.67 22.08
CA LYS B 342 -19.08 32.87 22.84
C LYS B 342 -18.87 32.70 24.35
N ALA B 343 -19.28 31.55 24.88
CA ALA B 343 -19.13 31.26 26.32
C ALA B 343 -17.65 31.11 26.73
N GLN B 344 -16.85 30.45 25.88
CA GLN B 344 -15.46 30.19 26.20
C GLN B 344 -14.64 31.48 26.18
N LYS B 345 -14.93 32.34 25.21
CA LYS B 345 -14.22 33.59 25.12
C LYS B 345 -14.47 34.42 26.36
N ALA B 346 -15.71 34.39 26.84
CA ALA B 346 -16.09 35.12 28.04
C ALA B 346 -15.38 34.55 29.27
N LYS B 347 -15.35 33.23 29.37
CA LYS B 347 -14.68 32.59 30.49
C LYS B 347 -13.17 32.88 30.48
N ILE B 348 -12.59 33.00 29.28
CA ILE B 348 -11.16 33.33 29.16
C ILE B 348 -10.86 34.79 29.58
N LEU B 349 -11.60 35.74 29.01
CA LEU B 349 -11.47 37.14 29.38
C LEU B 349 -11.68 37.32 30.88
N SER B 350 -12.57 36.52 31.43
CA SER B 350 -12.86 36.52 32.84
C SER B 350 -11.61 36.19 33.66
N ALA B 351 -10.93 35.12 33.27
CA ALA B 351 -9.70 34.69 33.96
C ALA B 351 -8.56 35.68 33.75
N ILE B 352 -8.48 36.24 32.54
CA ILE B 352 -7.46 37.24 32.23
C ILE B 352 -7.58 38.46 33.16
N ASN B 353 -8.81 38.85 33.49
CA ASN B 353 -9.04 40.00 34.37
C ASN B 353 -8.67 39.74 35.83
N GLU B 354 -8.56 38.47 36.20
CA GLU B 354 -8.15 38.11 37.54
C GLU B 354 -6.62 37.96 37.66
N LEU B 355 -5.91 38.28 36.59
CA LEU B 355 -4.44 38.24 36.59
C LEU B 355 -3.82 39.28 37.51
N HIS B 356 -4.33 40.50 37.41
CA HIS B 356 -3.75 41.65 38.13
C HIS B 356 -2.35 41.98 37.58
N HIS B 357 -2.22 41.91 36.26
CA HIS B 357 -1.03 42.37 35.58
C HIS B 357 -1.42 43.05 34.25
N GLU B 358 -1.48 44.38 34.28
CA GLU B 358 -2.00 45.19 33.17
C GLU B 358 -1.39 44.84 31.81
N GLY B 359 -0.05 44.84 31.75
CA GLY B 359 0.67 44.56 30.51
C GLY B 359 0.38 43.18 29.94
N ILE B 360 0.47 42.14 30.76
CA ILE B 360 0.19 40.78 30.28
C ILE B 360 -1.27 40.61 29.89
N GLU B 361 -2.18 41.21 30.66
CA GLU B 361 -3.61 41.17 30.37
C GLU B 361 -3.88 41.77 28.99
N TYR B 362 -3.18 42.85 28.70
CA TYR B 362 -3.33 43.57 27.44
C TYR B 362 -2.90 42.72 26.23
N VAL B 363 -1.80 41.97 26.39
CA VAL B 363 -1.33 41.11 25.34
C VAL B 363 -2.28 39.92 25.11
N LEU B 364 -2.77 39.36 26.20
CA LEU B 364 -3.65 38.22 26.12
C LEU B 364 -5.02 38.58 25.49
N LYS B 365 -5.50 39.79 25.76
CA LYS B 365 -6.75 40.26 25.14
C LYS B 365 -6.56 40.47 23.63
N TYR B 366 -5.43 41.04 23.25
CA TYR B 366 -5.13 41.18 21.84
C TYR B 366 -4.97 39.82 21.17
N LEU B 367 -4.28 38.91 21.84
CA LEU B 367 -4.12 37.56 21.33
C LEU B 367 -5.47 36.92 21.09
N LEU B 368 -6.39 37.11 22.03
CA LEU B 368 -7.69 36.49 21.95
C LEU B 368 -8.48 36.99 20.75
N GLU B 369 -8.34 38.28 20.46
CA GLU B 369 -9.04 38.88 19.33
C GLU B 369 -8.49 38.39 17.99
N ILE B 370 -7.23 37.98 17.98
CA ILE B 370 -6.52 37.74 16.74
C ILE B 370 -6.14 36.25 16.49
N LEU B 371 -6.53 35.38 17.43
CA LEU B 371 -6.17 33.95 17.35
C LEU B 371 -6.43 33.28 15.99
N PHE B 372 -7.64 33.42 15.48
CA PHE B 372 -8.05 32.64 14.32
C PHE B 372 -7.62 33.19 12.98
N THR B 373 -7.21 34.46 12.96
CA THR B 373 -6.74 35.10 11.73
C THR B 373 -5.23 35.30 11.75
N GLY B 374 -4.68 35.61 12.93
CA GLY B 374 -3.25 35.83 13.08
C GLY B 374 -2.89 37.29 13.29
N PHE C 16 -39.66 -19.23 -10.33
CA PHE C 16 -38.30 -18.92 -10.87
C PHE C 16 -37.26 -18.81 -9.76
N ARG C 17 -37.61 -18.14 -8.67
CA ARG C 17 -36.70 -18.03 -7.53
C ARG C 17 -36.53 -19.41 -6.87
N ASN C 18 -37.58 -20.23 -6.94
CA ASN C 18 -37.54 -21.59 -6.40
C ASN C 18 -36.65 -22.52 -7.18
N MET C 19 -36.43 -22.19 -8.45
CA MET C 19 -35.65 -23.04 -9.35
C MET C 19 -34.12 -22.85 -9.21
N TYR C 20 -33.70 -21.78 -8.54
CA TYR C 20 -32.27 -21.47 -8.40
C TYR C 20 -31.40 -22.69 -8.02
N ASP C 21 -31.74 -23.34 -6.92
CA ASP C 21 -30.98 -24.48 -6.41
C ASP C 21 -30.69 -25.51 -7.50
N LYS C 22 -31.71 -25.85 -8.28
CA LYS C 22 -31.56 -26.84 -9.33
C LYS C 22 -30.40 -26.49 -10.26
N TYR C 23 -30.36 -25.25 -10.73
CA TYR C 23 -29.31 -24.85 -11.68
C TYR C 23 -27.92 -24.72 -11.02
N ARG C 24 -27.86 -24.14 -9.82
CA ARG C 24 -26.60 -24.07 -9.09
C ARG C 24 -25.99 -25.48 -8.90
N ASP C 25 -26.81 -26.41 -8.41
CA ASP C 25 -26.35 -27.75 -8.13
C ASP C 25 -26.00 -28.58 -9.40
N ALA C 26 -26.71 -28.32 -10.51
CA ALA C 26 -26.36 -28.98 -11.78
C ALA C 26 -24.92 -28.62 -12.15
N PHE C 27 -24.57 -27.34 -12.02
CA PHE C 27 -23.19 -26.92 -12.26
C PHE C 27 -22.24 -27.46 -11.20
N LEU C 28 -22.60 -27.30 -9.93
CA LEU C 28 -21.76 -27.78 -8.84
C LEU C 28 -21.50 -29.26 -8.97
N SER C 29 -22.45 -29.97 -9.57
CA SER C 29 -22.33 -31.41 -9.78
C SER C 29 -21.38 -31.75 -10.94
N HIS C 30 -21.28 -30.85 -11.91
CA HIS C 30 -20.27 -30.98 -12.97
C HIS C 30 -18.85 -30.89 -12.36
N LEU C 31 -18.64 -29.93 -11.47
CA LEU C 31 -17.33 -29.79 -10.81
C LEU C 31 -17.02 -31.03 -9.99
N ASN C 32 -18.06 -31.62 -9.39
CA ASN C 32 -17.91 -32.79 -8.53
C ASN C 32 -17.47 -34.06 -9.27
N GLU C 33 -17.63 -34.09 -10.58
CA GLU C 33 -17.17 -35.22 -11.38
C GLU C 33 -15.64 -35.21 -11.61
N TYR C 34 -14.98 -34.08 -11.36
CA TYR C 34 -13.53 -33.98 -11.61
C TYR C 34 -12.77 -35.06 -10.84
N SER C 35 -11.68 -35.57 -11.43
CA SER C 35 -10.82 -36.53 -10.75
C SER C 35 -9.97 -35.81 -9.73
N LEU C 36 -10.54 -35.63 -8.54
CA LEU C 36 -9.88 -34.95 -7.46
C LEU C 36 -10.06 -35.79 -6.22
N GLU C 37 -9.12 -35.70 -5.29
CA GLU C 37 -9.29 -36.42 -4.01
C GLU C 37 -10.55 -35.92 -3.31
N GLU C 38 -11.20 -36.80 -2.55
CA GLU C 38 -12.49 -36.50 -1.95
C GLU C 38 -12.47 -35.30 -1.01
N GLU C 39 -11.43 -35.19 -0.18
CA GLU C 39 -11.30 -34.02 0.71
C GLU C 39 -11.29 -32.74 -0.13
N ILE C 40 -10.53 -32.76 -1.22
CA ILE C 40 -10.43 -31.60 -2.11
C ILE C 40 -11.81 -31.24 -2.71
N LYS C 41 -12.54 -32.26 -3.17
CA LYS C 41 -13.87 -32.05 -3.76
C LYS C 41 -14.84 -31.36 -2.81
N GLU C 42 -14.85 -31.79 -1.55
CA GLU C 42 -15.73 -31.16 -0.53
C GLU C 42 -15.36 -29.68 -0.24
N HIS C 43 -14.07 -29.35 -0.20
CA HIS C 43 -13.67 -27.95 -0.08
C HIS C 43 -14.20 -27.17 -1.28
N ILE C 44 -13.98 -27.72 -2.48
CA ILE C 44 -14.41 -27.09 -3.70
C ILE C 44 -15.92 -26.84 -3.74
N SER C 45 -16.70 -27.82 -3.31
CA SER C 45 -18.14 -27.64 -3.36
C SER C 45 -18.58 -26.56 -2.35
N LYS C 46 -17.91 -26.52 -1.20
CA LYS C 46 -18.20 -25.50 -0.18
C LYS C 46 -17.91 -24.09 -0.69
N TYR C 47 -16.70 -23.88 -1.21
CA TYR C 47 -16.34 -22.57 -1.75
C TYR C 47 -17.28 -22.14 -2.90
N TYR C 48 -17.49 -23.01 -3.87
CA TYR C 48 -18.27 -22.61 -5.04
C TYR C 48 -19.76 -22.42 -4.79
N LYS C 49 -20.30 -23.22 -3.87
CA LYS C 49 -21.68 -23.00 -3.44
C LYS C 49 -21.85 -21.58 -2.86
N LEU C 50 -20.87 -21.12 -2.07
CA LEU C 50 -20.93 -19.77 -1.53
C LEU C 50 -20.77 -18.72 -2.63
N LEU C 51 -19.80 -18.92 -3.52
CA LEU C 51 -19.61 -18.02 -4.66
C LEU C 51 -20.95 -17.74 -5.33
N PHE C 52 -21.66 -18.81 -5.70
CA PHE C 52 -22.94 -18.66 -6.36
C PHE C 52 -24.03 -17.98 -5.48
N ASP C 53 -24.19 -18.45 -4.26
CA ASP C 53 -25.23 -17.91 -3.39
C ASP C 53 -24.98 -16.46 -3.08
N TYR C 54 -23.75 -16.16 -2.71
CA TYR C 54 -23.39 -14.85 -2.30
C TYR C 54 -23.62 -13.82 -3.41
N ASN C 55 -23.38 -14.22 -4.65
CA ASN C 55 -23.41 -13.27 -5.76
C ASN C 55 -24.57 -13.37 -6.73
N CYS C 56 -25.28 -14.50 -6.74
CA CYS C 56 -26.38 -14.69 -7.67
C CYS C 56 -27.74 -14.31 -7.09
N LEU C 57 -27.83 -14.29 -5.75
CA LEU C 57 -29.08 -14.01 -5.03
C LEU C 57 -29.10 -12.61 -4.42
N GLY C 58 -30.28 -12.02 -4.29
CA GLY C 58 -30.41 -10.73 -3.59
C GLY C 58 -30.76 -9.54 -4.46
N GLY C 59 -30.60 -9.69 -5.77
CA GLY C 59 -30.92 -8.61 -6.72
C GLY C 59 -32.39 -8.62 -7.08
N LYS C 60 -32.77 -7.82 -8.07
CA LYS C 60 -34.18 -7.75 -8.49
C LYS C 60 -34.59 -8.83 -9.50
N ASN C 61 -33.61 -9.42 -10.18
CA ASN C 61 -33.91 -10.46 -11.16
C ASN C 61 -34.82 -9.96 -12.29
N ASN C 62 -34.76 -8.65 -12.57
CA ASN C 62 -35.46 -8.06 -13.69
C ASN C 62 -35.09 -8.76 -15.00
N ARG C 63 -33.80 -9.01 -15.18
CA ARG C 63 -33.31 -9.63 -16.41
C ARG C 63 -33.82 -11.07 -16.57
N GLY C 64 -33.75 -11.84 -15.49
CA GLY C 64 -34.26 -13.21 -15.52
C GLY C 64 -35.76 -13.29 -15.76
N ILE C 65 -36.51 -12.50 -15.00
CA ILE C 65 -37.95 -12.42 -15.17
C ILE C 65 -38.32 -12.06 -16.62
N LEU C 66 -37.54 -11.18 -17.23
CA LEU C 66 -37.80 -10.73 -18.60
C LEU C 66 -37.79 -11.91 -19.59
N VAL C 67 -36.84 -12.83 -19.39
CA VAL C 67 -36.80 -14.08 -20.16
C VAL C 67 -38.06 -14.90 -19.96
N ILE C 68 -38.40 -15.16 -18.69
CA ILE C 68 -39.54 -15.99 -18.38
C ILE C 68 -40.82 -15.44 -19.00
N LEU C 69 -41.08 -14.15 -18.79
CA LEU C 69 -42.27 -13.51 -19.32
C LEU C 69 -42.30 -13.48 -20.85
N ILE C 70 -41.19 -13.07 -21.47
CA ILE C 70 -41.14 -13.05 -22.94
C ILE C 70 -41.45 -14.43 -23.47
N TYR C 71 -40.76 -15.43 -22.97
CA TYR C 71 -41.03 -16.80 -23.39
C TYR C 71 -42.52 -17.15 -23.26
N GLU C 72 -43.13 -16.73 -22.16
CA GLU C 72 -44.52 -17.10 -21.90
C GLU C 72 -45.49 -16.47 -22.87
N TYR C 73 -45.23 -15.22 -23.25
CA TYR C 73 -46.14 -14.50 -24.12
C TYR C 73 -45.82 -14.64 -25.62
N VAL C 74 -44.70 -15.26 -25.96
CA VAL C 74 -44.37 -15.49 -27.37
C VAL C 74 -44.92 -16.83 -27.86
N ILE C 79 -47.85 -23.88 -21.51
CA ILE C 79 -46.42 -24.23 -21.43
C ILE C 79 -46.20 -25.35 -20.41
N ASN C 80 -45.50 -26.40 -20.83
CA ASN C 80 -45.25 -27.51 -19.92
C ASN C 80 -44.01 -27.29 -19.04
N SER C 81 -43.87 -28.12 -17.99
CA SER C 81 -42.84 -27.87 -16.98
C SER C 81 -41.40 -28.06 -17.49
N SER C 82 -41.21 -28.93 -18.47
CA SER C 82 -39.87 -29.16 -19.03
C SER C 82 -39.48 -27.97 -19.91
N GLU C 83 -40.49 -27.32 -20.49
CA GLU C 83 -40.26 -26.12 -21.26
C GLU C 83 -39.87 -24.98 -20.32
N TRP C 84 -40.54 -24.90 -19.17
CA TRP C 84 -40.13 -23.95 -18.13
C TRP C 84 -38.71 -24.23 -17.69
N GLU C 85 -38.36 -25.51 -17.64
CA GLU C 85 -37.04 -25.91 -17.20
C GLU C 85 -35.93 -25.29 -18.06
N LYS C 86 -36.17 -25.23 -19.37
CA LYS C 86 -35.20 -24.65 -20.29
C LYS C 86 -35.20 -23.12 -20.20
N ALA C 87 -36.39 -22.52 -20.14
CA ALA C 87 -36.51 -21.06 -20.06
C ALA C 87 -35.90 -20.56 -18.76
N ALA C 88 -36.19 -21.27 -17.67
CA ALA C 88 -35.67 -20.92 -16.35
C ALA C 88 -34.13 -21.05 -16.28
N CYS C 89 -33.59 -21.99 -17.04
CA CYS C 89 -32.15 -22.12 -17.17
C CYS C 89 -31.53 -20.85 -17.75
N LEU C 90 -32.09 -20.37 -18.87
CA LEU C 90 -31.58 -19.15 -19.51
C LEU C 90 -31.81 -17.94 -18.61
N ALA C 91 -32.92 -17.95 -17.88
CA ALA C 91 -33.20 -16.87 -16.94
C ALA C 91 -32.13 -16.82 -15.86
N TRP C 92 -31.77 -17.97 -15.32
CA TRP C 92 -30.72 -18.03 -14.32
C TRP C 92 -29.32 -17.78 -14.90
N CYS C 93 -29.09 -18.23 -16.12
CA CYS C 93 -27.83 -17.94 -16.77
C CYS C 93 -27.58 -16.44 -16.91
N ILE C 94 -28.64 -15.67 -17.15
CA ILE C 94 -28.49 -14.21 -17.24
C ILE C 94 -28.25 -13.57 -15.86
N GLU C 95 -28.83 -14.16 -14.82
CA GLU C 95 -28.55 -13.69 -13.48
C GLU C 95 -27.14 -14.08 -13.05
N ILE C 96 -26.65 -15.19 -13.58
CA ILE C 96 -25.27 -15.58 -13.31
C ILE C 96 -24.31 -14.65 -14.06
N LEU C 97 -24.69 -14.27 -15.28
CA LEU C 97 -23.91 -13.32 -16.07
C LEU C 97 -23.82 -12.00 -15.29
N GLN C 98 -24.98 -11.53 -14.83
CA GLN C 98 -25.07 -10.33 -14.00
C GLN C 98 -24.15 -10.45 -12.78
N ALA C 99 -24.08 -11.65 -12.21
CA ALA C 99 -23.23 -11.90 -11.05
C ALA C 99 -21.73 -11.74 -11.38
N ALA C 100 -21.32 -12.32 -12.52
CA ALA C 100 -19.93 -12.21 -12.97
C ALA C 100 -19.55 -10.74 -13.21
N PHE C 101 -20.45 -10.01 -13.87
CA PHE C 101 -20.23 -8.59 -14.16
C PHE C 101 -20.13 -7.74 -12.90
N LEU C 102 -20.98 -8.00 -11.91
CA LEU C 102 -20.94 -7.24 -10.67
C LEU C 102 -19.68 -7.49 -9.87
N VAL C 103 -19.27 -8.76 -9.75
CA VAL C 103 -18.03 -9.08 -9.08
C VAL C 103 -16.88 -8.36 -9.77
N ALA C 104 -16.84 -8.45 -11.10
CA ALA C 104 -15.77 -7.82 -11.88
C ALA C 104 -15.82 -6.29 -11.78
N ASP C 105 -17.02 -5.72 -11.86
CA ASP C 105 -17.19 -4.28 -11.75
C ASP C 105 -16.70 -3.80 -10.39
N ASP C 106 -16.96 -4.58 -9.35
CA ASP C 106 -16.55 -4.20 -8.00
C ASP C 106 -15.02 -4.24 -7.84
N ILE C 107 -14.37 -5.20 -8.49
CA ILE C 107 -12.90 -5.20 -8.52
C ILE C 107 -12.39 -3.96 -9.24
N MET C 108 -12.92 -3.71 -10.45
CA MET C 108 -12.43 -2.62 -11.32
C MET C 108 -12.65 -1.21 -10.73
N ASP C 109 -13.79 -1.00 -10.09
CA ASP C 109 -14.12 0.31 -9.53
C ASP C 109 -13.87 0.38 -8.02
N LYS C 110 -13.09 -0.56 -7.50
CA LYS C 110 -12.81 -0.61 -6.07
C LYS C 110 -14.08 -0.44 -5.23
N GLY C 111 -15.11 -1.23 -5.53
CA GLY C 111 -16.39 -1.12 -4.84
C GLY C 111 -16.28 -1.49 -3.37
N GLU C 112 -17.29 -1.13 -2.59
CA GLU C 112 -17.25 -1.39 -1.16
C GLU C 112 -18.49 -2.20 -0.71
N MET C 113 -19.64 -1.90 -1.30
CA MET C 113 -20.89 -2.58 -0.97
C MET C 113 -21.71 -2.89 -2.23
N ARG C 114 -22.39 -4.03 -2.23
CA ARG C 114 -23.20 -4.46 -3.35
C ARG C 114 -24.34 -5.33 -2.82
N ARG C 115 -25.57 -5.02 -3.24
CA ARG C 115 -26.75 -5.69 -2.73
C ARG C 115 -26.77 -5.73 -1.20
N ASN C 116 -26.31 -4.62 -0.60
CA ASN C 116 -26.37 -4.42 0.85
C ASN C 116 -25.43 -5.27 1.68
N LYS C 117 -24.38 -5.77 1.05
CA LYS C 117 -23.35 -6.51 1.75
C LYS C 117 -22.01 -6.30 1.06
N TYR C 118 -20.93 -6.60 1.78
CA TYR C 118 -19.59 -6.41 1.26
C TYR C 118 -19.44 -7.03 -0.11
N CYS C 119 -18.66 -6.35 -0.96
CA CYS C 119 -18.29 -6.90 -2.23
C CYS C 119 -17.47 -8.15 -2.03
N TRP C 120 -17.75 -9.16 -2.86
CA TRP C 120 -17.03 -10.42 -2.82
C TRP C 120 -15.50 -10.26 -2.71
N TYR C 121 -14.91 -9.41 -3.52
CA TYR C 121 -13.44 -9.29 -3.57
C TYR C 121 -12.83 -8.78 -2.26
N LEU C 122 -13.66 -8.12 -1.44
CA LEU C 122 -13.18 -7.57 -0.18
C LEU C 122 -12.99 -8.60 0.93
N LEU C 123 -13.73 -9.70 0.87
CA LEU C 123 -13.66 -10.70 1.95
C LEU C 123 -12.24 -11.23 2.11
N LYS C 124 -11.81 -11.37 3.35
CA LYS C 124 -10.45 -11.86 3.64
C LYS C 124 -10.20 -13.26 3.10
N ASP C 125 -11.23 -14.09 3.08
CA ASP C 125 -11.11 -15.44 2.53
C ASP C 125 -11.13 -15.49 1.00
N VAL C 126 -11.31 -14.34 0.38
CA VAL C 126 -11.41 -14.27 -1.08
C VAL C 126 -10.29 -13.43 -1.68
N GLU C 127 -10.37 -12.12 -1.46
CA GLU C 127 -9.38 -11.17 -1.96
C GLU C 127 -9.46 -11.03 -3.46
N THR C 128 -8.68 -10.09 -3.99
CA THR C 128 -8.71 -9.83 -5.41
C THR C 128 -8.30 -11.04 -6.24
N LYS C 129 -7.28 -11.76 -5.80
CA LYS C 129 -6.79 -12.89 -6.56
C LYS C 129 -7.88 -13.94 -6.84
N ASN C 130 -8.67 -14.29 -5.83
CA ASN C 130 -9.78 -15.23 -6.03
C ASN C 130 -10.94 -14.65 -6.82
N ALA C 131 -11.25 -13.39 -6.56
CA ALA C 131 -12.39 -12.76 -7.23
C ALA C 131 -12.21 -12.79 -8.76
N VAL C 132 -11.01 -12.48 -9.22
CA VAL C 132 -10.69 -12.51 -10.65
C VAL C 132 -10.99 -13.89 -11.26
N ASN C 133 -10.47 -14.92 -10.60
CA ASN C 133 -10.62 -16.29 -11.06
C ASN C 133 -12.09 -16.68 -11.00
N ASP C 134 -12.80 -16.11 -10.04
CA ASP C 134 -14.23 -16.40 -9.86
C ASP C 134 -15.12 -15.77 -10.93
N VAL C 135 -14.79 -14.56 -11.37
CA VAL C 135 -15.49 -13.94 -12.50
C VAL C 135 -15.49 -14.92 -13.69
N LEU C 136 -14.34 -15.51 -13.97
CA LEU C 136 -14.23 -16.44 -15.07
C LEU C 136 -14.97 -17.75 -14.82
N LEU C 137 -15.04 -18.17 -13.56
CA LEU C 137 -15.78 -19.37 -13.24
C LEU C 137 -17.25 -19.13 -13.47
N LEU C 138 -17.77 -18.04 -12.88
CA LEU C 138 -19.16 -17.68 -13.07
C LEU C 138 -19.51 -17.55 -14.55
N TYR C 139 -18.66 -16.85 -15.30
CA TYR C 139 -18.92 -16.63 -16.72
C TYR C 139 -19.00 -17.93 -17.50
N ASN C 140 -18.06 -18.83 -17.24
CA ASN C 140 -18.02 -20.11 -17.91
C ASN C 140 -19.14 -21.10 -17.49
N SER C 141 -19.62 -20.96 -16.26
CA SER C 141 -20.71 -21.84 -15.77
C SER C 141 -21.97 -21.68 -16.63
N ILE C 142 -22.19 -20.48 -17.14
CA ILE C 142 -23.34 -20.20 -18.02
C ILE C 142 -23.38 -21.16 -19.21
N TYR C 143 -22.25 -21.29 -19.89
CA TYR C 143 -22.19 -22.10 -21.08
C TYR C 143 -22.31 -23.59 -20.76
N LYS C 144 -21.90 -23.98 -19.56
CA LYS C 144 -22.05 -25.36 -19.10
C LYS C 144 -23.53 -25.67 -18.80
N LEU C 145 -24.23 -24.74 -18.16
CA LEU C 145 -25.68 -24.88 -17.93
C LEU C 145 -26.47 -24.93 -19.24
N ILE C 146 -26.10 -24.09 -20.19
CA ILE C 146 -26.81 -24.06 -21.46
C ILE C 146 -26.57 -25.35 -22.23
N GLU C 147 -25.40 -25.94 -22.07
CA GLU C 147 -25.12 -27.24 -22.66
C GLU C 147 -26.02 -28.31 -22.04
N ILE C 148 -26.01 -28.38 -20.72
CA ILE C 148 -26.78 -29.39 -19.97
C ILE C 148 -28.28 -29.40 -20.32
N TYR C 149 -28.85 -28.21 -20.43
CA TYR C 149 -30.31 -28.07 -20.57
C TYR C 149 -30.80 -27.83 -21.99
N LEU C 150 -29.94 -27.30 -22.87
CA LEU C 150 -30.38 -26.93 -24.24
C LEU C 150 -29.55 -27.56 -25.37
N ARG C 151 -28.57 -28.39 -25.01
CA ARG C 151 -27.69 -29.07 -25.95
C ARG C 151 -28.40 -29.53 -27.23
N ASN C 152 -29.58 -30.10 -27.06
CA ASN C 152 -30.29 -30.70 -28.18
C ASN C 152 -31.33 -29.81 -28.83
N GLU C 153 -31.46 -28.58 -28.33
CA GLU C 153 -32.42 -27.64 -28.89
C GLU C 153 -31.92 -27.03 -30.19
N SER C 154 -32.86 -26.80 -31.09
CA SER C 154 -32.56 -26.22 -32.37
C SER C 154 -31.86 -24.87 -32.23
N CYS C 155 -32.23 -24.11 -31.21
CA CYS C 155 -31.72 -22.76 -31.02
C CYS C 155 -30.38 -22.73 -30.26
N TYR C 156 -29.88 -23.91 -29.90
CA TYR C 156 -28.67 -24.01 -29.07
C TYR C 156 -27.52 -23.06 -29.49
N VAL C 157 -27.10 -23.13 -30.75
CA VAL C 157 -25.96 -22.32 -31.21
C VAL C 157 -26.28 -20.83 -31.27
N ASP C 158 -27.51 -20.48 -31.62
CA ASP C 158 -27.92 -19.08 -31.61
C ASP C 158 -28.00 -18.49 -30.18
N VAL C 159 -28.42 -19.31 -29.22
CA VAL C 159 -28.45 -18.89 -27.85
C VAL C 159 -27.02 -18.63 -27.35
N ILE C 160 -26.10 -19.54 -27.62
CA ILE C 160 -24.74 -19.34 -27.15
C ILE C 160 -24.07 -18.15 -27.84
N ALA C 161 -24.52 -17.86 -29.07
CA ALA C 161 -23.99 -16.72 -29.81
C ALA C 161 -24.51 -15.39 -29.24
N THR C 162 -25.77 -15.37 -28.80
CA THR C 162 -26.36 -14.17 -28.21
C THR C 162 -25.67 -13.81 -26.90
N PHE C 163 -25.43 -14.81 -26.05
CA PHE C 163 -24.68 -14.57 -24.83
C PHE C 163 -23.30 -14.03 -25.14
N ARG C 164 -22.59 -14.69 -26.03
CA ARG C 164 -21.24 -14.31 -26.38
C ARG C 164 -21.18 -12.88 -26.98
N ASP C 165 -22.05 -12.60 -27.95
CA ASP C 165 -22.09 -11.29 -28.58
C ASP C 165 -22.48 -10.15 -27.62
N ALA C 166 -23.47 -10.40 -26.77
CA ALA C 166 -23.85 -9.41 -25.76
C ALA C 166 -22.71 -9.14 -24.79
N THR C 167 -22.03 -10.20 -24.36
CA THR C 167 -20.91 -10.07 -23.44
C THR C 167 -19.79 -9.23 -24.06
N LEU C 168 -19.48 -9.49 -25.34
CA LEU C 168 -18.47 -8.69 -26.06
C LEU C 168 -18.83 -7.18 -26.06
N LYS C 169 -20.07 -6.85 -26.38
CA LYS C 169 -20.48 -5.46 -26.34
C LYS C 169 -20.40 -4.88 -24.93
N THR C 170 -20.74 -5.68 -23.93
CA THR C 170 -20.62 -5.22 -22.52
C THR C 170 -19.17 -4.94 -22.14
N ILE C 171 -18.26 -5.82 -22.55
CA ILE C 171 -16.84 -5.61 -22.27
C ILE C 171 -16.33 -4.31 -22.93
N ILE C 172 -16.75 -4.04 -24.15
CA ILE C 172 -16.36 -2.80 -24.85
C ILE C 172 -16.92 -1.55 -24.14
N GLY C 173 -18.18 -1.63 -23.71
CA GLY C 173 -18.81 -0.55 -22.95
C GLY C 173 -18.09 -0.28 -21.63
N GLN C 174 -17.75 -1.35 -20.93
CA GLN C 174 -17.03 -1.22 -19.68
C GLN C 174 -15.63 -0.59 -19.91
N HIS C 175 -14.98 -0.99 -20.99
CA HIS C 175 -13.71 -0.40 -21.37
C HIS C 175 -13.82 1.14 -21.55
N LEU C 176 -14.86 1.58 -22.23
CA LEU C 176 -15.08 2.97 -22.46
C LEU C 176 -15.45 3.71 -21.15
N ASP C 177 -16.32 3.09 -20.36
CA ASP C 177 -16.72 3.65 -19.08
C ASP C 177 -15.51 3.85 -18.14
N THR C 178 -14.49 3.03 -18.33
CA THR C 178 -13.33 3.05 -17.50
C THR C 178 -12.27 4.05 -17.99
N ASN C 179 -12.21 4.27 -19.31
CA ASN C 179 -11.08 4.97 -19.92
C ASN C 179 -11.41 6.25 -20.67
N ILE C 180 -12.68 6.62 -20.71
CA ILE C 180 -13.13 7.76 -21.52
C ILE C 180 -12.45 9.09 -21.16
N PHE C 181 -12.09 9.27 -19.89
CA PHE C 181 -11.41 10.49 -19.47
C PHE C 181 -9.88 10.31 -19.36
N SER C 182 -9.37 9.15 -19.76
CA SER C 182 -7.93 8.92 -19.65
C SER C 182 -7.18 9.48 -20.87
N ASP C 183 -5.86 9.52 -20.79
CA ASP C 183 -5.02 10.06 -21.90
C ASP C 183 -5.26 9.39 -23.26
N LYS C 184 -5.53 8.09 -23.23
CA LYS C 184 -5.65 7.29 -24.44
C LYS C 184 -6.88 7.66 -25.29
N TYR C 185 -7.75 8.51 -24.74
CA TYR C 185 -8.94 8.94 -25.45
C TYR C 185 -9.00 10.46 -25.61
N SER C 186 -7.85 11.07 -25.83
CA SER C 186 -7.78 12.52 -26.06
C SER C 186 -7.56 12.83 -27.53
N ILE C 192 -0.36 4.29 -25.59
CA ILE C 192 -0.01 3.59 -24.34
C ILE C 192 1.50 3.48 -24.15
N ASP C 193 1.95 3.87 -22.96
CA ASP C 193 3.37 3.85 -22.63
C ASP C 193 3.75 2.52 -21.96
N VAL C 194 4.33 1.61 -22.74
CA VAL C 194 4.67 0.28 -22.25
C VAL C 194 5.90 0.24 -21.34
N ASN C 195 6.50 1.41 -21.09
CA ASN C 195 7.68 1.52 -20.22
C ASN C 195 7.35 2.12 -18.87
N ASN C 196 6.10 2.58 -18.71
CA ASN C 196 5.71 3.25 -17.50
C ASN C 196 4.96 2.37 -16.51
N ILE C 197 5.71 1.84 -15.53
CA ILE C 197 5.09 1.17 -14.40
C ILE C 197 5.27 2.02 -13.14
N GLN C 202 -3.20 10.02 -12.83
CA GLN C 202 -3.94 11.06 -12.12
C GLN C 202 -5.24 11.44 -12.85
N PRO C 203 -6.40 11.15 -12.23
CA PRO C 203 -7.72 11.32 -12.84
C PRO C 203 -8.17 12.78 -13.00
N VAL C 204 -8.49 13.16 -14.24
CA VAL C 204 -9.05 14.46 -14.55
C VAL C 204 -10.17 14.25 -15.57
N ILE C 205 -11.07 15.22 -15.70
CA ILE C 205 -12.14 15.09 -16.71
C ILE C 205 -11.69 15.65 -18.07
N ASP C 206 -12.24 15.08 -19.14
CA ASP C 206 -11.89 15.50 -20.50
C ASP C 206 -13.09 16.22 -21.12
N ILE C 207 -13.03 17.55 -21.15
CA ILE C 207 -14.20 18.36 -21.52
C ILE C 207 -14.84 17.98 -22.87
N ASN C 208 -14.04 17.49 -23.80
CA ASN C 208 -14.56 17.11 -25.11
C ASN C 208 -15.35 15.81 -25.08
N MET C 209 -15.19 15.04 -24.01
CA MET C 209 -15.91 13.78 -23.87
C MET C 209 -17.21 13.94 -23.10
N ILE C 210 -17.44 15.12 -22.54
CA ILE C 210 -18.64 15.34 -21.75
C ILE C 210 -19.79 15.74 -22.64
N ASN C 211 -20.36 14.75 -23.32
CA ASN C 211 -21.47 14.99 -24.20
C ASN C 211 -22.33 13.75 -24.36
N PHE C 212 -23.60 13.98 -24.67
CA PHE C 212 -24.60 12.94 -24.71
C PHE C 212 -24.29 11.87 -25.77
N GLY C 213 -23.70 12.30 -26.89
CA GLY C 213 -23.34 11.36 -27.95
C GLY C 213 -22.40 10.28 -27.44
N VAL C 214 -21.31 10.71 -26.83
CA VAL C 214 -20.34 9.80 -26.23
C VAL C 214 -21.00 8.91 -25.16
N TYR C 215 -21.82 9.53 -24.31
CA TYR C 215 -22.48 8.83 -23.21
C TYR C 215 -23.39 7.72 -23.69
N LYS C 216 -24.20 8.00 -24.72
CA LYS C 216 -25.07 6.99 -25.31
C LYS C 216 -24.26 5.83 -25.88
N ASN C 217 -23.20 6.14 -26.61
CA ASN C 217 -22.25 5.10 -27.08
C ASN C 217 -21.95 4.10 -25.96
N ILE C 218 -21.49 4.65 -24.83
CA ILE C 218 -21.00 3.87 -23.71
C ILE C 218 -22.10 3.07 -23.04
N VAL C 219 -23.20 3.75 -22.73
CA VAL C 219 -24.26 3.15 -21.95
C VAL C 219 -25.06 2.10 -22.71
N ILE C 220 -25.19 2.28 -24.01
CA ILE C 220 -25.79 1.28 -24.88
C ILE C 220 -24.99 -0.03 -24.83
N HIS C 221 -23.66 0.08 -24.93
CA HIS C 221 -22.80 -1.09 -24.92
C HIS C 221 -22.64 -1.69 -23.54
N LYS C 222 -22.56 -0.83 -22.54
CA LYS C 222 -22.32 -1.26 -21.19
C LYS C 222 -23.55 -1.93 -20.54
N THR C 223 -24.75 -1.56 -20.97
CA THR C 223 -25.97 -1.97 -20.26
C THR C 223 -27.08 -2.54 -21.16
N ALA C 224 -27.29 -1.93 -22.33
CA ALA C 224 -28.43 -2.28 -23.18
C ALA C 224 -28.41 -3.72 -23.66
N TYR C 225 -27.28 -4.18 -24.14
CA TYR C 225 -27.21 -5.49 -24.76
C TYR C 225 -27.41 -6.65 -23.82
N TYR C 226 -26.79 -6.60 -22.65
CA TYR C 226 -26.93 -7.72 -21.71
C TYR C 226 -28.18 -7.59 -20.82
N SER C 227 -28.66 -6.38 -20.64
CA SER C 227 -29.80 -6.16 -19.75
C SER C 227 -31.16 -6.29 -20.42
N PHE C 228 -31.22 -5.98 -21.70
CA PHE C 228 -32.49 -6.01 -22.40
C PHE C 228 -32.46 -6.88 -23.63
N PHE C 229 -31.52 -6.63 -24.53
CA PHE C 229 -31.45 -7.41 -25.76
C PHE C 229 -31.30 -8.91 -25.50
N LEU C 230 -30.29 -9.28 -24.71
CA LEU C 230 -30.04 -10.68 -24.40
C LEU C 230 -31.28 -11.45 -23.84
N PRO C 231 -31.90 -10.92 -22.76
CA PRO C 231 -33.01 -11.71 -22.20
C PRO C 231 -34.20 -11.83 -23.14
N ILE C 232 -34.51 -10.75 -23.86
CA ILE C 232 -35.65 -10.78 -24.77
C ILE C 232 -35.39 -11.78 -25.88
N VAL C 233 -34.17 -11.74 -26.44
CA VAL C 233 -33.79 -12.65 -27.53
C VAL C 233 -33.74 -14.12 -27.06
N CYS C 234 -33.29 -14.36 -25.84
CA CYS C 234 -33.28 -15.72 -25.28
C CYS C 234 -34.67 -16.30 -25.33
N GLY C 235 -35.63 -15.58 -24.75
CA GLY C 235 -37.02 -16.03 -24.69
C GLY C 235 -37.63 -16.19 -26.07
N MET C 236 -37.26 -15.29 -26.98
CA MET C 236 -37.74 -15.34 -28.37
C MET C 236 -37.13 -16.52 -29.12
N LEU C 237 -35.83 -16.72 -28.96
CA LEU C 237 -35.17 -17.83 -29.62
C LEU C 237 -35.71 -19.15 -29.14
N LEU C 238 -35.87 -19.30 -27.83
CA LEU C 238 -36.36 -20.55 -27.26
C LEU C 238 -37.80 -20.85 -27.70
N ALA C 239 -38.60 -19.80 -27.94
CA ALA C 239 -39.98 -19.97 -28.40
C ALA C 239 -40.06 -20.23 -29.90
N GLY C 240 -38.91 -20.27 -30.55
CA GLY C 240 -38.83 -20.65 -31.96
C GLY C 240 -39.16 -19.56 -32.99
N ILE C 241 -39.02 -18.29 -32.63
CA ILE C 241 -39.24 -17.24 -33.63
C ILE C 241 -37.95 -16.94 -34.41
N ASP C 244 -33.24 -14.06 -37.58
CA ASP C 244 -33.76 -14.40 -38.89
C ASP C 244 -34.96 -13.51 -39.26
N ASN C 245 -35.91 -13.42 -38.34
CA ASN C 245 -37.11 -12.61 -38.50
C ASN C 245 -36.77 -11.13 -38.29
N LEU C 246 -37.34 -10.24 -39.11
CA LEU C 246 -37.04 -8.81 -39.05
C LEU C 246 -37.32 -8.22 -37.66
N ILE C 247 -38.01 -8.97 -36.82
CA ILE C 247 -38.40 -8.44 -35.52
C ILE C 247 -37.20 -8.29 -34.57
N TYR C 248 -36.14 -9.07 -34.78
CA TYR C 248 -34.96 -8.99 -33.91
C TYR C 248 -34.31 -7.60 -33.96
N LYS C 249 -34.25 -7.02 -35.16
CA LYS C 249 -33.69 -5.67 -35.35
C LYS C 249 -34.50 -4.63 -34.57
N LYS C 250 -35.82 -4.74 -34.60
CA LYS C 250 -36.69 -3.85 -33.86
C LYS C 250 -36.49 -4.00 -32.33
N ILE C 251 -36.30 -5.23 -31.87
CA ILE C 251 -36.05 -5.48 -30.43
C ILE C 251 -34.69 -4.91 -30.02
N GLU C 252 -33.72 -4.95 -30.93
CA GLU C 252 -32.42 -4.36 -30.67
C GLU C 252 -32.53 -2.85 -30.48
N ASP C 253 -33.29 -2.19 -31.37
CA ASP C 253 -33.52 -0.75 -31.27
C ASP C 253 -34.23 -0.36 -29.97
N ILE C 254 -35.29 -1.10 -29.63
CA ILE C 254 -35.99 -0.89 -28.37
C ILE C 254 -35.05 -1.10 -27.15
N SER C 255 -34.21 -2.13 -27.22
CA SER C 255 -33.27 -2.42 -26.15
C SER C 255 -32.28 -1.27 -25.93
N MET C 256 -31.83 -0.64 -27.01
CA MET C 256 -30.92 0.50 -26.89
C MET C 256 -31.58 1.66 -26.13
N LEU C 257 -32.84 1.95 -26.49
CA LEU C 257 -33.61 3.01 -25.81
C LEU C 257 -33.83 2.67 -24.34
N MET C 258 -34.09 1.40 -24.06
CA MET C 258 -34.34 0.94 -22.70
C MET C 258 -33.08 0.96 -21.85
N GLY C 259 -31.95 0.57 -22.44
CA GLY C 259 -30.67 0.57 -21.72
C GLY C 259 -30.26 1.99 -21.34
N GLU C 260 -30.42 2.92 -22.27
CA GLU C 260 -30.11 4.32 -22.03
C GLU C 260 -30.97 4.82 -20.87
N TYR C 261 -32.23 4.46 -20.93
CA TYR C 261 -33.23 4.83 -19.93
C TYR C 261 -32.87 4.23 -18.57
N PHE C 262 -32.48 2.96 -18.56
CA PHE C 262 -32.09 2.28 -17.32
C PHE C 262 -30.84 2.93 -16.70
N GLN C 263 -29.84 3.19 -17.53
CA GLN C 263 -28.58 3.72 -17.00
C GLN C 263 -28.70 5.16 -16.45
N ILE C 264 -29.46 6.01 -17.13
CA ILE C 264 -29.66 7.38 -16.69
C ILE C 264 -30.38 7.42 -15.33
N HIS C 265 -31.36 6.53 -15.16
CA HIS C 265 -32.03 6.34 -13.87
C HIS C 265 -31.04 5.80 -12.83
N ASP C 266 -30.16 4.89 -13.25
CA ASP C 266 -29.11 4.38 -12.36
C ASP C 266 -28.19 5.54 -11.93
N ASP C 267 -27.80 6.38 -12.88
CA ASP C 267 -26.96 7.53 -12.58
C ASP C 267 -27.68 8.45 -11.58
N TYR C 268 -29.00 8.56 -11.75
CA TYR C 268 -29.82 9.43 -10.90
C TYR C 268 -29.81 8.96 -9.45
N LEU C 269 -30.01 7.66 -9.26
CA LEU C 269 -29.98 7.07 -7.93
C LEU C 269 -28.59 7.12 -7.30
N ASP C 270 -27.55 7.16 -8.12
CA ASP C 270 -26.19 7.20 -7.57
C ASP C 270 -26.02 8.45 -6.71
N ILE C 271 -26.67 9.54 -7.09
CA ILE C 271 -26.68 10.75 -6.24
C ILE C 271 -27.93 10.74 -5.36
N THR C 278 -30.79 0.76 -2.78
CA THR C 278 -30.05 0.44 -3.99
C THR C 278 -29.03 -0.68 -3.74
N GLY C 279 -28.59 -0.79 -2.49
CA GLY C 279 -27.66 -1.86 -2.08
C GLY C 279 -26.19 -1.58 -2.34
N LYS C 280 -25.87 -0.35 -2.77
CA LYS C 280 -24.49 0.01 -3.08
C LYS C 280 -24.16 1.44 -2.64
N VAL C 281 -22.88 1.74 -2.49
CA VAL C 281 -22.44 3.06 -2.04
C VAL C 281 -22.69 4.14 -3.09
N SER C 283 -21.17 6.58 -5.64
CA SER C 283 -19.72 6.61 -5.78
C SER C 283 -19.19 7.18 -7.13
N ASP C 284 -20.08 7.56 -8.04
CA ASP C 284 -19.65 8.00 -9.40
C ASP C 284 -18.74 9.25 -9.42
N ILE C 285 -19.07 10.24 -8.58
CA ILE C 285 -18.33 11.48 -8.53
C ILE C 285 -16.87 11.27 -8.16
N GLN C 286 -16.61 10.62 -7.03
CA GLN C 286 -15.21 10.42 -6.63
C GLN C 286 -14.47 9.50 -7.57
N ASN C 287 -15.21 8.64 -8.28
CA ASN C 287 -14.61 7.71 -9.23
C ASN C 287 -14.42 8.29 -10.63
N ASN C 288 -14.76 9.56 -10.81
CA ASN C 288 -14.49 10.25 -12.08
C ASN C 288 -15.28 9.66 -13.28
N LYS C 289 -16.50 9.24 -13.03
CA LYS C 289 -17.32 8.63 -14.08
C LYS C 289 -18.05 9.67 -14.93
N LEU C 290 -18.18 9.40 -16.21
CA LEU C 290 -19.06 10.18 -17.05
C LEU C 290 -20.49 9.75 -16.76
N THR C 291 -21.27 10.65 -16.19
CA THR C 291 -22.65 10.35 -15.83
C THR C 291 -23.60 11.30 -16.55
N TRP C 292 -24.89 11.00 -16.50
CA TRP C 292 -25.88 11.88 -17.12
C TRP C 292 -25.99 13.20 -16.37
N PRO C 293 -26.00 13.13 -15.02
CA PRO C 293 -26.05 14.37 -14.24
C PRO C 293 -24.83 15.28 -14.48
N LEU C 294 -23.64 14.70 -14.65
CA LEU C 294 -22.44 15.50 -14.99
C LEU C 294 -22.64 16.26 -16.30
N ILE C 295 -23.03 15.54 -17.34
CA ILE C 295 -23.21 16.14 -18.66
C ILE C 295 -24.23 17.26 -18.64
N LYS C 296 -25.36 17.00 -18.01
CA LYS C 296 -26.44 17.95 -17.96
C LYS C 296 -26.02 19.22 -17.23
N THR C 297 -25.39 19.04 -16.07
CA THR C 297 -24.95 20.17 -15.27
C THR C 297 -23.92 20.98 -16.04
N PHE C 298 -22.95 20.28 -16.63
CA PHE C 298 -21.86 20.91 -17.33
C PHE C 298 -22.36 21.81 -18.43
N GLU C 299 -23.37 21.35 -19.16
CA GLU C 299 -23.86 22.13 -20.27
C GLU C 299 -24.78 23.30 -19.86
N LEU C 300 -25.33 23.21 -18.64
CA LEU C 300 -26.23 24.25 -18.13
C LEU C 300 -25.55 25.33 -17.29
N CYS C 301 -24.37 25.03 -16.76
CA CYS C 301 -23.80 25.93 -15.75
C CYS C 301 -22.92 27.07 -16.26
N SER C 302 -22.77 28.08 -15.41
CA SER C 302 -21.95 29.25 -15.73
C SER C 302 -20.49 28.84 -15.93
N GLU C 303 -19.70 29.74 -16.53
CA GLU C 303 -18.29 29.43 -16.78
C GLU C 303 -17.50 29.22 -15.49
N PRO C 304 -17.89 29.93 -14.42
CA PRO C 304 -17.21 29.71 -13.14
C PRO C 304 -17.51 28.34 -12.56
N ASP C 305 -18.77 27.89 -12.67
CA ASP C 305 -19.15 26.58 -12.15
C ASP C 305 -18.53 25.42 -12.95
N LYS C 306 -18.10 25.71 -14.17
CA LYS C 306 -17.39 24.72 -14.98
C LYS C 306 -15.96 24.48 -14.49
N ILE C 307 -15.25 25.57 -14.22
CA ILE C 307 -13.90 25.46 -13.68
C ILE C 307 -13.99 24.68 -12.38
N LYS C 308 -15.05 24.96 -11.64
CA LYS C 308 -15.33 24.32 -10.36
C LYS C 308 -15.58 22.81 -10.51
N ILE C 309 -16.38 22.43 -11.51
CA ILE C 309 -16.61 21.02 -11.77
C ILE C 309 -15.26 20.36 -12.02
N VAL C 310 -14.47 21.00 -12.87
CA VAL C 310 -13.15 20.49 -13.23
C VAL C 310 -12.23 20.37 -11.99
N LYS C 311 -12.34 21.31 -11.06
CA LYS C 311 -11.46 21.30 -9.89
C LYS C 311 -11.86 20.28 -8.84
N ASN C 312 -13.14 19.91 -8.80
CA ASN C 312 -13.66 19.08 -7.71
C ASN C 312 -14.12 17.65 -8.10
N TYR C 313 -14.32 17.40 -9.39
CA TYR C 313 -14.83 16.11 -9.84
C TYR C 313 -13.75 15.04 -9.87
N GLY C 314 -14.13 13.80 -9.54
CA GLY C 314 -13.21 12.68 -9.63
C GLY C 314 -12.13 12.73 -8.57
N LYS C 315 -12.46 13.35 -7.44
CA LYS C 315 -11.50 13.43 -6.36
C LYS C 315 -11.98 12.81 -5.06
N ASN C 316 -11.17 11.89 -4.57
CA ASN C 316 -11.43 11.19 -3.34
C ASN C 316 -11.25 12.13 -2.15
N ASN C 317 -12.20 13.04 -1.99
CA ASN C 317 -12.13 14.09 -0.99
C ASN C 317 -13.55 14.56 -0.72
N LEU C 318 -13.97 14.48 0.54
CA LEU C 318 -15.34 14.82 0.93
C LEU C 318 -15.77 16.17 0.39
N ALA C 319 -15.03 17.20 0.79
CA ALA C 319 -15.34 18.57 0.40
C ALA C 319 -15.50 18.67 -1.09
N CYS C 320 -14.68 17.93 -1.84
CA CYS C 320 -14.75 17.97 -3.30
C CYS C 320 -16.06 17.38 -3.79
N VAL C 321 -16.43 16.25 -3.22
CA VAL C 321 -17.68 15.62 -3.58
C VAL C 321 -18.88 16.48 -3.19
N LYS C 322 -18.85 17.01 -1.98
CA LYS C 322 -19.92 17.88 -1.53
C LYS C 322 -20.14 19.04 -2.49
N VAL C 323 -19.06 19.56 -3.07
CA VAL C 323 -19.20 20.65 -4.04
C VAL C 323 -20.04 20.21 -5.24
N ILE C 324 -19.70 19.06 -5.80
CA ILE C 324 -20.40 18.53 -6.95
C ILE C 324 -21.87 18.25 -6.62
N ASP C 325 -22.11 17.61 -5.47
CA ASP C 325 -23.47 17.38 -4.98
C ASP C 325 -24.27 18.68 -4.95
N SER C 326 -23.66 19.73 -4.37
CA SER C 326 -24.32 21.05 -4.28
C SER C 326 -24.70 21.61 -5.64
N LEU C 327 -23.81 21.46 -6.62
CA LEU C 327 -24.10 21.94 -7.98
C LEU C 327 -25.30 21.22 -8.60
N TYR C 328 -25.31 19.89 -8.47
CA TYR C 328 -26.41 19.10 -9.02
C TYR C 328 -27.73 19.56 -8.43
N GLU C 329 -27.72 19.89 -7.15
CA GLU C 329 -28.90 20.41 -6.49
C GLU C 329 -29.20 21.80 -7.03
N GLN C 330 -28.16 22.60 -7.18
CA GLN C 330 -28.33 23.96 -7.65
C GLN C 330 -28.94 24.01 -9.04
N TYR C 331 -28.46 23.14 -9.94
CA TYR C 331 -28.93 23.19 -11.33
C TYR C 331 -30.14 22.27 -11.60
N LYS C 332 -30.80 21.86 -10.52
CA LYS C 332 -32.10 21.17 -10.59
C LYS C 332 -32.11 19.88 -11.42
N ILE C 333 -31.06 19.07 -11.27
CA ILE C 333 -30.94 17.83 -12.01
C ILE C 333 -32.14 16.89 -11.76
N ARG C 334 -32.63 16.86 -10.52
CA ARG C 334 -33.80 16.05 -10.19
C ARG C 334 -34.98 16.40 -11.11
N LYS C 335 -35.15 17.68 -11.40
CA LYS C 335 -36.24 18.13 -12.27
C LYS C 335 -35.97 17.83 -13.75
N HIS C 336 -34.70 17.95 -14.15
CA HIS C 336 -34.32 17.63 -15.52
C HIS C 336 -34.40 16.14 -15.78
N TYR C 337 -34.14 15.34 -14.75
CA TYR C 337 -34.32 13.90 -14.87
C TYR C 337 -35.80 13.56 -15.13
N GLU C 338 -36.67 14.04 -14.25
CA GLU C 338 -38.11 13.75 -14.36
C GLU C 338 -38.64 14.09 -15.74
N SER C 339 -38.14 15.18 -16.29
CA SER C 339 -38.46 15.56 -17.64
C SER C 339 -37.97 14.49 -18.62
N TYR C 340 -36.70 14.12 -18.51
CA TYR C 340 -36.12 13.11 -19.39
C TYR C 340 -36.89 11.81 -19.29
N GLU C 341 -37.26 11.44 -18.06
CA GLU C 341 -37.95 10.18 -17.82
C GLU C 341 -39.28 10.12 -18.59
N LYS C 342 -40.02 11.22 -18.58
CA LYS C 342 -41.31 11.27 -19.27
C LYS C 342 -41.15 11.25 -20.81
N ALA C 343 -40.15 11.97 -21.33
CA ALA C 343 -39.92 11.98 -22.78
C ALA C 343 -39.38 10.63 -23.28
N GLN C 344 -38.44 10.04 -22.53
CA GLN C 344 -37.85 8.78 -22.96
C GLN C 344 -38.87 7.66 -22.90
N LYS C 345 -39.72 7.69 -21.88
CA LYS C 345 -40.75 6.68 -21.72
C LYS C 345 -41.70 6.67 -22.91
N ALA C 346 -41.96 7.86 -23.45
CA ALA C 346 -42.82 7.98 -24.65
C ALA C 346 -42.11 7.53 -25.92
N LYS C 347 -40.80 7.71 -26.00
CA LYS C 347 -40.04 7.20 -27.14
C LYS C 347 -40.04 5.65 -27.17
N ILE C 348 -39.89 5.03 -26.00
CA ILE C 348 -39.90 3.57 -25.91
C ILE C 348 -41.26 3.00 -26.30
N LEU C 349 -42.33 3.54 -25.69
CA LEU C 349 -43.70 3.12 -26.01
C LEU C 349 -43.95 3.24 -27.49
N SER C 350 -43.62 4.39 -28.05
CA SER C 350 -43.75 4.62 -29.47
C SER C 350 -43.07 3.50 -30.26
N ALA C 351 -41.85 3.15 -29.86
CA ALA C 351 -41.09 2.09 -30.52
C ALA C 351 -41.70 0.70 -30.32
N ILE C 352 -42.25 0.48 -29.13
CA ILE C 352 -42.87 -0.79 -28.80
C ILE C 352 -44.10 -1.07 -29.66
N ASN C 353 -44.82 0.00 -30.03
CA ASN C 353 -46.07 -0.16 -30.78
C ASN C 353 -45.89 -0.41 -32.28
N GLU C 354 -44.64 -0.48 -32.73
CA GLU C 354 -44.33 -0.81 -34.11
C GLU C 354 -43.81 -2.26 -34.23
N LEU C 355 -43.96 -3.04 -33.15
CA LEU C 355 -43.51 -4.44 -33.13
C LEU C 355 -44.49 -5.39 -33.84
N HIS C 356 -45.77 -5.03 -33.83
CA HIS C 356 -46.81 -5.90 -34.38
C HIS C 356 -46.78 -7.29 -33.77
N HIS C 357 -46.49 -7.34 -32.47
CA HIS C 357 -46.50 -8.59 -31.74
C HIS C 357 -47.06 -8.32 -30.36
N GLU C 358 -48.31 -8.73 -30.17
CA GLU C 358 -49.07 -8.35 -28.99
C GLU C 358 -48.48 -8.89 -27.69
N GLY C 359 -48.07 -10.14 -27.72
CA GLY C 359 -47.48 -10.77 -26.55
C GLY C 359 -46.25 -10.04 -26.08
N ILE C 360 -45.33 -9.76 -27.00
CA ILE C 360 -44.09 -9.08 -26.63
C ILE C 360 -44.33 -7.63 -26.22
N GLU C 361 -45.23 -6.93 -26.93
CA GLU C 361 -45.58 -5.56 -26.57
C GLU C 361 -46.14 -5.51 -25.15
N TYR C 362 -47.03 -6.45 -24.84
CA TYR C 362 -47.60 -6.55 -23.52
C TYR C 362 -46.50 -6.64 -22.46
N VAL C 363 -45.57 -7.57 -22.65
CA VAL C 363 -44.46 -7.77 -21.72
C VAL C 363 -43.55 -6.51 -21.59
N LEU C 364 -43.20 -5.90 -22.71
CA LEU C 364 -42.29 -4.74 -22.67
C LEU C 364 -42.91 -3.51 -21.98
N LYS C 365 -44.20 -3.28 -22.22
CA LYS C 365 -44.91 -2.19 -21.53
C LYS C 365 -44.98 -2.45 -20.03
N TYR C 366 -45.22 -3.70 -19.66
CA TYR C 366 -45.25 -4.11 -18.26
C TYR C 366 -43.89 -3.89 -17.58
N LEU C 367 -42.85 -4.48 -18.17
CA LEU C 367 -41.48 -4.32 -17.68
C LEU C 367 -41.14 -2.84 -17.53
N LEU C 368 -41.53 -2.03 -18.52
CA LEU C 368 -41.29 -0.60 -18.47
C LEU C 368 -41.87 -0.01 -17.21
N GLU C 369 -43.04 -0.49 -16.80
CA GLU C 369 -43.70 -0.01 -15.61
C GLU C 369 -43.01 -0.50 -14.35
N ILE C 370 -42.36 -1.65 -14.45
CA ILE C 370 -41.81 -2.30 -13.27
C ILE C 370 -40.27 -2.19 -13.14
N LEU C 371 -39.64 -1.39 -14.00
CA LEU C 371 -38.24 -1.03 -13.81
C LEU C 371 -38.16 -0.04 -12.65
N ALA D 14 7.41 -20.95 -39.49
CA ALA D 14 7.01 -19.53 -39.22
C ALA D 14 5.81 -19.10 -40.08
N PHE D 15 5.21 -20.05 -40.79
CA PHE D 15 3.97 -19.78 -41.52
C PHE D 15 2.87 -19.55 -40.49
N PHE D 16 2.90 -20.34 -39.43
CA PHE D 16 1.97 -20.18 -38.33
C PHE D 16 2.03 -18.77 -37.79
N ARG D 17 3.25 -18.25 -37.64
CA ARG D 17 3.43 -16.92 -37.08
C ARG D 17 3.01 -15.81 -38.04
N ASN D 18 3.02 -16.11 -39.33
CA ASN D 18 2.60 -15.14 -40.35
C ASN D 18 1.10 -15.00 -40.46
N MET D 19 0.38 -15.93 -39.82
CA MET D 19 -1.07 -15.94 -39.86
C MET D 19 -1.66 -15.10 -38.72
N TYR D 20 -0.84 -14.75 -37.74
CA TYR D 20 -1.30 -13.96 -36.59
C TYR D 20 -2.10 -12.72 -36.99
N ASP D 21 -1.48 -11.85 -37.80
CA ASP D 21 -2.10 -10.61 -38.29
C ASP D 21 -3.54 -10.83 -38.71
N LYS D 22 -3.76 -11.88 -39.49
CA LYS D 22 -5.06 -12.18 -40.06
C LYS D 22 -6.15 -12.37 -39.00
N TYR D 23 -5.87 -13.23 -38.03
CA TYR D 23 -6.85 -13.52 -37.00
C TYR D 23 -7.06 -12.34 -36.05
N ARG D 24 -5.98 -11.67 -35.68
CA ARG D 24 -6.08 -10.46 -34.87
C ARG D 24 -6.97 -9.44 -35.58
N ASP D 25 -6.74 -9.25 -36.87
CA ASP D 25 -7.47 -8.24 -37.62
C ASP D 25 -8.92 -8.64 -37.95
N ALA D 26 -9.17 -9.94 -38.08
CA ALA D 26 -10.55 -10.39 -38.23
C ALA D 26 -11.34 -10.08 -36.95
N PHE D 27 -10.71 -10.27 -35.79
CA PHE D 27 -11.39 -9.90 -34.53
C PHE D 27 -11.59 -8.39 -34.38
N LEU D 28 -10.52 -7.63 -34.58
CA LEU D 28 -10.60 -6.17 -34.52
C LEU D 28 -11.62 -5.63 -35.52
N SER D 29 -11.65 -6.22 -36.71
CA SER D 29 -12.63 -5.83 -37.70
C SER D 29 -14.07 -6.00 -37.17
N HIS D 30 -14.28 -7.01 -36.32
CA HIS D 30 -15.58 -7.23 -35.72
C HIS D 30 -15.96 -6.10 -34.73
N LEU D 31 -15.02 -5.71 -33.88
CA LEU D 31 -15.26 -4.60 -32.95
C LEU D 31 -15.53 -3.32 -33.73
N ASN D 32 -14.90 -3.23 -34.89
CA ASN D 32 -14.99 -2.04 -35.70
C ASN D 32 -16.38 -1.82 -36.33
N GLU D 33 -17.20 -2.87 -36.32
CA GLU D 33 -18.57 -2.77 -36.86
C GLU D 33 -19.55 -2.23 -35.83
N TYR D 34 -19.12 -2.10 -34.56
CA TYR D 34 -20.02 -1.61 -33.51
C TYR D 34 -20.50 -0.18 -33.81
N SER D 35 -21.64 0.20 -33.26
CA SER D 35 -22.18 1.55 -33.46
C SER D 35 -21.54 2.54 -32.49
N LEU D 36 -20.39 3.06 -32.88
CA LEU D 36 -19.67 4.00 -32.04
C LEU D 36 -19.23 5.18 -32.90
N GLU D 37 -19.01 6.33 -32.25
CA GLU D 37 -18.51 7.50 -32.96
C GLU D 37 -17.14 7.19 -33.56
N GLU D 38 -16.89 7.72 -34.75
CA GLU D 38 -15.71 7.35 -35.50
C GLU D 38 -14.39 7.51 -34.74
N GLU D 39 -14.29 8.56 -33.93
CA GLU D 39 -13.08 8.81 -33.13
C GLU D 39 -12.92 7.79 -31.99
N ILE D 40 -14.05 7.34 -31.44
CA ILE D 40 -14.01 6.33 -30.39
C ILE D 40 -13.50 5.02 -30.98
N LYS D 41 -14.01 4.67 -32.15
CA LYS D 41 -13.59 3.46 -32.83
C LYS D 41 -12.07 3.39 -32.98
N GLU D 42 -11.45 4.47 -33.44
CA GLU D 42 -10.02 4.42 -33.71
C GLU D 42 -9.16 4.36 -32.45
N HIS D 43 -9.67 4.89 -31.33
CA HIS D 43 -8.97 4.73 -30.04
C HIS D 43 -9.11 3.31 -29.53
N ILE D 44 -10.30 2.74 -29.65
CA ILE D 44 -10.53 1.34 -29.30
C ILE D 44 -9.62 0.39 -30.09
N SER D 45 -9.52 0.59 -31.40
CA SER D 45 -8.73 -0.29 -32.22
C SER D 45 -7.21 -0.17 -31.90
N LYS D 46 -6.79 1.01 -31.49
CA LYS D 46 -5.39 1.16 -31.06
C LYS D 46 -5.14 0.41 -29.73
N TYR D 47 -6.03 0.58 -28.77
CA TYR D 47 -5.88 -0.12 -27.50
C TYR D 47 -5.87 -1.65 -27.66
N TYR D 48 -6.87 -2.20 -28.35
CA TYR D 48 -6.97 -3.66 -28.46
C TYR D 48 -5.94 -4.29 -29.37
N LYS D 49 -5.46 -3.53 -30.36
CA LYS D 49 -4.34 -4.00 -31.15
C LYS D 49 -3.11 -4.23 -30.24
N LEU D 50 -2.84 -3.29 -29.34
CA LEU D 50 -1.73 -3.47 -28.37
C LEU D 50 -2.00 -4.61 -27.39
N LEU D 51 -3.21 -4.65 -26.83
CA LEU D 51 -3.58 -5.79 -25.96
C LEU D 51 -3.19 -7.13 -26.62
N PHE D 52 -3.61 -7.34 -27.86
CA PHE D 52 -3.29 -8.58 -28.55
C PHE D 52 -1.79 -8.76 -28.81
N ASP D 53 -1.16 -7.78 -29.46
CA ASP D 53 0.28 -7.87 -29.77
C ASP D 53 1.14 -8.09 -28.52
N TYR D 54 0.86 -7.31 -27.49
CA TYR D 54 1.65 -7.35 -26.28
C TYR D 54 1.59 -8.70 -25.58
N ASN D 55 0.42 -9.31 -25.57
CA ASN D 55 0.22 -10.51 -24.76
C ASN D 55 0.19 -11.83 -25.53
N CYS D 56 -0.11 -11.77 -26.82
CA CYS D 56 -0.17 -12.98 -27.66
C CYS D 56 1.17 -13.34 -28.30
N LEU D 57 2.05 -12.34 -28.43
CA LEU D 57 3.33 -12.54 -29.12
C LEU D 57 4.50 -12.60 -28.14
N GLY D 58 5.55 -13.35 -28.50
CA GLY D 58 6.76 -13.44 -27.69
C GLY D 58 6.97 -14.79 -27.01
N GLY D 59 5.92 -15.63 -26.99
CA GLY D 59 6.02 -16.94 -26.34
C GLY D 59 6.57 -18.00 -27.27
N LYS D 60 6.74 -19.22 -26.74
CA LYS D 60 7.29 -20.32 -27.53
C LYS D 60 6.29 -20.87 -28.55
N ASN D 61 5.01 -20.54 -28.35
CA ASN D 61 3.93 -21.02 -29.20
C ASN D 61 3.84 -22.54 -29.31
N ASN D 62 4.31 -23.25 -28.27
CA ASN D 62 4.22 -24.70 -28.29
C ASN D 62 2.81 -25.23 -28.46
N ARG D 63 1.84 -24.55 -27.86
CA ARG D 63 0.47 -25.05 -27.87
C ARG D 63 -0.18 -24.89 -29.23
N GLY D 64 0.04 -23.75 -29.87
CA GLY D 64 -0.47 -23.52 -31.21
C GLY D 64 0.18 -24.47 -32.19
N ILE D 65 1.49 -24.56 -32.12
CA ILE D 65 2.24 -25.48 -32.94
C ILE D 65 1.70 -26.91 -32.84
N LEU D 66 1.37 -27.34 -31.62
CA LEU D 66 0.85 -28.69 -31.40
C LEU D 66 -0.45 -28.96 -32.18
N VAL D 67 -1.32 -27.96 -32.25
CA VAL D 67 -2.55 -28.06 -33.04
C VAL D 67 -2.20 -28.31 -34.51
N ILE D 68 -1.36 -27.44 -35.05
CA ILE D 68 -0.97 -27.50 -36.46
C ILE D 68 -0.32 -28.83 -36.85
N LEU D 69 0.52 -29.36 -35.98
CA LEU D 69 1.19 -30.63 -36.26
C LEU D 69 0.22 -31.83 -36.20
N ILE D 70 -0.56 -31.92 -35.13
CA ILE D 70 -1.52 -33.00 -35.01
C ILE D 70 -2.49 -33.00 -36.18
N TYR D 71 -2.95 -31.81 -36.57
CA TYR D 71 -3.89 -31.73 -37.68
C TYR D 71 -3.27 -32.27 -38.98
N GLU D 72 -2.04 -31.85 -39.26
CA GLU D 72 -1.37 -32.30 -40.47
C GLU D 72 -1.00 -33.78 -40.42
N TYR D 73 -0.60 -34.25 -39.25
CA TYR D 73 -0.20 -35.65 -39.12
C TYR D 73 -1.35 -36.64 -38.90
N VAL D 74 -2.53 -36.16 -38.52
CA VAL D 74 -3.68 -37.05 -38.25
C VAL D 74 -3.94 -37.90 -39.47
N LYS D 75 -3.90 -37.27 -40.63
CA LYS D 75 -3.78 -38.03 -41.87
C LYS D 75 -3.13 -37.23 -42.97
N ASN D 76 -1.90 -37.62 -43.29
CA ASN D 76 -1.14 -37.01 -44.35
C ASN D 76 -1.83 -37.22 -45.68
N ARG D 77 -2.68 -36.26 -46.05
CA ARG D 77 -3.47 -36.33 -47.27
C ARG D 77 -3.26 -35.09 -48.12
N ILE D 79 -4.38 -31.15 -47.97
CA ILE D 79 -4.78 -29.98 -47.19
C ILE D 79 -4.54 -28.68 -47.97
N ASN D 80 -5.62 -27.98 -48.28
CA ASN D 80 -5.56 -26.73 -49.01
C ASN D 80 -5.51 -25.53 -48.06
N SER D 81 -5.44 -24.33 -48.64
CA SER D 81 -5.38 -23.10 -47.85
C SER D 81 -6.62 -22.91 -46.97
N SER D 82 -7.77 -23.38 -47.47
CA SER D 82 -9.02 -23.29 -46.73
C SER D 82 -8.96 -24.09 -45.42
N GLU D 83 -8.55 -25.35 -45.53
CA GLU D 83 -8.38 -26.20 -44.37
C GLU D 83 -7.28 -25.65 -43.44
N TRP D 84 -6.20 -25.14 -44.03
CA TRP D 84 -5.10 -24.54 -43.25
C TRP D 84 -5.55 -23.32 -42.45
N GLU D 85 -6.38 -22.49 -43.06
CA GLU D 85 -6.93 -21.30 -42.41
C GLU D 85 -7.70 -21.68 -41.14
N LYS D 86 -8.35 -22.84 -41.19
CA LYS D 86 -9.14 -23.32 -40.04
C LYS D 86 -8.22 -23.87 -38.95
N ALA D 87 -7.27 -24.72 -39.34
CA ALA D 87 -6.29 -25.25 -38.39
C ALA D 87 -5.58 -24.11 -37.65
N ALA D 88 -5.06 -23.15 -38.41
CA ALA D 88 -4.29 -22.04 -37.86
C ALA D 88 -5.13 -21.14 -36.98
N CYS D 89 -6.43 -21.04 -37.31
CA CYS D 89 -7.34 -20.28 -36.44
C CYS D 89 -7.39 -20.89 -35.04
N LEU D 90 -7.54 -22.20 -34.97
CA LEU D 90 -7.58 -22.88 -33.67
C LEU D 90 -6.26 -22.76 -32.96
N ALA D 91 -5.18 -22.79 -33.72
CA ALA D 91 -3.86 -22.69 -33.17
C ALA D 91 -3.67 -21.35 -32.49
N TRP D 92 -4.10 -20.29 -33.18
CA TRP D 92 -3.99 -18.94 -32.62
C TRP D 92 -4.95 -18.67 -31.47
N CYS D 93 -6.11 -19.32 -31.49
CA CYS D 93 -7.07 -19.22 -30.40
C CYS D 93 -6.49 -19.80 -29.11
N ILE D 94 -5.70 -20.85 -29.24
CA ILE D 94 -5.06 -21.44 -28.06
C ILE D 94 -3.96 -20.53 -27.51
N GLU D 95 -3.30 -19.79 -28.41
CA GLU D 95 -2.32 -18.78 -27.98
C GLU D 95 -3.01 -17.59 -27.31
N ILE D 96 -4.20 -17.24 -27.81
CA ILE D 96 -4.97 -16.17 -27.21
C ILE D 96 -5.48 -16.61 -25.84
N LEU D 97 -5.84 -17.88 -25.71
CA LEU D 97 -6.24 -18.42 -24.41
C LEU D 97 -5.06 -18.32 -23.43
N GLN D 98 -3.88 -18.71 -23.90
CA GLN D 98 -2.65 -18.60 -23.13
C GLN D 98 -2.40 -17.15 -22.71
N ALA D 99 -2.72 -16.19 -23.59
CA ALA D 99 -2.55 -14.76 -23.27
C ALA D 99 -3.48 -14.34 -22.13
N ALA D 100 -4.74 -14.79 -22.21
CA ALA D 100 -5.73 -14.48 -21.20
C ALA D 100 -5.31 -15.06 -19.85
N PHE D 101 -4.81 -16.29 -19.87
CA PHE D 101 -4.38 -16.94 -18.64
C PHE D 101 -3.18 -16.25 -18.03
N LEU D 102 -2.26 -15.77 -18.87
CA LEU D 102 -1.06 -15.15 -18.33
C LEU D 102 -1.30 -13.75 -17.75
N VAL D 103 -2.22 -13.00 -18.37
CA VAL D 103 -2.59 -11.68 -17.85
C VAL D 103 -3.28 -11.84 -16.50
N ALA D 104 -4.17 -12.83 -16.41
CA ALA D 104 -4.90 -13.08 -15.19
C ALA D 104 -3.99 -13.64 -14.09
N ASP D 105 -3.11 -14.57 -14.46
CA ASP D 105 -2.25 -15.20 -13.49
C ASP D 105 -1.24 -14.18 -12.91
N ASP D 106 -0.82 -13.24 -13.74
CA ASP D 106 0.06 -12.16 -13.28
C ASP D 106 -0.63 -11.19 -12.30
N ILE D 107 -1.91 -10.92 -12.51
CA ILE D 107 -2.70 -10.16 -11.54
C ILE D 107 -2.79 -10.95 -10.24
N MET D 108 -3.14 -12.22 -10.36
CA MET D 108 -3.38 -13.07 -9.18
C MET D 108 -2.13 -13.33 -8.36
N ASP D 109 -1.03 -13.65 -9.02
CA ASP D 109 0.22 -13.95 -8.34
C ASP D 109 1.16 -12.76 -8.22
N LYS D 110 0.65 -11.56 -8.52
CA LYS D 110 1.46 -10.33 -8.42
C LYS D 110 2.75 -10.41 -9.23
N GLY D 111 2.64 -10.78 -10.50
CA GLY D 111 3.79 -10.87 -11.38
C GLY D 111 4.50 -9.54 -11.59
N GLU D 112 5.78 -9.61 -11.94
CA GLU D 112 6.56 -8.42 -12.23
C GLU D 112 6.87 -8.36 -13.72
N MET D 113 7.34 -9.49 -14.27
CA MET D 113 7.76 -9.58 -15.67
C MET D 113 7.19 -10.84 -16.30
N ARG D 114 6.86 -10.76 -17.58
CA ARG D 114 6.39 -11.94 -18.32
C ARG D 114 6.88 -11.82 -19.74
N ARG D 115 7.57 -12.85 -20.23
CA ARG D 115 8.20 -12.83 -21.56
C ARG D 115 9.18 -11.65 -21.70
N ASN D 116 9.90 -11.38 -20.61
CA ASN D 116 10.94 -10.34 -20.58
C ASN D 116 10.45 -8.91 -20.65
N LYS D 117 9.20 -8.68 -20.28
CA LYS D 117 8.70 -7.32 -20.24
C LYS D 117 7.65 -7.15 -19.14
N TYR D 118 7.43 -5.92 -18.71
CA TYR D 118 6.49 -5.64 -17.62
C TYR D 118 5.16 -6.34 -17.88
N CYS D 119 4.57 -6.93 -16.83
CA CYS D 119 3.22 -7.52 -16.97
C CYS D 119 2.23 -6.43 -17.31
N TRP D 120 1.32 -6.77 -18.22
CA TRP D 120 0.26 -5.90 -18.69
C TRP D 120 -0.40 -5.08 -17.57
N TYR D 121 -0.77 -5.75 -16.47
CA TYR D 121 -1.54 -5.08 -15.41
C TYR D 121 -0.73 -4.00 -14.65
N LEU D 122 0.60 -4.11 -14.70
CA LEU D 122 1.46 -3.14 -14.04
C LEU D 122 1.51 -1.79 -14.75
N LEU D 123 1.26 -1.81 -16.06
CA LEU D 123 1.34 -0.57 -16.85
C LEU D 123 0.38 0.46 -16.31
N LYS D 124 0.88 1.68 -16.10
CA LYS D 124 0.08 2.72 -15.49
C LYS D 124 -1.11 3.17 -16.33
N ASP D 125 -1.02 2.95 -17.65
CA ASP D 125 -2.11 3.30 -18.58
C ASP D 125 -3.16 2.19 -18.63
N VAL D 126 -2.83 1.06 -18.00
CA VAL D 126 -3.71 -0.12 -18.00
C VAL D 126 -4.26 -0.36 -16.60
N GLU D 127 -3.38 -0.76 -15.69
CA GLU D 127 -3.73 -1.03 -14.30
C GLU D 127 -4.63 -2.24 -14.15
N THR D 128 -4.87 -2.64 -12.92
CA THR D 128 -5.67 -3.81 -12.65
C THR D 128 -7.08 -3.69 -13.18
N LYS D 129 -7.65 -2.49 -13.10
CA LYS D 129 -9.01 -2.29 -13.54
C LYS D 129 -9.22 -2.69 -15.02
N ASN D 130 -8.26 -2.35 -15.89
CA ASN D 130 -8.36 -2.74 -17.31
C ASN D 130 -7.94 -4.19 -17.57
N ALA D 131 -6.89 -4.63 -16.90
CA ALA D 131 -6.37 -5.96 -17.07
C ALA D 131 -7.47 -7.02 -16.82
N VAL D 132 -8.32 -6.77 -15.82
CA VAL D 132 -9.42 -7.68 -15.54
C VAL D 132 -10.40 -7.72 -16.73
N ASN D 133 -10.79 -6.54 -17.19
CA ASN D 133 -11.70 -6.43 -18.33
C ASN D 133 -11.08 -7.06 -19.60
N ASP D 134 -9.74 -6.96 -19.70
CA ASP D 134 -9.02 -7.44 -20.88
C ASP D 134 -8.90 -8.96 -20.92
N VAL D 135 -8.78 -9.59 -19.75
CA VAL D 135 -8.79 -11.05 -19.68
C VAL D 135 -10.10 -11.58 -20.29
N LEU D 136 -11.22 -10.97 -19.94
CA LEU D 136 -12.49 -11.41 -20.45
C LEU D 136 -12.64 -11.14 -21.93
N LEU D 137 -12.05 -10.03 -22.38
CA LEU D 137 -12.03 -9.71 -23.79
C LEU D 137 -11.23 -10.76 -24.57
N LEU D 138 -10.01 -11.02 -24.10
CA LEU D 138 -9.16 -12.01 -24.77
C LEU D 138 -9.86 -13.36 -24.78
N TYR D 139 -10.44 -13.75 -23.65
CA TYR D 139 -11.14 -15.02 -23.55
C TYR D 139 -12.32 -15.14 -24.53
N ASN D 140 -13.12 -14.09 -24.64
CA ASN D 140 -14.27 -14.13 -25.52
C ASN D 140 -13.94 -13.99 -27.02
N SER D 141 -12.82 -13.34 -27.33
CA SER D 141 -12.40 -13.20 -28.73
C SER D 141 -12.17 -14.56 -29.37
N ILE D 142 -11.73 -15.52 -28.56
CA ILE D 142 -11.53 -16.90 -29.01
C ILE D 142 -12.77 -17.46 -29.72
N TYR D 143 -13.91 -17.33 -29.05
CA TYR D 143 -15.16 -17.85 -29.54
C TYR D 143 -15.73 -17.10 -30.75
N LYS D 144 -15.44 -15.80 -30.83
CA LYS D 144 -15.80 -15.03 -32.00
C LYS D 144 -14.99 -15.48 -33.23
N LEU D 145 -13.70 -15.71 -33.03
CA LEU D 145 -12.85 -16.17 -34.13
C LEU D 145 -13.22 -17.57 -34.59
N ILE D 146 -13.56 -18.44 -33.64
CA ILE D 146 -14.00 -19.78 -33.97
C ILE D 146 -15.32 -19.76 -34.77
N GLU D 147 -16.24 -18.88 -34.40
CA GLU D 147 -17.47 -18.71 -35.16
C GLU D 147 -17.16 -18.22 -36.60
N ILE D 148 -16.33 -17.19 -36.69
CA ILE D 148 -15.96 -16.62 -37.98
C ILE D 148 -15.38 -17.67 -38.93
N TYR D 149 -14.56 -18.56 -38.40
CA TYR D 149 -13.81 -19.48 -39.25
C TYR D 149 -14.32 -20.90 -39.30
N LEU D 150 -15.01 -21.35 -38.26
CA LEU D 150 -15.46 -22.76 -38.20
C LEU D 150 -16.96 -22.96 -38.05
N ARG D 151 -17.74 -21.89 -38.18
CA ARG D 151 -19.18 -21.91 -37.96
C ARG D 151 -19.89 -23.03 -38.73
N ASN D 152 -19.43 -23.28 -39.95
CA ASN D 152 -20.10 -24.27 -40.80
C ASN D 152 -19.43 -25.66 -40.81
N GLU D 153 -18.45 -25.86 -39.94
CA GLU D 153 -17.82 -27.18 -39.81
C GLU D 153 -18.68 -28.10 -38.94
N SER D 154 -18.72 -29.38 -39.28
CA SER D 154 -19.50 -30.31 -38.50
C SER D 154 -18.94 -30.45 -37.06
N CYS D 155 -17.67 -30.11 -36.88
CA CYS D 155 -17.02 -30.23 -35.57
C CYS D 155 -17.16 -28.97 -34.71
N TYR D 156 -17.87 -27.96 -35.24
CA TYR D 156 -17.99 -26.65 -34.57
C TYR D 156 -18.34 -26.75 -33.08
N VAL D 157 -19.51 -27.32 -32.78
CA VAL D 157 -19.96 -27.43 -31.39
C VAL D 157 -18.94 -28.17 -30.48
N ASP D 158 -18.39 -29.28 -30.98
CA ASP D 158 -17.39 -30.06 -30.22
C ASP D 158 -16.18 -29.22 -29.91
N VAL D 159 -15.73 -28.43 -30.89
CA VAL D 159 -14.56 -27.60 -30.70
C VAL D 159 -14.79 -26.55 -29.62
N ILE D 160 -15.88 -25.81 -29.71
CA ILE D 160 -16.13 -24.80 -28.69
C ILE D 160 -16.37 -25.42 -27.31
N ALA D 161 -16.97 -26.61 -27.26
CA ALA D 161 -17.15 -27.30 -25.99
C ALA D 161 -15.80 -27.75 -25.40
N THR D 162 -14.85 -28.08 -26.26
CA THR D 162 -13.53 -28.49 -25.78
C THR D 162 -12.78 -27.31 -25.11
N PHE D 163 -12.85 -26.15 -25.72
CA PHE D 163 -12.29 -24.93 -25.14
C PHE D 163 -12.95 -24.63 -23.80
N ARG D 164 -14.28 -24.69 -23.78
CA ARG D 164 -15.05 -24.40 -22.57
C ARG D 164 -14.64 -25.31 -21.41
N ASP D 165 -14.65 -26.60 -21.65
CA ASP D 165 -14.36 -27.56 -20.60
C ASP D 165 -12.89 -27.56 -20.14
N ALA D 166 -11.97 -27.37 -21.07
CA ALA D 166 -10.55 -27.24 -20.72
C ALA D 166 -10.33 -25.99 -19.88
N THR D 167 -11.06 -24.92 -20.20
CA THR D 167 -10.97 -23.70 -19.43
C THR D 167 -11.54 -23.87 -18.03
N LEU D 168 -12.62 -24.62 -17.88
CA LEU D 168 -13.21 -24.88 -16.56
C LEU D 168 -12.25 -25.63 -15.66
N LYS D 169 -11.60 -26.64 -16.20
CA LYS D 169 -10.62 -27.41 -15.44
C LYS D 169 -9.45 -26.54 -15.00
N THR D 170 -9.00 -25.67 -15.90
CA THR D 170 -7.92 -24.74 -15.61
C THR D 170 -8.28 -23.79 -14.45
N ILE D 171 -9.49 -23.25 -14.50
CA ILE D 171 -10.00 -22.37 -13.45
C ILE D 171 -9.99 -23.05 -12.09
N ILE D 172 -10.45 -24.30 -12.05
CA ILE D 172 -10.42 -25.09 -10.82
C ILE D 172 -8.97 -25.34 -10.36
N GLY D 173 -8.09 -25.70 -11.31
CA GLY D 173 -6.67 -25.92 -10.99
C GLY D 173 -6.04 -24.66 -10.42
N GLN D 174 -6.38 -23.52 -11.00
CA GLN D 174 -5.87 -22.24 -10.50
C GLN D 174 -6.48 -21.90 -9.13
N HIS D 175 -7.74 -22.26 -8.92
CA HIS D 175 -8.35 -22.07 -7.60
C HIS D 175 -7.57 -22.84 -6.51
N LEU D 176 -7.30 -24.10 -6.78
CA LEU D 176 -6.60 -24.94 -5.83
C LEU D 176 -5.17 -24.46 -5.62
N ASP D 177 -4.50 -24.10 -6.71
CA ASP D 177 -3.14 -23.56 -6.64
C ASP D 177 -3.09 -22.33 -5.73
N THR D 178 -4.15 -21.54 -5.77
CA THR D 178 -4.22 -20.30 -4.99
C THR D 178 -4.55 -20.53 -3.50
N ASN D 179 -5.29 -21.61 -3.21
CA ASN D 179 -5.92 -21.74 -1.90
C ASN D 179 -5.59 -23.01 -1.13
N ILE D 180 -4.72 -23.85 -1.69
CA ILE D 180 -4.44 -25.16 -1.10
C ILE D 180 -3.92 -25.06 0.33
N PHE D 181 -3.24 -23.97 0.66
CA PHE D 181 -2.67 -23.77 1.99
C PHE D 181 -3.51 -22.80 2.83
N SER D 182 -4.58 -22.28 2.25
CA SER D 182 -5.36 -21.22 2.91
C SER D 182 -6.17 -21.72 4.10
N ASP D 183 -6.55 -20.79 4.97
CA ASP D 183 -7.22 -21.12 6.22
C ASP D 183 -8.58 -21.78 6.01
N LYS D 184 -9.32 -21.34 5.01
CA LYS D 184 -10.59 -21.98 4.71
C LYS D 184 -10.39 -23.47 4.46
N TYR D 185 -9.39 -23.80 3.65
CA TYR D 185 -9.02 -25.20 3.40
C TYR D 185 -8.27 -25.78 4.60
N ILE D 192 -16.19 -19.71 5.45
CA ILE D 192 -15.84 -18.36 5.03
C ILE D 192 -16.67 -17.33 5.80
N ASP D 193 -15.97 -16.44 6.52
CA ASP D 193 -16.63 -15.37 7.28
C ASP D 193 -17.00 -14.24 6.35
N VAL D 194 -18.28 -14.14 6.01
CA VAL D 194 -18.75 -13.12 5.09
C VAL D 194 -18.84 -11.74 5.73
N ASN D 195 -18.56 -11.67 7.02
CA ASN D 195 -18.57 -10.41 7.74
C ASN D 195 -17.16 -9.89 8.01
N ASN D 196 -16.16 -10.61 7.49
CA ASN D 196 -14.74 -10.28 7.72
C ASN D 196 -14.04 -9.71 6.50
N ILE D 197 -13.61 -8.45 6.60
CA ILE D 197 -12.85 -7.81 5.52
C ILE D 197 -11.47 -7.30 5.98
N ASN D 198 -10.92 -7.90 7.04
CA ASN D 198 -9.59 -7.53 7.55
C ASN D 198 -8.56 -7.31 6.47
N PRO D 203 -0.12 -15.73 5.92
CA PRO D 203 -0.32 -17.01 5.26
C PRO D 203 0.82 -17.99 5.56
N VAL D 204 0.47 -19.24 5.83
CA VAL D 204 1.44 -20.26 6.20
C VAL D 204 1.19 -21.59 5.49
N ILE D 205 2.20 -22.46 5.43
CA ILE D 205 2.05 -23.76 4.79
C ILE D 205 1.32 -24.76 5.69
N ASP D 206 0.56 -25.66 5.05
CA ASP D 206 -0.21 -26.68 5.75
C ASP D 206 0.39 -28.05 5.40
N ILE D 207 1.14 -28.63 6.33
CA ILE D 207 1.88 -29.87 6.05
C ILE D 207 0.99 -31.01 5.53
N ASN D 208 -0.30 -30.93 5.81
CA ASN D 208 -1.25 -31.95 5.37
C ASN D 208 -1.43 -31.95 3.86
N MET D 209 -1.12 -30.83 3.23
CA MET D 209 -1.29 -30.70 1.77
C MET D 209 0.01 -30.97 1.00
N ILE D 210 1.10 -31.24 1.72
CA ILE D 210 2.40 -31.43 1.08
C ILE D 210 2.65 -32.89 0.69
N ASN D 211 2.02 -33.30 -0.40
CA ASN D 211 2.24 -34.63 -0.94
C ASN D 211 1.94 -34.63 -2.43
N PHE D 212 2.48 -35.62 -3.11
CA PHE D 212 2.44 -35.69 -4.54
C PHE D 212 1.01 -35.86 -5.07
N GLY D 213 0.17 -36.54 -4.30
CA GLY D 213 -1.22 -36.79 -4.71
C GLY D 213 -1.99 -35.52 -4.96
N VAL D 214 -1.92 -34.60 -4.00
CA VAL D 214 -2.59 -33.33 -4.11
C VAL D 214 -1.92 -32.45 -5.17
N TYR D 215 -0.60 -32.48 -5.22
CA TYR D 215 0.12 -31.72 -6.22
C TYR D 215 -0.33 -32.15 -7.63
N LYS D 216 -0.48 -33.46 -7.84
CA LYS D 216 -0.93 -33.97 -9.14
C LYS D 216 -2.33 -33.48 -9.51
N ASN D 217 -3.25 -33.54 -8.54
CA ASN D 217 -4.58 -32.98 -8.74
C ASN D 217 -4.48 -31.56 -9.25
N ILE D 218 -3.68 -30.75 -8.58
CA ILE D 218 -3.56 -29.32 -8.91
C ILE D 218 -2.98 -29.10 -10.30
N VAL D 219 -1.82 -29.71 -10.54
CA VAL D 219 -1.10 -29.48 -11.78
C VAL D 219 -1.83 -30.01 -13.03
N ILE D 220 -2.51 -31.15 -12.88
CA ILE D 220 -3.25 -31.75 -13.98
C ILE D 220 -4.42 -30.84 -14.43
N HIS D 221 -5.13 -30.26 -13.48
CA HIS D 221 -6.21 -29.34 -13.79
C HIS D 221 -5.72 -27.94 -14.25
N LYS D 222 -4.60 -27.49 -13.69
CA LYS D 222 -4.05 -26.15 -13.96
C LYS D 222 -3.38 -26.02 -15.35
N THR D 223 -2.76 -27.10 -15.82
CA THR D 223 -1.88 -27.04 -16.99
C THR D 223 -2.25 -28.06 -18.08
N ALA D 224 -2.48 -29.30 -17.64
CA ALA D 224 -2.58 -30.43 -18.57
C ALA D 224 -3.68 -30.28 -19.59
N TYR D 225 -4.86 -29.86 -19.15
CA TYR D 225 -6.00 -29.82 -20.05
C TYR D 225 -5.91 -28.74 -21.14
N TYR D 226 -5.51 -27.53 -20.80
CA TYR D 226 -5.45 -26.49 -21.82
C TYR D 226 -4.15 -26.50 -22.62
N SER D 227 -3.11 -27.12 -22.07
CA SER D 227 -1.78 -27.10 -22.70
C SER D 227 -1.54 -28.30 -23.60
N PHE D 228 -2.19 -29.42 -23.30
CA PHE D 228 -1.95 -30.66 -24.07
C PHE D 228 -3.23 -31.27 -24.62
N PHE D 229 -4.17 -31.60 -23.74
CA PHE D 229 -5.42 -32.18 -24.18
C PHE D 229 -6.12 -31.29 -25.22
N LEU D 230 -6.29 -30.02 -24.87
CA LEU D 230 -7.02 -29.08 -25.75
C LEU D 230 -6.45 -28.98 -27.18
N PRO D 231 -5.14 -28.72 -27.31
CA PRO D 231 -4.57 -28.58 -28.65
C PRO D 231 -4.63 -29.87 -29.45
N ILE D 232 -4.36 -31.00 -28.79
CA ILE D 232 -4.40 -32.29 -29.47
C ILE D 232 -5.80 -32.60 -29.95
N VAL D 233 -6.77 -32.44 -29.07
CA VAL D 233 -8.16 -32.69 -29.40
C VAL D 233 -8.64 -31.79 -30.56
N CYS D 234 -8.24 -30.51 -30.53
CA CYS D 234 -8.58 -29.57 -31.59
C CYS D 234 -8.15 -30.09 -32.96
N GLY D 235 -6.91 -30.51 -33.06
CA GLY D 235 -6.39 -31.01 -34.31
C GLY D 235 -7.11 -32.26 -34.78
N MET D 236 -7.42 -33.14 -33.85
CA MET D 236 -8.07 -34.40 -34.20
C MET D 236 -9.51 -34.17 -34.60
N LEU D 237 -10.18 -33.27 -33.89
CA LEU D 237 -11.56 -32.93 -34.20
C LEU D 237 -11.69 -32.34 -35.60
N LEU D 238 -10.87 -31.32 -35.88
CA LEU D 238 -10.91 -30.66 -37.19
C LEU D 238 -10.56 -31.61 -38.33
N ALA D 239 -9.64 -32.53 -38.09
CA ALA D 239 -9.25 -33.52 -39.09
C ALA D 239 -10.32 -34.61 -39.29
N GLY D 240 -11.28 -34.69 -38.37
CA GLY D 240 -12.46 -35.58 -38.55
C GLY D 240 -12.46 -36.90 -37.78
N ILE D 241 -11.72 -36.96 -36.68
CA ILE D 241 -11.67 -38.19 -35.88
C ILE D 241 -12.81 -38.27 -34.87
N ASP D 244 -15.37 -39.82 -29.08
CA ASP D 244 -16.03 -40.96 -29.71
C ASP D 244 -15.07 -42.13 -29.92
N ASN D 245 -14.02 -41.92 -30.70
CA ASN D 245 -12.97 -42.91 -30.90
C ASN D 245 -12.21 -43.16 -29.59
N LEU D 246 -11.84 -44.41 -29.33
CA LEU D 246 -11.16 -44.78 -28.07
C LEU D 246 -9.81 -44.08 -27.90
N ILE D 247 -9.32 -43.48 -28.98
CA ILE D 247 -8.05 -42.78 -28.94
C ILE D 247 -8.07 -41.52 -28.03
N TYR D 248 -9.23 -40.88 -27.92
CA TYR D 248 -9.34 -39.65 -27.10
C TYR D 248 -9.02 -39.90 -25.62
N LYS D 249 -9.45 -41.04 -25.11
CA LYS D 249 -9.17 -41.46 -23.74
C LYS D 249 -7.67 -41.63 -23.47
N LYS D 250 -6.98 -42.33 -24.38
CA LYS D 250 -5.54 -42.53 -24.26
C LYS D 250 -4.79 -41.20 -24.35
N ILE D 251 -5.28 -40.31 -25.22
CA ILE D 251 -4.71 -39.00 -25.35
C ILE D 251 -4.93 -38.15 -24.08
N GLU D 252 -6.07 -38.34 -23.42
CA GLU D 252 -6.33 -37.63 -22.17
C GLU D 252 -5.34 -38.08 -21.09
N ASP D 253 -5.12 -39.38 -20.98
CA ASP D 253 -4.17 -39.91 -19.99
C ASP D 253 -2.75 -39.48 -20.30
N ILE D 254 -2.38 -39.46 -21.58
CA ILE D 254 -1.05 -38.99 -21.96
C ILE D 254 -0.87 -37.48 -21.66
N SER D 255 -1.94 -36.71 -21.87
CA SER D 255 -1.91 -35.27 -21.59
C SER D 255 -1.64 -35.00 -20.12
N MET D 256 -2.23 -35.84 -19.25
CA MET D 256 -2.05 -35.68 -17.81
C MET D 256 -0.58 -35.87 -17.43
N LEU D 257 0.08 -36.82 -18.07
CA LEU D 257 1.49 -37.10 -17.82
C LEU D 257 2.37 -35.94 -18.26
N MET D 258 2.05 -35.39 -19.43
CA MET D 258 2.83 -34.32 -19.99
C MET D 258 2.62 -33.02 -19.22
N GLY D 259 1.41 -32.80 -18.75
CA GLY D 259 1.09 -31.64 -17.94
C GLY D 259 1.91 -31.62 -16.67
N GLU D 260 1.90 -32.76 -15.97
CA GLU D 260 2.70 -32.94 -14.76
C GLU D 260 4.18 -32.66 -15.07
N TYR D 261 4.67 -33.29 -16.12
CA TYR D 261 6.04 -33.11 -16.59
C TYR D 261 6.34 -31.63 -16.88
N PHE D 262 5.42 -30.96 -17.58
CA PHE D 262 5.60 -29.57 -17.89
C PHE D 262 5.61 -28.68 -16.63
N GLN D 263 4.66 -28.90 -15.73
CA GLN D 263 4.54 -28.04 -14.55
C GLN D 263 5.72 -28.17 -13.58
N ILE D 264 6.27 -29.38 -13.47
CA ILE D 264 7.39 -29.63 -12.58
C ILE D 264 8.65 -28.93 -13.08
N HIS D 265 8.84 -28.94 -14.40
CA HIS D 265 9.92 -28.17 -15.01
C HIS D 265 9.71 -26.68 -14.77
N ASP D 266 8.46 -26.22 -14.87
CA ASP D 266 8.12 -24.82 -14.61
C ASP D 266 8.44 -24.43 -13.15
N ASP D 267 8.15 -25.34 -12.21
CA ASP D 267 8.49 -25.14 -10.79
C ASP D 267 10.00 -24.99 -10.62
N TYR D 268 10.73 -25.90 -11.26
CA TYR D 268 12.19 -25.89 -11.26
C TYR D 268 12.74 -24.56 -11.76
N LEU D 269 12.17 -24.07 -12.87
CA LEU D 269 12.59 -22.78 -13.45
C LEU D 269 12.37 -21.61 -12.49
N ASP D 270 11.25 -21.66 -11.77
CA ASP D 270 10.86 -20.55 -10.92
C ASP D 270 11.93 -20.17 -9.89
N ILE D 271 12.73 -21.15 -9.48
CA ILE D 271 13.74 -20.93 -8.43
C ILE D 271 15.19 -21.24 -8.86
N PHE D 272 15.34 -22.14 -9.84
CA PHE D 272 16.68 -22.47 -10.36
C PHE D 272 17.04 -21.80 -11.70
N GLY D 273 16.04 -21.27 -12.41
CA GLY D 273 16.26 -20.66 -13.73
C GLY D 273 16.72 -19.20 -13.71
N ASP D 274 17.21 -18.73 -14.86
CA ASP D 274 17.65 -17.35 -15.02
C ASP D 274 16.52 -16.54 -15.64
N SER D 275 16.12 -15.46 -14.96
CA SER D 275 14.94 -14.70 -15.39
C SER D 275 15.12 -14.03 -16.76
N THR D 276 16.36 -13.81 -17.17
CA THR D 276 16.64 -13.33 -18.51
C THR D 276 16.24 -14.40 -19.51
N LYS D 277 16.42 -15.66 -19.12
CA LYS D 277 16.05 -16.79 -19.96
C LYS D 277 14.56 -17.14 -19.87
N THR D 278 14.01 -17.13 -18.66
CA THR D 278 12.59 -17.46 -18.48
C THR D 278 11.68 -16.28 -18.86
N GLY D 279 12.14 -15.06 -18.60
CA GLY D 279 11.36 -13.89 -18.94
C GLY D 279 10.42 -13.47 -17.83
N LYS D 280 10.51 -14.15 -16.68
CA LYS D 280 9.70 -13.83 -15.50
C LYS D 280 10.53 -13.96 -14.20
N VAL D 281 10.10 -13.31 -13.13
CA VAL D 281 10.85 -13.34 -11.87
C VAL D 281 10.25 -14.32 -10.87
N SER D 283 9.11 -16.38 -7.50
CA SER D 283 7.88 -15.94 -6.85
C SER D 283 7.16 -17.04 -6.04
N ASP D 284 7.31 -18.29 -6.46
CA ASP D 284 6.55 -19.41 -5.85
C ASP D 284 6.67 -19.41 -4.32
N ILE D 285 7.88 -19.24 -3.83
CA ILE D 285 8.12 -19.24 -2.39
C ILE D 285 7.42 -18.10 -1.67
N GLN D 286 7.60 -16.87 -2.18
CA GLN D 286 6.93 -15.68 -1.60
C GLN D 286 5.42 -15.84 -1.58
N ASN D 287 4.90 -16.45 -2.64
CA ASN D 287 3.46 -16.60 -2.83
C ASN D 287 2.85 -17.81 -2.11
N ASN D 288 3.68 -18.53 -1.35
CA ASN D 288 3.17 -19.69 -0.59
C ASN D 288 2.57 -20.78 -1.51
N LYS D 289 3.27 -21.11 -2.58
CA LYS D 289 2.79 -22.11 -3.54
C LYS D 289 3.23 -23.52 -3.17
N LEU D 290 2.39 -24.50 -3.52
CA LEU D 290 2.74 -25.90 -3.41
C LEU D 290 3.51 -26.26 -4.65
N THR D 291 4.80 -26.50 -4.50
CA THR D 291 5.65 -26.77 -5.62
C THR D 291 6.32 -28.13 -5.49
N TRP D 292 6.86 -28.62 -6.59
CA TRP D 292 7.58 -29.87 -6.57
C TRP D 292 8.84 -29.78 -5.70
N PRO D 293 9.61 -28.68 -5.83
CA PRO D 293 10.76 -28.52 -4.92
C PRO D 293 10.36 -28.61 -3.43
N LEU D 294 9.28 -27.90 -3.06
CA LEU D 294 8.79 -27.95 -1.67
C LEU D 294 8.49 -29.40 -1.25
N ILE D 295 7.75 -30.11 -2.10
CA ILE D 295 7.33 -31.47 -1.81
C ILE D 295 8.52 -32.42 -1.73
N LYS D 296 9.45 -32.27 -2.66
CA LYS D 296 10.62 -33.12 -2.68
C LYS D 296 11.53 -32.83 -1.47
N THR D 297 11.73 -31.54 -1.18
CA THR D 297 12.58 -31.14 -0.04
C THR D 297 12.05 -31.73 1.28
N PHE D 298 10.72 -31.76 1.42
CA PHE D 298 10.09 -32.31 2.61
C PHE D 298 10.36 -33.79 2.75
N GLU D 299 10.06 -34.55 1.70
CA GLU D 299 10.26 -35.99 1.74
C GLU D 299 11.75 -36.35 1.78
N LEU D 300 12.56 -35.42 2.26
CA LEU D 300 14.01 -35.63 2.33
C LEU D 300 14.61 -34.99 3.57
N CYS D 301 14.00 -33.92 4.05
CA CYS D 301 14.63 -33.11 5.09
C CYS D 301 14.42 -33.65 6.51
N SER D 302 15.23 -33.11 7.44
CA SER D 302 15.15 -33.46 8.86
C SER D 302 13.94 -32.78 9.49
N GLU D 303 13.59 -33.19 10.71
CA GLU D 303 12.47 -32.57 11.41
C GLU D 303 12.74 -31.10 11.78
N PRO D 304 14.02 -30.77 12.10
CA PRO D 304 14.36 -29.37 12.33
C PRO D 304 14.26 -28.52 11.04
N ASP D 305 14.65 -29.11 9.90
CA ASP D 305 14.56 -28.38 8.63
C ASP D 305 13.09 -28.11 8.22
N LYS D 306 12.20 -29.02 8.57
CA LYS D 306 10.77 -28.82 8.28
C LYS D 306 10.25 -27.59 9.03
N ILE D 307 10.68 -27.45 10.28
CA ILE D 307 10.28 -26.31 11.10
C ILE D 307 10.84 -25.01 10.53
N LYS D 308 12.06 -25.07 10.02
CA LYS D 308 12.66 -23.90 9.37
C LYS D 308 11.87 -23.54 8.10
N ILE D 309 11.44 -24.55 7.35
CA ILE D 309 10.64 -24.31 6.16
C ILE D 309 9.31 -23.66 6.54
N VAL D 310 8.63 -24.23 7.55
CA VAL D 310 7.36 -23.69 8.01
C VAL D 310 7.50 -22.23 8.45
N LYS D 311 8.59 -21.92 9.15
CA LYS D 311 8.83 -20.57 9.68
C LYS D 311 9.13 -19.54 8.59
N ASN D 312 9.63 -20.00 7.44
CA ASN D 312 10.19 -19.10 6.43
C ASN D 312 9.47 -19.05 5.08
N TYR D 313 8.73 -20.11 4.75
CA TYR D 313 8.07 -20.20 3.47
C TYR D 313 6.84 -19.29 3.41
N GLY D 314 6.56 -18.73 2.23
CA GLY D 314 5.36 -17.92 2.05
C GLY D 314 5.47 -16.50 2.62
N LYS D 315 6.70 -16.03 2.80
CA LYS D 315 6.92 -14.66 3.28
C LYS D 315 7.62 -13.83 2.21
N ASN D 316 7.21 -12.57 2.10
CA ASN D 316 7.83 -11.64 1.13
C ASN D 316 9.27 -11.29 1.46
N ASN D 317 9.63 -11.43 2.73
CA ASN D 317 10.99 -11.18 3.17
C ASN D 317 12.01 -11.91 2.28
N LEU D 318 13.03 -11.19 1.86
CA LEU D 318 14.06 -11.74 1.02
C LEU D 318 15.00 -12.66 1.83
N ALA D 319 15.18 -12.34 3.11
CA ALA D 319 15.97 -13.20 4.03
C ALA D 319 15.30 -14.57 4.23
N CYS D 320 13.97 -14.57 4.30
CA CYS D 320 13.21 -15.80 4.44
C CYS D 320 13.32 -16.66 3.18
N VAL D 321 13.24 -16.02 2.01
CA VAL D 321 13.32 -16.72 0.74
C VAL D 321 14.69 -17.36 0.57
N LYS D 322 15.73 -16.62 0.96
CA LYS D 322 17.08 -17.15 0.90
C LYS D 322 17.25 -18.39 1.77
N VAL D 323 16.54 -18.44 2.90
CA VAL D 323 16.56 -19.61 3.77
C VAL D 323 16.05 -20.84 3.02
N ILE D 324 14.87 -20.72 2.42
CA ILE D 324 14.32 -21.83 1.65
C ILE D 324 15.22 -22.18 0.47
N ASP D 325 15.73 -21.14 -0.19
CA ASP D 325 16.60 -21.35 -1.35
C ASP D 325 17.84 -22.15 -0.96
N SER D 326 18.39 -21.84 0.21
CA SER D 326 19.57 -22.56 0.72
C SER D 326 19.23 -24.02 1.05
N LEU D 327 17.98 -24.30 1.42
CA LEU D 327 17.56 -25.67 1.67
C LEU D 327 17.43 -26.49 0.39
N TYR D 328 16.92 -25.86 -0.67
CA TYR D 328 16.83 -26.53 -1.96
C TYR D 328 18.23 -26.90 -2.47
N GLU D 329 19.20 -26.01 -2.26
CA GLU D 329 20.60 -26.29 -2.61
C GLU D 329 21.17 -27.41 -1.74
N GLN D 330 20.93 -27.32 -0.43
CA GLN D 330 21.44 -28.29 0.52
C GLN D 330 21.00 -29.72 0.23
N TYR D 331 19.73 -29.90 -0.14
CA TYR D 331 19.21 -31.24 -0.41
C TYR D 331 19.28 -31.60 -1.90
N LYS D 332 20.08 -30.86 -2.65
CA LYS D 332 20.30 -31.15 -4.07
C LYS D 332 18.99 -31.35 -4.86
N ILE D 333 18.07 -30.40 -4.74
CA ILE D 333 16.82 -30.51 -5.45
C ILE D 333 17.05 -30.55 -6.96
N ARG D 334 18.06 -29.79 -7.43
CA ARG D 334 18.43 -29.80 -8.84
C ARG D 334 18.73 -31.22 -9.33
N LYS D 335 19.46 -31.98 -8.52
CA LYS D 335 19.84 -33.35 -8.88
C LYS D 335 18.64 -34.28 -8.92
N HIS D 336 17.76 -34.14 -7.93
CA HIS D 336 16.53 -34.94 -7.90
C HIS D 336 15.57 -34.60 -9.06
N TYR D 337 15.49 -33.32 -9.45
CA TYR D 337 14.68 -32.95 -10.62
C TYR D 337 15.17 -33.67 -11.89
N GLU D 338 16.47 -33.52 -12.18
CA GLU D 338 17.11 -34.17 -13.34
C GLU D 338 16.75 -35.66 -13.40
N SER D 339 16.68 -36.28 -12.24
CA SER D 339 16.31 -37.69 -12.10
C SER D 339 14.82 -37.91 -12.40
N TYR D 340 13.95 -37.06 -11.82
CA TYR D 340 12.52 -37.17 -12.11
C TYR D 340 12.29 -37.01 -13.59
N GLU D 341 12.97 -36.02 -14.19
CA GLU D 341 12.81 -35.72 -15.60
C GLU D 341 13.05 -36.94 -16.48
N LYS D 342 14.09 -37.70 -16.18
CA LYS D 342 14.44 -38.90 -16.94
C LYS D 342 13.37 -39.99 -16.80
N ALA D 343 12.94 -40.24 -15.56
CA ALA D 343 11.92 -41.26 -15.29
C ALA D 343 10.56 -40.90 -15.93
N GLN D 344 10.14 -39.65 -15.78
CA GLN D 344 8.86 -39.20 -16.31
C GLN D 344 8.85 -39.18 -17.83
N LYS D 345 9.96 -38.79 -18.44
CA LYS D 345 10.04 -38.73 -19.90
C LYS D 345 9.88 -40.11 -20.51
N ALA D 346 10.48 -41.10 -19.87
CA ALA D 346 10.36 -42.50 -20.34
C ALA D 346 8.95 -43.03 -20.18
N LYS D 347 8.24 -42.58 -19.14
CA LYS D 347 6.87 -43.04 -18.89
C LYS D 347 5.91 -42.50 -19.96
N ILE D 348 6.11 -41.24 -20.36
CA ILE D 348 5.31 -40.61 -21.39
C ILE D 348 5.58 -41.25 -22.76
N LEU D 349 6.85 -41.43 -23.09
CA LEU D 349 7.21 -42.08 -24.34
C LEU D 349 6.62 -43.51 -24.40
N SER D 350 6.65 -44.21 -23.27
CA SER D 350 6.05 -45.54 -23.18
C SER D 350 4.56 -45.48 -23.48
N ALA D 351 3.87 -44.54 -22.85
CA ALA D 351 2.45 -44.36 -23.08
C ALA D 351 2.19 -43.98 -24.53
N ILE D 352 2.99 -43.05 -25.06
CA ILE D 352 2.80 -42.63 -26.43
C ILE D 352 2.85 -43.82 -27.40
N ASN D 353 3.78 -44.74 -27.16
CA ASN D 353 3.95 -45.90 -28.05
C ASN D 353 2.72 -46.82 -28.12
N GLU D 354 1.79 -46.66 -27.17
CA GLU D 354 0.59 -47.51 -27.15
C GLU D 354 -0.61 -46.91 -27.90
N LEU D 355 -0.40 -45.77 -28.57
CA LEU D 355 -1.47 -45.10 -29.30
C LEU D 355 -1.88 -45.86 -30.57
N HIS D 356 -0.96 -46.68 -31.06
CA HIS D 356 -1.14 -47.38 -32.33
C HIS D 356 -1.53 -46.42 -33.45
N HIS D 357 -0.97 -45.21 -33.41
CA HIS D 357 -1.18 -44.24 -34.47
C HIS D 357 0.14 -43.54 -34.78
N GLU D 358 0.72 -43.88 -35.92
CA GLU D 358 2.09 -43.46 -36.26
C GLU D 358 2.28 -41.95 -36.36
N GLY D 359 1.34 -41.25 -36.99
CA GLY D 359 1.46 -39.80 -37.17
C GLY D 359 1.38 -39.03 -35.85
N ILE D 360 0.44 -39.43 -34.99
CA ILE D 360 0.27 -38.76 -33.71
C ILE D 360 1.42 -39.09 -32.77
N GLU D 361 1.90 -40.31 -32.85
CA GLU D 361 3.05 -40.72 -32.04
C GLU D 361 4.28 -39.88 -32.39
N TYR D 362 4.54 -39.69 -33.68
CA TYR D 362 5.70 -38.88 -34.09
C TYR D 362 5.59 -37.45 -33.56
N VAL D 363 4.43 -36.84 -33.73
CA VAL D 363 4.24 -35.48 -33.26
C VAL D 363 4.43 -35.34 -31.75
N LEU D 364 3.88 -36.28 -30.99
CA LEU D 364 3.98 -36.24 -29.53
C LEU D 364 5.41 -36.45 -29.02
N LYS D 365 6.16 -37.33 -29.66
CA LYS D 365 7.57 -37.54 -29.32
C LYS D 365 8.38 -36.30 -29.68
N TYR D 366 8.04 -35.70 -30.81
CA TYR D 366 8.66 -34.47 -31.23
C TYR D 366 8.37 -33.32 -30.25
N LEU D 367 7.11 -33.15 -29.87
CA LEU D 367 6.71 -32.09 -28.94
C LEU D 367 7.45 -32.22 -27.61
N LEU D 368 7.63 -33.45 -27.17
CA LEU D 368 8.30 -33.75 -25.92
C LEU D 368 9.74 -33.21 -25.90
N GLU D 369 10.40 -33.26 -27.06
CA GLU D 369 11.80 -32.79 -27.18
C GLU D 369 11.91 -31.27 -27.23
N ILE D 370 10.89 -30.63 -27.76
CA ILE D 370 10.94 -29.20 -28.03
C ILE D 370 10.17 -28.40 -26.95
N LEU D 371 9.60 -29.11 -25.98
CA LEU D 371 8.78 -28.47 -24.94
C LEU D 371 9.44 -27.30 -24.22
N PHE D 372 10.68 -27.49 -23.79
CA PHE D 372 11.32 -26.50 -22.94
C PHE D 372 12.06 -25.40 -23.72
N THR D 373 12.18 -25.58 -25.03
CA THR D 373 12.96 -24.64 -25.85
C THR D 373 12.16 -24.00 -26.99
N GLY D 374 11.22 -24.75 -27.57
CA GLY D 374 10.43 -24.27 -28.69
C GLY D 374 11.08 -24.60 -30.04
CAA 04W E . 16.07 10.59 13.46
OAB 04W E . 21.84 -3.66 16.65
OAC 04W E . 24.41 -3.48 21.52
OAD 04W E . 23.72 -4.13 15.54
OAE 04W E . 22.34 -3.12 20.45
CAF 04W E . 21.27 0.83 16.46
CAG 04W E . 22.47 0.11 16.34
CAH 04W E . 21.02 1.94 15.65
CAI 04W E . 25.17 -1.40 19.45
CAJ 04W E . 25.52 -1.10 18.13
CAK 04W E . 23.15 1.60 14.58
CAL 04W E . 23.50 -2.90 18.64
CAM 04W E . 16.97 10.29 14.65
CAN 04W E . 18.40 10.84 14.43
CAO 04W E . 19.27 9.88 13.60
CAP 04W E . 18.44 8.73 13.02
CAQ 04W E . 18.95 7.36 13.48
CAR 04W E . 20.47 7.36 13.59
CAS 04W E . 21.05 6.04 13.10
CAT 04W E . 22.43 5.79 13.72
CAU 04W E . 22.38 4.57 14.62
CAV 04W E . 24.68 -0.15 15.24
OAW 04W E . 21.77 3.44 13.93
OAX 04W E . 25.11 -1.46 15.79
CAY 04W E . 23.05 -3.44 16.35
CAZ 04W E . 23.41 0.48 15.38
CBA 04W E . 21.96 2.32 14.69
CBB 04W E . 24.13 -2.32 19.64
CBC 04W E . 24.81 -1.69 17.10
CBD 04W E . 23.84 -2.65 17.38
NBE 04W E . 23.63 -2.69 20.70
CAA 04W F . 7.19 15.50 17.59
OAB 04W F . -2.25 24.44 10.12
OAC 04W F . -0.39 29.35 11.93
OAD 04W F . -4.24 24.91 10.96
OAE 04W F . 0.17 27.61 10.47
CAF 04W F . 0.14 22.51 12.96
CAG 04W F . -1.00 23.27 13.28
CAH 04W F . 0.46 21.39 13.72
CAI 04W F . -0.98 27.36 13.77
CAJ 04W F . -1.92 26.51 14.31
CAK 04W F . -1.49 21.76 15.09
CAL 04W F . -1.42 26.53 11.62
CAM 04W F . 6.14 14.67 18.33
CAN 04W F . 5.20 15.56 19.16
CAO 04W F . 3.78 15.51 18.62
CAP 04W F . 3.79 15.57 17.09
CAQ 04W F . 2.76 16.57 16.56
CAR 04W F . 2.06 17.30 17.71
CAS 04W F . 0.68 17.80 17.27
CAT 04W F . 0.41 19.20 17.82
CAU 04W F . 0.64 20.26 16.74
CAV 04W F . -2.97 23.64 14.72
OAW 04W F . -0.04 19.89 15.52
OAX 04W F . -3.54 24.78 13.95
CAY 04W F . -3.01 24.83 11.05
CAZ 04W F . -1.83 22.90 14.34
CBA 04W F . -0.35 21.00 14.79
CBB 04W F . -0.61 27.19 12.43
CBC 04W F . -2.60 25.64 13.47
CBD 04W F . -2.34 25.69 12.10
NBE 04W F . 0.03 28.02 11.77
CAA 04W G . -14.60 -8.27 -17.01
OAB 04W G . -26.57 -3.45 -7.88
OAC 04W G . -31.51 -6.12 -9.36
OAD 04W G . -26.09 -1.90 -9.42
OAE 04W G . -29.24 -6.78 -8.94
CAF 04W G . -24.14 -5.13 -11.57
CAG 04W G . -25.31 -4.39 -11.73
CAH 04W G . -23.03 -4.86 -12.36
CAI 04W G . -29.83 -4.61 -11.44
CAJ 04W G . -29.08 -3.58 -11.97
CAK 04W G . -24.25 -3.09 -13.45
CAL 04W G . -28.60 -4.48 -9.39
CAM 04W G . -16.09 -8.41 -17.32
CAN 04W G . -16.55 -7.32 -18.31
CAO 04W G . -17.13 -6.10 -17.57
CAP 04W G . -17.45 -6.44 -16.11
CAQ 04W G . -18.62 -5.60 -15.60
CAR 04W G . -19.23 -4.78 -16.73
CAS 04W G . -19.94 -3.54 -16.18
CAT 04W G . -21.45 -3.64 -16.44
CAU 04W G . -22.14 -4.35 -15.29
CAV 04W G . -26.55 -2.61 -12.85
OAW 04W G . -22.00 -3.57 -14.09
OAX 04W G . -27.29 -2.03 -11.73
CAY 04W G . -26.75 -2.89 -8.99
CAZ 04W G . -25.36 -3.35 -12.66
CBA 04W G . -23.08 -3.83 -13.28
CBB 04W G . -29.62 -4.99 -10.11
CBC 04W G . -28.08 -2.99 -11.19
CBD 04W G . -27.84 -3.46 -9.89
NBE 04W G . -30.13 -6.03 -9.61
CAA 04W H . -8.91 -16.51 -15.12
OAB 04W H . 6.03 -17.24 -19.66
OAC 04W H . 5.81 -20.10 -24.40
OAD 04W H . 4.98 -18.21 -17.92
OAE 04W H . 4.66 -18.32 -23.51
CAF 04W H . 1.09 -18.18 -18.47
CAG 04W H . 2.08 -19.13 -18.69
CAH 04W H . 0.07 -18.43 -17.56
CAI 04W H . 4.51 -21.32 -21.94
CAJ 04W H . 4.41 -21.64 -20.60
CAK 04W H . 1.06 -20.58 -17.07
CAL 04W H . 5.16 -19.09 -21.34
CAM 04W H . -9.18 -17.94 -15.60
CAN 04W H . -8.64 -18.96 -14.58
CAO 04W H . -7.19 -19.31 -14.87
CAP 04W H . -6.27 -18.16 -14.47
CAQ 04W H . -4.92 -18.27 -15.18
CAR 04W H . -4.66 -19.70 -15.57
CAS 04W H . -3.41 -20.22 -14.86
CAT 04W H . -2.82 -21.39 -15.62
CAU 04W H . -1.77 -20.91 -16.60
CAV 04W H . 3.07 -21.31 -18.20
OAW 04W H . -0.94 -19.90 -15.97
OAX 04W H . 4.48 -20.98 -18.32
CAY 04W H . 5.43 -18.22 -19.10
CAZ 04W H . 2.08 -20.33 -17.98
CBA 04W H . 0.07 -19.62 -16.83
CBB 04W H . 4.97 -20.03 -22.28
CBC 04W H . 4.71 -20.68 -19.62
CBD 04W H . 5.06 -19.39 -20.03
NBE 04W H . 5.00 -19.57 -23.45
#